data_2KMM
#
_entry.id   2KMM
#
_entity_poly.entity_id   1
_entity_poly.type   'polypeptide(L)'
_entity_poly.pdbx_seq_one_letter_code
;MEVMVFTPKGEIKRLPQGATALDFAYSLHSDLGDHCIGAKVNHKLVPLSYVLNSGDQVEVLSSKSLEHHHHHH
;
_entity_poly.pdbx_strand_id   A
#
# COMPACT_ATOMS: atom_id res chain seq x y z
N MET A 1 -6.37 13.65 -14.34
CA MET A 1 -4.90 13.45 -14.20
C MET A 1 -4.64 12.28 -13.25
N GLU A 2 -3.98 11.26 -13.72
CA GLU A 2 -3.70 10.08 -12.86
C GLU A 2 -2.44 10.34 -12.03
N VAL A 3 -2.22 9.54 -11.01
CA VAL A 3 -1.00 9.73 -10.16
C VAL A 3 -0.10 8.51 -10.27
N MET A 4 1.16 8.74 -10.50
CA MET A 4 2.13 7.61 -10.64
C MET A 4 2.78 7.34 -9.30
N VAL A 5 2.83 6.09 -8.88
CA VAL A 5 3.46 5.74 -7.58
C VAL A 5 4.40 4.55 -7.80
N PHE A 6 5.28 4.30 -6.86
CA PHE A 6 6.24 3.18 -7.00
C PHE A 6 6.10 2.24 -5.81
N THR A 7 6.27 0.97 -6.04
CA THR A 7 6.16 -0.03 -4.93
C THR A 7 7.58 -0.42 -4.49
N PRO A 8 7.70 -1.24 -3.47
CA PRO A 8 9.01 -1.71 -2.95
C PRO A 8 9.87 -2.35 -4.06
N LYS A 9 9.24 -3.03 -4.97
CA LYS A 9 10.01 -3.71 -6.06
C LYS A 9 10.36 -2.69 -7.14
N GLY A 10 9.90 -1.47 -7.01
CA GLY A 10 10.21 -0.43 -8.03
C GLY A 10 9.25 -0.57 -9.22
N GLU A 11 8.24 -1.38 -9.08
CA GLU A 11 7.28 -1.57 -10.21
C GLU A 11 6.45 -0.30 -10.41
N ILE A 12 6.02 -0.05 -11.62
CA ILE A 12 5.20 1.17 -11.90
C ILE A 12 3.72 0.85 -11.73
N LYS A 13 3.05 1.59 -10.88
CA LYS A 13 1.59 1.36 -10.67
C LYS A 13 0.86 2.70 -10.77
N ARG A 14 0.06 2.87 -11.78
CA ARG A 14 -0.68 4.15 -11.96
C ARG A 14 -2.06 4.04 -11.33
N LEU A 15 -2.48 5.04 -10.61
CA LEU A 15 -3.83 5.01 -9.95
C LEU A 15 -4.65 6.21 -10.44
N PRO A 16 -5.95 6.07 -10.53
CA PRO A 16 -6.85 7.18 -11.00
C PRO A 16 -6.93 8.33 -9.99
N GLN A 17 -7.29 9.50 -10.46
CA GLN A 17 -7.38 10.69 -9.57
C GLN A 17 -8.34 10.40 -8.39
N GLY A 18 -7.98 10.84 -7.21
CA GLY A 18 -8.85 10.60 -6.03
C GLY A 18 -8.58 9.20 -5.47
N ALA A 19 -7.52 8.58 -5.91
CA ALA A 19 -7.19 7.21 -5.42
C ALA A 19 -6.76 7.26 -3.95
N THR A 20 -6.94 6.17 -3.24
CA THR A 20 -6.55 6.13 -1.79
C THR A 20 -5.64 4.94 -1.51
N ALA A 21 -5.14 4.84 -0.32
CA ALA A 21 -4.23 3.69 0.03
C ALA A 21 -4.97 2.37 -0.19
N LEU A 22 -6.25 2.35 0.05
CA LEU A 22 -7.03 1.09 -0.15
C LEU A 22 -6.97 0.70 -1.62
N ASP A 23 -7.12 1.65 -2.51
CA ASP A 23 -7.09 1.36 -3.96
C ASP A 23 -5.73 0.76 -4.36
N PHE A 24 -4.67 1.31 -3.84
CA PHE A 24 -3.32 0.78 -4.18
C PHE A 24 -3.20 -0.67 -3.72
N ALA A 25 -3.67 -0.96 -2.54
CA ALA A 25 -3.58 -2.36 -2.02
C ALA A 25 -4.26 -3.30 -3.01
N TYR A 26 -5.41 -2.92 -3.51
CA TYR A 26 -6.13 -3.78 -4.47
C TYR A 26 -5.30 -3.89 -5.76
N SER A 27 -4.65 -2.84 -6.14
CA SER A 27 -3.84 -2.88 -7.40
C SER A 27 -2.78 -3.98 -7.28
N LEU A 28 -2.17 -4.10 -6.14
CA LEU A 28 -1.13 -5.16 -5.97
C LEU A 28 -1.79 -6.54 -6.00
N HIS A 29 -2.49 -6.91 -4.95
CA HIS A 29 -3.14 -8.25 -4.91
C HIS A 29 -4.47 -8.15 -4.15
N SER A 30 -5.16 -9.26 -4.04
CA SER A 30 -6.48 -9.26 -3.33
C SER A 30 -6.30 -9.79 -1.90
N ASP A 31 -5.83 -11.00 -1.77
CA ASP A 31 -5.64 -11.60 -0.43
C ASP A 31 -4.66 -10.76 0.39
N LEU A 32 -3.54 -10.42 -0.19
CA LEU A 32 -2.54 -9.61 0.56
C LEU A 32 -3.13 -8.24 0.88
N GLY A 33 -3.81 -7.65 -0.07
CA GLY A 33 -4.40 -6.29 0.15
C GLY A 33 -5.48 -6.36 1.23
N ASP A 34 -6.24 -7.41 1.27
CA ASP A 34 -7.31 -7.52 2.31
C ASP A 34 -6.67 -7.72 3.67
N HIS A 35 -5.42 -8.09 3.70
CA HIS A 35 -4.71 -8.30 5.00
C HIS A 35 -3.95 -7.03 5.36
N CYS A 36 -4.30 -5.93 4.74
CA CYS A 36 -3.59 -4.65 5.03
C CYS A 36 -4.05 -4.12 6.39
N ILE A 37 -3.15 -4.03 7.33
CA ILE A 37 -3.51 -3.53 8.69
C ILE A 37 -3.11 -2.06 8.80
N GLY A 38 -2.49 -1.51 7.78
CA GLY A 38 -2.08 -0.09 7.84
C GLY A 38 -1.50 0.35 6.50
N ALA A 39 -0.93 1.53 6.45
CA ALA A 39 -0.35 2.02 5.17
C ALA A 39 0.84 2.93 5.47
N LYS A 40 1.83 2.94 4.61
CA LYS A 40 3.02 3.81 4.85
C LYS A 40 3.39 4.51 3.55
N VAL A 41 3.38 5.82 3.53
CA VAL A 41 3.72 6.57 2.28
C VAL A 41 4.89 7.52 2.55
N ASN A 42 5.86 7.52 1.67
CA ASN A 42 7.04 8.41 1.85
C ASN A 42 7.70 8.14 3.19
N HIS A 43 7.84 6.89 3.55
CA HIS A 43 8.48 6.53 4.85
C HIS A 43 7.76 7.23 5.99
N LYS A 44 6.63 7.83 5.72
CA LYS A 44 5.85 8.54 6.79
C LYS A 44 4.51 7.83 7.01
N LEU A 45 4.04 7.80 8.23
CA LEU A 45 2.75 7.13 8.52
C LEU A 45 1.57 7.94 7.98
N VAL A 46 0.59 7.29 7.46
CA VAL A 46 -0.60 8.00 6.93
C VAL A 46 -1.83 7.09 7.05
N PRO A 47 -2.99 7.65 7.26
CA PRO A 47 -4.25 6.85 7.38
C PRO A 47 -4.64 6.15 6.07
N LEU A 48 -5.50 5.17 6.16
CA LEU A 48 -5.94 4.43 4.94
C LEU A 48 -6.67 5.39 3.98
N SER A 49 -7.48 6.26 4.51
CA SER A 49 -8.22 7.21 3.64
C SER A 49 -7.27 8.30 3.14
N TYR A 50 -5.99 8.14 3.37
CA TYR A 50 -5.01 9.17 2.93
C TYR A 50 -4.94 9.21 1.40
N VAL A 51 -4.94 10.39 0.84
CA VAL A 51 -4.86 10.51 -0.64
C VAL A 51 -3.42 10.28 -1.13
N LEU A 52 -3.25 9.45 -2.12
CA LEU A 52 -1.89 9.15 -2.63
C LEU A 52 -1.36 10.32 -3.46
N ASN A 53 -0.08 10.57 -3.38
CA ASN A 53 0.55 11.69 -4.16
C ASN A 53 1.54 11.11 -5.17
N SER A 54 1.72 11.78 -6.28
CA SER A 54 2.65 11.27 -7.32
C SER A 54 4.11 11.38 -6.88
N GLY A 55 4.96 10.56 -7.43
CA GLY A 55 6.41 10.60 -7.07
C GLY A 55 6.63 9.92 -5.71
N ASP A 56 5.72 10.08 -4.80
CA ASP A 56 5.90 9.46 -3.46
C ASP A 56 5.81 7.93 -3.54
N GLN A 57 6.57 7.25 -2.73
CA GLN A 57 6.54 5.75 -2.73
C GLN A 57 5.42 5.27 -1.81
N VAL A 58 4.71 4.25 -2.21
CA VAL A 58 3.59 3.71 -1.37
C VAL A 58 3.91 2.29 -0.94
N GLU A 59 3.75 1.99 0.33
CA GLU A 59 4.04 0.61 0.84
C GLU A 59 2.93 0.21 1.80
N VAL A 60 2.17 -0.81 1.46
CA VAL A 60 1.06 -1.26 2.33
C VAL A 60 1.60 -2.12 3.47
N LEU A 61 1.10 -1.93 4.66
CA LEU A 61 1.57 -2.73 5.82
C LEU A 61 0.73 -3.99 5.96
N SER A 62 1.37 -5.12 6.09
CA SER A 62 0.63 -6.40 6.22
C SER A 62 1.31 -7.29 7.26
N SER A 63 0.55 -8.05 7.99
CA SER A 63 1.16 -8.94 9.01
C SER A 63 1.67 -10.20 8.34
N LYS A 64 1.36 -10.38 7.07
CA LYS A 64 1.82 -11.59 6.32
C LYS A 64 1.73 -12.82 7.22
N SER A 65 0.75 -12.85 8.08
CA SER A 65 0.61 -13.99 9.02
C SER A 65 0.37 -15.29 8.24
N LEU A 66 0.93 -16.37 8.70
CA LEU A 66 0.75 -17.68 8.02
C LEU A 66 -0.39 -18.43 8.71
N GLU A 67 -1.02 -17.83 9.67
CA GLU A 67 -2.14 -18.51 10.40
C GLU A 67 -3.28 -18.80 9.43
N HIS A 68 -3.95 -19.92 9.60
CA HIS A 68 -5.09 -20.27 8.71
C HIS A 68 -6.21 -20.91 9.52
N HIS A 69 -7.41 -20.91 9.00
CA HIS A 69 -8.56 -21.52 9.72
C HIS A 69 -8.69 -20.88 11.10
N HIS A 70 -8.10 -19.72 11.28
CA HIS A 70 -8.20 -19.02 12.60
C HIS A 70 -9.67 -18.74 12.91
N HIS A 71 -10.41 -18.25 11.95
CA HIS A 71 -11.86 -17.94 12.19
C HIS A 71 -12.72 -19.16 11.90
N HIS A 72 -13.86 -19.26 12.52
CA HIS A 72 -14.75 -20.43 12.30
C HIS A 72 -15.43 -20.34 10.92
N HIS A 73 -15.38 -21.40 10.17
CA HIS A 73 -16.03 -21.39 8.82
C HIS A 73 -17.54 -21.57 8.98
N MET A 1 -7.33 13.17 -14.76
CA MET A 1 -5.95 13.22 -14.18
C MET A 1 -5.63 11.87 -13.53
N GLU A 2 -4.39 11.46 -13.59
CA GLU A 2 -3.99 10.15 -12.97
C GLU A 2 -2.72 10.37 -12.14
N VAL A 3 -2.57 9.61 -11.09
CA VAL A 3 -1.36 9.74 -10.21
C VAL A 3 -0.55 8.44 -10.28
N MET A 4 0.72 8.55 -10.53
CA MET A 4 1.58 7.33 -10.62
C MET A 4 2.36 7.14 -9.32
N VAL A 5 2.54 5.92 -8.90
CA VAL A 5 3.28 5.64 -7.63
C VAL A 5 4.32 4.57 -7.89
N PHE A 6 5.27 4.42 -7.00
CA PHE A 6 6.35 3.40 -7.19
C PHE A 6 6.32 2.42 -6.02
N THR A 7 6.46 1.15 -6.31
CA THR A 7 6.45 0.11 -5.25
C THR A 7 7.90 -0.26 -4.91
N PRO A 8 8.11 -0.94 -3.81
CA PRO A 8 9.48 -1.37 -3.40
C PRO A 8 10.07 -2.40 -4.37
N LYS A 9 9.24 -2.95 -5.21
CA LYS A 9 9.72 -3.96 -6.19
C LYS A 9 10.25 -3.24 -7.44
N GLY A 10 10.12 -1.93 -7.48
CA GLY A 10 10.62 -1.17 -8.66
C GLY A 10 9.57 -1.19 -9.78
N GLU A 11 8.39 -1.67 -9.49
CA GLU A 11 7.32 -1.72 -10.54
C GLU A 11 6.61 -0.37 -10.61
N ILE A 12 5.90 -0.13 -11.70
CA ILE A 12 5.17 1.16 -11.87
C ILE A 12 3.67 0.90 -11.80
N LYS A 13 2.97 1.64 -10.99
CA LYS A 13 1.49 1.44 -10.87
C LYS A 13 0.80 2.79 -11.06
N ARG A 14 -0.22 2.82 -11.89
CA ARG A 14 -0.97 4.08 -12.15
C ARG A 14 -2.35 4.00 -11.52
N LEU A 15 -2.81 5.08 -10.92
CA LEU A 15 -4.16 5.08 -10.27
C LEU A 15 -4.90 6.37 -10.62
N PRO A 16 -6.21 6.33 -10.73
CA PRO A 16 -7.03 7.53 -11.07
C PRO A 16 -7.07 8.55 -9.93
N GLN A 17 -7.37 9.78 -10.25
CA GLN A 17 -7.41 10.86 -9.21
C GLN A 17 -8.38 10.47 -8.08
N GLY A 18 -8.07 10.87 -6.88
CA GLY A 18 -8.96 10.54 -5.73
C GLY A 18 -8.62 9.13 -5.23
N ALA A 19 -7.52 8.60 -5.68
CA ALA A 19 -7.13 7.22 -5.25
C ALA A 19 -6.70 7.24 -3.79
N THR A 20 -6.82 6.11 -3.13
CA THR A 20 -6.44 6.01 -1.67
C THR A 20 -5.46 4.85 -1.48
N ALA A 21 -4.89 4.75 -0.31
CA ALA A 21 -3.94 3.64 -0.03
C ALA A 21 -4.66 2.30 -0.18
N LEU A 22 -5.92 2.26 0.17
CA LEU A 22 -6.69 0.98 0.06
C LEU A 22 -6.76 0.57 -1.42
N ASP A 23 -6.99 1.50 -2.30
CA ASP A 23 -7.08 1.17 -3.75
C ASP A 23 -5.75 0.58 -4.21
N PHE A 24 -4.66 1.16 -3.82
CA PHE A 24 -3.32 0.63 -4.23
C PHE A 24 -3.16 -0.79 -3.70
N ALA A 25 -3.51 -1.02 -2.47
CA ALA A 25 -3.37 -2.38 -1.88
C ALA A 25 -4.13 -3.39 -2.75
N TYR A 26 -5.32 -3.05 -3.16
CA TYR A 26 -6.12 -3.97 -4.00
C TYR A 26 -5.39 -4.20 -5.32
N SER A 27 -4.76 -3.18 -5.83
CA SER A 27 -4.03 -3.31 -7.12
C SER A 27 -2.91 -4.34 -6.99
N LEU A 28 -2.23 -4.37 -5.88
CA LEU A 28 -1.13 -5.35 -5.69
C LEU A 28 -1.60 -6.74 -6.09
N HIS A 29 -2.28 -7.42 -5.21
CA HIS A 29 -2.77 -8.79 -5.52
C HIS A 29 -4.06 -9.07 -4.75
N SER A 30 -4.73 -8.03 -4.32
CA SER A 30 -6.00 -8.20 -3.56
C SER A 30 -5.71 -8.82 -2.19
N ASP A 31 -4.77 -9.73 -2.12
CA ASP A 31 -4.44 -10.35 -0.82
C ASP A 31 -3.92 -9.28 0.15
N LEU A 32 -3.06 -8.42 -0.32
CA LEU A 32 -2.51 -7.35 0.57
C LEU A 32 -3.66 -6.44 1.00
N GLY A 33 -4.53 -6.10 0.08
CA GLY A 33 -5.67 -5.21 0.43
C GLY A 33 -6.67 -5.99 1.30
N ASP A 34 -6.74 -7.28 1.11
CA ASP A 34 -7.69 -8.09 1.91
C ASP A 34 -7.14 -8.30 3.31
N HIS A 35 -5.91 -7.92 3.52
CA HIS A 35 -5.28 -8.08 4.88
C HIS A 35 -4.45 -6.84 5.18
N CYS A 36 -4.83 -5.72 4.64
CA CYS A 36 -4.06 -4.46 4.88
C CYS A 36 -4.44 -3.90 6.26
N ILE A 37 -3.55 -3.97 7.20
CA ILE A 37 -3.84 -3.44 8.57
C ILE A 37 -3.18 -2.07 8.73
N GLY A 38 -2.46 -1.62 7.73
CA GLY A 38 -1.81 -0.28 7.85
C GLY A 38 -1.17 0.11 6.51
N ALA A 39 -0.61 1.29 6.45
CA ALA A 39 0.03 1.75 5.18
C ALA A 39 1.13 2.75 5.52
N LYS A 40 2.16 2.82 4.71
CA LYS A 40 3.28 3.78 4.99
C LYS A 40 3.66 4.47 3.68
N VAL A 41 3.63 5.78 3.66
CA VAL A 41 3.97 6.54 2.41
C VAL A 41 5.14 7.49 2.69
N ASN A 42 6.12 7.50 1.82
CA ASN A 42 7.29 8.40 2.01
C ASN A 42 7.92 8.15 3.38
N HIS A 43 8.05 6.90 3.75
CA HIS A 43 8.67 6.55 5.07
C HIS A 43 7.94 7.27 6.20
N LYS A 44 6.77 7.81 5.93
CA LYS A 44 5.99 8.53 6.99
C LYS A 44 4.65 7.81 7.20
N LEU A 45 4.25 7.64 8.43
CA LEU A 45 2.97 6.94 8.71
C LEU A 45 1.80 7.76 8.18
N VAL A 46 0.86 7.11 7.53
CA VAL A 46 -0.32 7.84 6.98
C VAL A 46 -1.57 6.94 7.14
N PRO A 47 -2.73 7.54 7.29
CA PRO A 47 -4.00 6.76 7.46
C PRO A 47 -4.38 5.97 6.19
N LEU A 48 -5.22 4.98 6.34
CA LEU A 48 -5.65 4.17 5.16
C LEU A 48 -6.39 5.06 4.16
N SER A 49 -7.21 5.95 4.66
CA SER A 49 -7.96 6.86 3.74
C SER A 49 -7.02 7.96 3.25
N TYR A 50 -5.74 7.78 3.43
CA TYR A 50 -4.76 8.81 2.98
C TYR A 50 -4.76 8.89 1.44
N VAL A 51 -4.79 10.08 0.91
CA VAL A 51 -4.78 10.25 -0.57
C VAL A 51 -3.35 10.07 -1.10
N LEU A 52 -3.20 9.26 -2.12
CA LEU A 52 -1.84 9.03 -2.68
C LEU A 52 -1.41 10.23 -3.53
N ASN A 53 -0.13 10.53 -3.52
CA ASN A 53 0.39 11.68 -4.31
C ASN A 53 1.41 11.17 -5.33
N SER A 54 1.47 11.79 -6.48
CA SER A 54 2.43 11.33 -7.53
C SER A 54 3.88 11.53 -7.07
N GLY A 55 4.73 10.59 -7.39
CA GLY A 55 6.17 10.71 -7.00
C GLY A 55 6.40 10.05 -5.64
N ASP A 56 5.43 10.10 -4.77
CA ASP A 56 5.62 9.48 -3.42
C ASP A 56 5.60 7.95 -3.51
N GLN A 57 6.35 7.30 -2.67
CA GLN A 57 6.38 5.81 -2.68
C GLN A 57 5.24 5.28 -1.82
N VAL A 58 4.64 4.19 -2.22
CA VAL A 58 3.50 3.60 -1.44
C VAL A 58 3.87 2.21 -0.95
N GLU A 59 3.61 1.94 0.31
CA GLU A 59 3.92 0.60 0.88
C GLU A 59 2.79 0.18 1.80
N VAL A 60 2.26 -1.00 1.61
CA VAL A 60 1.14 -1.48 2.47
C VAL A 60 1.64 -2.53 3.46
N LEU A 61 1.34 -2.36 4.71
CA LEU A 61 1.79 -3.34 5.74
C LEU A 61 0.66 -4.34 6.01
N SER A 62 0.74 -5.50 5.41
CA SER A 62 -0.33 -6.52 5.63
C SER A 62 -0.05 -7.32 6.91
N SER A 63 -1.02 -8.05 7.36
CA SER A 63 -0.84 -8.86 8.60
C SER A 63 -0.09 -10.15 8.25
N LYS A 64 0.20 -10.34 7.00
CA LYS A 64 0.91 -11.58 6.57
C LYS A 64 2.20 -11.76 7.39
N SER A 65 2.16 -12.58 8.40
CA SER A 65 3.37 -12.81 9.23
C SER A 65 3.08 -13.93 10.23
N LEU A 66 2.96 -15.14 9.74
CA LEU A 66 2.68 -16.30 10.64
C LEU A 66 4.00 -16.91 11.09
N GLU A 67 5.09 -16.38 10.60
CA GLU A 67 6.42 -16.93 10.97
C GLU A 67 6.80 -16.46 12.37
N HIS A 68 6.97 -17.38 13.28
CA HIS A 68 7.35 -17.02 14.69
C HIS A 68 6.58 -15.78 15.14
N HIS A 69 5.43 -15.98 15.74
CA HIS A 69 4.63 -14.83 16.22
C HIS A 69 5.19 -14.35 17.56
N HIS A 70 6.13 -15.07 18.11
CA HIS A 70 6.75 -14.68 19.40
C HIS A 70 5.67 -14.38 20.45
N HIS A 71 6.10 -14.02 21.63
CA HIS A 71 5.14 -13.70 22.73
C HIS A 71 4.19 -14.87 22.96
N HIS A 72 3.46 -14.85 24.05
CA HIS A 72 2.50 -15.95 24.37
C HIS A 72 1.07 -15.51 24.07
N HIS A 73 0.34 -16.31 23.34
CA HIS A 73 -1.07 -15.97 23.00
C HIS A 73 -1.15 -14.52 22.50
N MET A 1 -6.83 12.52 -16.08
CA MET A 1 -5.69 12.80 -15.17
C MET A 1 -5.57 11.69 -14.13
N GLU A 2 -4.38 11.18 -13.97
CA GLU A 2 -4.14 10.09 -12.98
C GLU A 2 -2.87 10.37 -12.19
N VAL A 3 -2.68 9.66 -11.11
CA VAL A 3 -1.47 9.85 -10.26
C VAL A 3 -0.57 8.62 -10.35
N MET A 4 0.69 8.84 -10.59
CA MET A 4 1.66 7.73 -10.73
C MET A 4 2.41 7.50 -9.42
N VAL A 5 2.44 6.28 -8.97
CA VAL A 5 3.15 5.94 -7.71
C VAL A 5 4.07 4.75 -7.95
N PHE A 6 4.98 4.52 -7.04
CA PHE A 6 5.95 3.39 -7.19
C PHE A 6 5.77 2.39 -6.05
N THR A 7 5.79 1.13 -6.38
CA THR A 7 5.62 0.07 -5.35
C THR A 7 7.01 -0.44 -4.95
N PRO A 8 7.11 -1.07 -3.80
CA PRO A 8 8.41 -1.61 -3.30
C PRO A 8 9.01 -2.62 -4.29
N LYS A 9 8.22 -3.10 -5.21
CA LYS A 9 8.71 -4.08 -6.21
C LYS A 9 9.39 -3.34 -7.35
N GLY A 10 9.32 -2.03 -7.34
CA GLY A 10 9.97 -1.22 -8.40
C GLY A 10 9.08 -1.16 -9.65
N GLU A 11 7.88 -1.68 -9.54
CA GLU A 11 6.95 -1.67 -10.71
C GLU A 11 6.15 -0.36 -10.75
N ILE A 12 5.75 0.03 -11.94
CA ILE A 12 4.96 1.28 -12.09
C ILE A 12 3.48 1.01 -11.84
N LYS A 13 2.88 1.81 -11.00
CA LYS A 13 1.44 1.63 -10.67
C LYS A 13 0.71 2.97 -10.75
N ARG A 14 -0.12 3.12 -11.74
CA ARG A 14 -0.89 4.39 -11.91
C ARG A 14 -2.32 4.17 -11.45
N LEU A 15 -2.80 5.03 -10.58
CA LEU A 15 -4.19 4.90 -10.06
C LEU A 15 -4.97 6.19 -10.36
N PRO A 16 -6.28 6.09 -10.50
CA PRO A 16 -7.15 7.27 -10.78
C PRO A 16 -6.90 8.43 -9.81
N GLN A 17 -7.02 9.63 -10.30
CA GLN A 17 -6.79 10.83 -9.44
C GLN A 17 -7.74 10.83 -8.25
N GLY A 18 -7.20 11.16 -7.10
CA GLY A 18 -8.01 11.21 -5.86
C GLY A 18 -8.10 9.81 -5.24
N ALA A 19 -7.27 8.91 -5.69
CA ALA A 19 -7.29 7.51 -5.15
C ALA A 19 -6.72 7.49 -3.73
N THR A 20 -6.92 6.40 -3.04
CA THR A 20 -6.41 6.27 -1.64
C THR A 20 -5.58 5.00 -1.48
N ALA A 21 -4.96 4.87 -0.34
CA ALA A 21 -4.09 3.68 -0.06
C ALA A 21 -4.92 2.40 -0.20
N LEU A 22 -6.19 2.48 0.01
CA LEU A 22 -7.04 1.27 -0.11
C LEU A 22 -6.99 0.72 -1.53
N ASP A 23 -7.11 1.58 -2.50
CA ASP A 23 -7.07 1.14 -3.93
C ASP A 23 -5.68 0.57 -4.24
N PHE A 24 -4.66 1.18 -3.71
CA PHE A 24 -3.27 0.70 -3.95
C PHE A 24 -3.11 -0.72 -3.43
N ALA A 25 -3.59 -0.98 -2.25
CA ALA A 25 -3.46 -2.35 -1.67
C ALA A 25 -4.15 -3.37 -2.59
N TYR A 26 -5.31 -3.04 -3.06
CA TYR A 26 -6.06 -3.95 -3.97
C TYR A 26 -5.33 -4.04 -5.31
N SER A 27 -4.73 -2.96 -5.72
CA SER A 27 -4.00 -2.94 -7.02
C SER A 27 -2.92 -4.03 -7.03
N LEU A 28 -2.21 -4.16 -5.94
CA LEU A 28 -1.13 -5.19 -5.85
C LEU A 28 -1.74 -6.57 -5.96
N HIS A 29 -2.45 -7.01 -4.96
CA HIS A 29 -3.07 -8.36 -4.98
C HIS A 29 -4.36 -8.35 -4.16
N SER A 30 -4.98 -9.50 -4.04
CA SER A 30 -6.26 -9.61 -3.27
C SER A 30 -5.96 -9.98 -1.82
N ASP A 31 -5.54 -11.20 -1.59
CA ASP A 31 -5.26 -11.65 -0.20
C ASP A 31 -4.26 -10.72 0.47
N LEU A 32 -3.18 -10.43 -0.19
CA LEU A 32 -2.15 -9.54 0.40
C LEU A 32 -2.74 -8.14 0.64
N GLY A 33 -3.47 -7.65 -0.32
CA GLY A 33 -4.09 -6.30 -0.17
C GLY A 33 -5.15 -6.33 0.92
N ASP A 34 -5.91 -7.39 0.98
CA ASP A 34 -6.99 -7.50 2.01
C ASP A 34 -6.36 -7.74 3.38
N HIS A 35 -5.09 -8.03 3.41
CA HIS A 35 -4.39 -8.28 4.71
C HIS A 35 -3.63 -7.02 5.13
N CYS A 36 -4.03 -5.89 4.59
CA CYS A 36 -3.35 -4.62 4.95
C CYS A 36 -3.91 -4.09 6.27
N ILE A 37 -3.06 -3.98 7.26
CA ILE A 37 -3.49 -3.47 8.59
C ILE A 37 -3.06 -2.01 8.72
N GLY A 38 -2.37 -1.50 7.74
CA GLY A 38 -1.91 -0.09 7.80
C GLY A 38 -1.25 0.30 6.47
N ALA A 39 -0.86 1.54 6.35
CA ALA A 39 -0.20 2.02 5.11
C ALA A 39 0.93 2.98 5.46
N LYS A 40 1.98 2.96 4.67
CA LYS A 40 3.14 3.86 4.93
C LYS A 40 3.58 4.50 3.61
N VAL A 41 3.57 5.81 3.58
CA VAL A 41 3.99 6.55 2.36
C VAL A 41 5.16 7.49 2.69
N ASN A 42 6.16 7.46 1.85
CA ASN A 42 7.35 8.32 2.06
C ASN A 42 7.93 8.09 3.46
N HIS A 43 8.04 6.85 3.84
CA HIS A 43 8.58 6.50 5.19
C HIS A 43 7.76 7.19 6.28
N LYS A 44 6.61 7.70 5.93
CA LYS A 44 5.74 8.38 6.93
C LYS A 44 4.46 7.58 7.15
N LEU A 45 4.01 7.52 8.37
CA LEU A 45 2.78 6.75 8.68
C LEU A 45 1.55 7.58 8.32
N VAL A 46 0.83 7.14 7.31
CA VAL A 46 -0.39 7.86 6.87
C VAL A 46 -1.61 6.93 6.97
N PRO A 47 -2.77 7.49 7.20
CA PRO A 47 -4.03 6.70 7.31
C PRO A 47 -4.45 6.06 5.98
N LEU A 48 -5.32 5.10 6.05
CA LEU A 48 -5.80 4.40 4.83
C LEU A 48 -6.51 5.39 3.90
N SER A 49 -7.29 6.28 4.47
CA SER A 49 -8.03 7.26 3.64
C SER A 49 -7.08 8.34 3.13
N TYR A 50 -5.80 8.16 3.35
CA TYR A 50 -4.81 9.17 2.89
C TYR A 50 -4.75 9.21 1.37
N VAL A 51 -4.74 10.40 0.82
CA VAL A 51 -4.69 10.57 -0.66
C VAL A 51 -3.27 10.36 -1.15
N LEU A 52 -3.12 9.54 -2.17
CA LEU A 52 -1.77 9.24 -2.72
C LEU A 52 -1.26 10.42 -3.53
N ASN A 53 0.02 10.66 -3.45
CA ASN A 53 0.65 11.79 -4.19
C ASN A 53 1.65 11.25 -5.22
N SER A 54 1.73 11.90 -6.34
CA SER A 54 2.65 11.46 -7.42
C SER A 54 4.10 11.62 -6.98
N GLY A 55 4.92 10.67 -7.33
CA GLY A 55 6.37 10.72 -6.96
C GLY A 55 6.59 10.01 -5.63
N ASP A 56 5.64 10.11 -4.74
CA ASP A 56 5.78 9.46 -3.41
C ASP A 56 5.65 7.94 -3.52
N GLN A 57 6.40 7.23 -2.73
CA GLN A 57 6.35 5.74 -2.75
C GLN A 57 5.25 5.26 -1.81
N VAL A 58 4.58 4.19 -2.19
CA VAL A 58 3.48 3.63 -1.36
C VAL A 58 3.86 2.25 -0.86
N GLU A 59 3.68 2.02 0.41
CA GLU A 59 4.01 0.69 1.01
C GLU A 59 2.85 0.25 1.90
N VAL A 60 2.50 -1.01 1.82
CA VAL A 60 1.38 -1.55 2.65
C VAL A 60 1.92 -2.51 3.71
N LEU A 61 1.50 -2.31 4.93
CA LEU A 61 1.97 -3.18 6.05
C LEU A 61 0.96 -4.29 6.30
N SER A 62 1.43 -5.51 6.39
CA SER A 62 0.53 -6.67 6.63
C SER A 62 1.02 -7.46 7.84
N SER A 63 0.12 -8.13 8.50
CA SER A 63 0.49 -8.92 9.71
C SER A 63 1.23 -10.19 9.28
N LYS A 64 2.42 -10.03 8.77
CA LYS A 64 3.23 -11.21 8.32
C LYS A 64 4.18 -11.62 9.46
N SER A 65 4.24 -10.83 10.51
CA SER A 65 5.13 -11.18 11.66
C SER A 65 4.49 -10.73 12.97
N LEU A 66 5.20 -9.93 13.73
CA LEU A 66 4.69 -9.42 15.03
C LEU A 66 4.39 -10.61 15.96
N GLU A 67 4.64 -11.80 15.49
CA GLU A 67 4.36 -13.01 16.33
C GLU A 67 5.02 -12.86 17.71
N HIS A 68 4.20 -12.71 18.72
CA HIS A 68 4.70 -12.56 20.10
C HIS A 68 5.32 -13.87 20.58
N HIS A 69 4.75 -14.97 20.17
CA HIS A 69 5.26 -16.31 20.57
C HIS A 69 5.03 -16.56 22.07
N HIS A 70 4.41 -17.67 22.38
CA HIS A 70 4.12 -18.02 23.79
C HIS A 70 3.40 -16.87 24.48
N HIS A 71 2.09 -16.91 24.47
CA HIS A 71 1.29 -15.83 25.12
C HIS A 71 1.45 -15.90 26.64
N HIS A 72 1.65 -14.77 27.25
CA HIS A 72 1.81 -14.72 28.72
C HIS A 72 1.33 -13.36 29.24
N HIS A 73 0.91 -12.51 28.33
CA HIS A 73 0.43 -11.15 28.73
C HIS A 73 1.43 -10.47 29.67
N MET A 1 -5.49 12.86 -15.75
CA MET A 1 -4.78 13.47 -14.59
C MET A 1 -4.59 12.39 -13.51
N GLU A 2 -4.11 11.25 -13.90
CA GLU A 2 -3.89 10.15 -12.93
C GLU A 2 -2.59 10.36 -12.16
N VAL A 3 -2.43 9.65 -11.06
CA VAL A 3 -1.18 9.79 -10.24
C VAL A 3 -0.43 8.46 -10.25
N MET A 4 0.85 8.52 -10.52
CA MET A 4 1.67 7.27 -10.57
C MET A 4 2.39 7.08 -9.24
N VAL A 5 2.41 5.86 -8.73
CA VAL A 5 3.11 5.59 -7.45
C VAL A 5 4.19 4.54 -7.70
N PHE A 6 5.14 4.43 -6.79
CA PHE A 6 6.24 3.46 -6.96
C PHE A 6 6.18 2.40 -5.87
N THR A 7 6.33 1.16 -6.23
CA THR A 7 6.28 0.05 -5.24
C THR A 7 7.72 -0.33 -4.88
N PRO A 8 7.91 -1.10 -3.84
CA PRO A 8 9.27 -1.54 -3.40
C PRO A 8 9.92 -2.45 -4.45
N LYS A 9 9.15 -2.93 -5.39
CA LYS A 9 9.72 -3.82 -6.44
C LYS A 9 10.28 -2.95 -7.58
N GLY A 10 10.06 -1.66 -7.52
CA GLY A 10 10.57 -0.76 -8.59
C GLY A 10 9.59 -0.75 -9.76
N GLU A 11 8.42 -1.29 -9.56
CA GLU A 11 7.40 -1.33 -10.65
C GLU A 11 6.60 -0.02 -10.67
N ILE A 12 5.95 0.25 -11.78
CA ILE A 12 5.13 1.50 -11.90
C ILE A 12 3.65 1.13 -11.87
N LYS A 13 2.90 1.78 -11.02
CA LYS A 13 1.43 1.52 -10.94
C LYS A 13 0.68 2.84 -11.05
N ARG A 14 -0.21 2.94 -12.00
CA ARG A 14 -0.99 4.20 -12.18
C ARG A 14 -2.39 4.00 -11.61
N LEU A 15 -2.81 4.89 -10.75
CA LEU A 15 -4.17 4.78 -10.12
C LEU A 15 -5.03 5.99 -10.51
N PRO A 16 -6.34 5.88 -10.44
CA PRO A 16 -7.26 7.01 -10.78
C PRO A 16 -7.03 8.25 -9.90
N GLN A 17 -7.27 9.42 -10.44
CA GLN A 17 -7.07 10.68 -9.66
C GLN A 17 -7.91 10.65 -8.39
N GLY A 18 -7.31 11.02 -7.28
CA GLY A 18 -8.05 11.05 -5.99
C GLY A 18 -8.06 9.64 -5.39
N ALA A 19 -7.23 8.76 -5.90
CA ALA A 19 -7.19 7.36 -5.38
C ALA A 19 -6.73 7.37 -3.92
N THR A 20 -6.88 6.24 -3.25
CA THR A 20 -6.48 6.14 -1.82
C THR A 20 -5.55 4.94 -1.62
N ALA A 21 -4.99 4.80 -0.45
CA ALA A 21 -4.08 3.67 -0.17
C ALA A 21 -4.84 2.35 -0.36
N LEU A 22 -6.12 2.37 -0.12
CA LEU A 22 -6.93 1.13 -0.28
C LEU A 22 -6.89 0.68 -1.74
N ASP A 23 -7.03 1.62 -2.65
CA ASP A 23 -7.01 1.27 -4.10
C ASP A 23 -5.65 0.68 -4.48
N PHE A 24 -4.60 1.24 -3.96
CA PHE A 24 -3.24 0.73 -4.28
C PHE A 24 -3.10 -0.72 -3.80
N ALA A 25 -3.57 -1.02 -2.62
CA ALA A 25 -3.46 -2.41 -2.09
C ALA A 25 -4.14 -3.37 -3.07
N TYR A 26 -5.31 -3.02 -3.53
CA TYR A 26 -6.04 -3.91 -4.48
C TYR A 26 -5.25 -4.01 -5.79
N SER A 27 -4.64 -2.94 -6.19
CA SER A 27 -3.86 -2.95 -7.47
C SER A 27 -2.78 -4.03 -7.41
N LEU A 28 -2.11 -4.15 -6.29
CA LEU A 28 -1.04 -5.18 -6.16
C LEU A 28 -1.66 -6.58 -6.17
N HIS A 29 -2.21 -7.00 -5.07
CA HIS A 29 -2.84 -8.36 -4.99
C HIS A 29 -4.30 -8.23 -4.55
N SER A 30 -4.81 -9.23 -3.88
CA SER A 30 -6.23 -9.18 -3.40
C SER A 30 -6.27 -9.52 -1.91
N ASP A 31 -6.01 -10.75 -1.57
CA ASP A 31 -6.05 -11.16 -0.14
C ASP A 31 -4.95 -10.42 0.63
N LEU A 32 -3.80 -10.25 0.04
CA LEU A 32 -2.69 -9.57 0.75
C LEU A 32 -3.10 -8.13 1.06
N GLY A 33 -3.69 -7.47 0.10
CA GLY A 33 -4.12 -6.05 0.32
C GLY A 33 -5.23 -6.01 1.36
N ASP A 34 -6.12 -6.97 1.34
CA ASP A 34 -7.23 -6.98 2.33
C ASP A 34 -6.67 -7.16 3.74
N HIS A 35 -5.66 -7.97 3.87
CA HIS A 35 -5.06 -8.20 5.23
C HIS A 35 -4.15 -7.02 5.57
N CYS A 36 -4.44 -5.86 5.05
CA CYS A 36 -3.59 -4.67 5.35
C CYS A 36 -3.95 -4.12 6.72
N ILE A 37 -2.98 -4.00 7.59
CA ILE A 37 -3.24 -3.46 8.96
C ILE A 37 -2.87 -1.97 8.98
N GLY A 38 -2.31 -1.46 7.92
CA GLY A 38 -1.93 -0.03 7.90
C GLY A 38 -1.22 0.31 6.59
N ALA A 39 -0.83 1.55 6.43
CA ALA A 39 -0.13 1.98 5.20
C ALA A 39 1.00 2.94 5.56
N LYS A 40 2.06 2.94 4.79
CA LYS A 40 3.21 3.86 5.08
C LYS A 40 3.61 4.56 3.79
N VAL A 41 3.59 5.88 3.79
CA VAL A 41 3.97 6.65 2.57
C VAL A 41 5.11 7.61 2.90
N ASN A 42 6.12 7.63 2.08
CA ASN A 42 7.28 8.55 2.32
C ASN A 42 7.86 8.29 3.71
N HIS A 43 7.98 7.04 4.07
CA HIS A 43 8.55 6.67 5.41
C HIS A 43 7.72 7.33 6.51
N LYS A 44 6.58 7.87 6.18
CA LYS A 44 5.72 8.53 7.20
C LYS A 44 4.40 7.77 7.34
N LEU A 45 3.96 7.56 8.54
CA LEU A 45 2.69 6.82 8.77
C LEU A 45 1.51 7.63 8.24
N VAL A 46 0.61 7.00 7.52
CA VAL A 46 -0.57 7.73 6.98
C VAL A 46 -1.81 6.82 7.05
N PRO A 47 -2.98 7.38 7.19
CA PRO A 47 -4.26 6.59 7.27
C PRO A 47 -4.60 5.88 5.96
N LEU A 48 -5.46 4.91 6.03
CA LEU A 48 -5.87 4.14 4.82
C LEU A 48 -6.59 5.08 3.85
N SER A 49 -7.41 5.95 4.35
CA SER A 49 -8.15 6.89 3.45
C SER A 49 -7.20 7.99 2.99
N TYR A 50 -5.94 7.85 3.28
CA TYR A 50 -4.96 8.89 2.87
C TYR A 50 -4.91 9.03 1.34
N VAL A 51 -4.92 10.24 0.86
CA VAL A 51 -4.88 10.46 -0.62
C VAL A 51 -3.46 10.23 -1.15
N LEU A 52 -3.34 9.44 -2.18
CA LEU A 52 -2.00 9.15 -2.76
C LEU A 52 -1.53 10.31 -3.63
N ASN A 53 -0.24 10.54 -3.67
CA ASN A 53 0.33 11.64 -4.49
C ASN A 53 1.40 11.08 -5.43
N SER A 54 1.49 11.64 -6.61
CA SER A 54 2.49 11.15 -7.61
C SER A 54 3.92 11.41 -7.11
N GLY A 55 4.82 10.52 -7.42
CA GLY A 55 6.24 10.68 -7.00
C GLY A 55 6.44 10.04 -5.63
N ASP A 56 5.42 10.08 -4.80
CA ASP A 56 5.54 9.48 -3.44
C ASP A 56 5.55 7.95 -3.51
N GLN A 57 6.30 7.32 -2.63
CA GLN A 57 6.35 5.83 -2.62
C GLN A 57 5.27 5.31 -1.69
N VAL A 58 4.61 4.24 -2.08
CA VAL A 58 3.53 3.66 -1.23
C VAL A 58 3.91 2.26 -0.77
N GLU A 59 3.77 1.99 0.50
CA GLU A 59 4.10 0.64 1.04
C GLU A 59 2.99 0.20 2.00
N VAL A 60 2.27 -0.84 1.64
CA VAL A 60 1.16 -1.31 2.52
C VAL A 60 1.70 -2.24 3.62
N LEU A 61 1.24 -2.06 4.83
CA LEU A 61 1.73 -2.91 5.96
C LEU A 61 0.79 -4.09 6.14
N SER A 62 1.28 -5.28 5.90
CA SER A 62 0.44 -6.50 6.04
C SER A 62 0.46 -6.98 7.50
N SER A 63 -0.35 -7.96 7.81
CA SER A 63 -0.40 -8.49 9.20
C SER A 63 0.70 -9.55 9.39
N LYS A 64 1.43 -9.85 8.35
CA LYS A 64 2.51 -10.88 8.47
C LYS A 64 3.60 -10.37 9.42
N SER A 65 4.05 -11.23 10.30
CA SER A 65 5.11 -10.83 11.27
C SER A 65 6.43 -10.53 10.53
N LEU A 66 7.21 -9.61 11.06
CA LEU A 66 8.52 -9.25 10.43
C LEU A 66 9.65 -10.01 11.13
N GLU A 67 9.32 -10.86 12.07
CA GLU A 67 10.36 -11.62 12.81
C GLU A 67 11.11 -12.55 11.85
N HIS A 68 12.41 -12.65 11.99
CA HIS A 68 13.20 -13.55 11.10
C HIS A 68 14.38 -14.14 11.88
N HIS A 69 14.89 -15.25 11.42
CA HIS A 69 16.04 -15.90 12.13
C HIS A 69 17.35 -15.50 11.47
N HIS A 70 18.07 -14.58 12.07
CA HIS A 70 19.38 -14.12 11.50
C HIS A 70 20.49 -14.98 12.09
N HIS A 71 20.17 -15.79 13.07
CA HIS A 71 21.21 -16.66 13.70
C HIS A 71 22.41 -15.82 14.14
N HIS A 72 22.25 -15.06 15.19
CA HIS A 72 23.37 -14.21 15.69
C HIS A 72 23.21 -13.97 17.19
N HIS A 73 24.29 -14.01 17.92
CA HIS A 73 24.23 -13.79 19.39
C HIS A 73 24.24 -12.29 19.69
N MET A 1 -4.16 12.07 -16.20
CA MET A 1 -4.93 12.63 -15.06
C MET A 1 -4.77 11.73 -13.84
N GLU A 2 -4.24 10.56 -14.06
CA GLU A 2 -4.03 9.59 -12.94
C GLU A 2 -2.76 9.94 -12.18
N VAL A 3 -2.58 9.33 -11.03
CA VAL A 3 -1.36 9.61 -10.21
C VAL A 3 -0.39 8.44 -10.30
N MET A 4 0.85 8.74 -10.55
CA MET A 4 1.88 7.69 -10.68
C MET A 4 2.51 7.40 -9.34
N VAL A 5 2.62 6.14 -9.00
CA VAL A 5 3.23 5.73 -7.70
C VAL A 5 4.26 4.64 -7.95
N PHE A 6 5.11 4.40 -6.99
CA PHE A 6 6.17 3.36 -7.13
C PHE A 6 6.06 2.35 -6.01
N THR A 7 6.23 1.11 -6.35
CA THR A 7 6.15 0.01 -5.34
C THR A 7 7.57 -0.40 -4.94
N PRO A 8 7.72 -1.03 -3.80
CA PRO A 8 9.05 -1.50 -3.31
C PRO A 8 9.82 -2.29 -4.38
N LYS A 9 9.12 -3.03 -5.19
CA LYS A 9 9.79 -3.84 -6.25
C LYS A 9 10.26 -2.92 -7.38
N GLY A 10 9.95 -1.66 -7.29
CA GLY A 10 10.38 -0.69 -8.34
C GLY A 10 9.37 -0.69 -9.48
N GLU A 11 8.28 -1.38 -9.31
CA GLU A 11 7.24 -1.44 -10.38
C GLU A 11 6.47 -0.13 -10.45
N ILE A 12 5.94 0.17 -11.62
CA ILE A 12 5.17 1.43 -11.82
C ILE A 12 3.68 1.12 -11.87
N LYS A 13 2.92 1.72 -10.99
CA LYS A 13 1.44 1.47 -10.96
C LYS A 13 0.69 2.79 -11.01
N ARG A 14 -0.33 2.84 -11.82
CA ARG A 14 -1.15 4.08 -11.96
C ARG A 14 -2.51 3.88 -11.29
N LEU A 15 -2.92 4.83 -10.50
CA LEU A 15 -4.22 4.73 -9.80
C LEU A 15 -5.11 5.93 -10.18
N PRO A 16 -6.42 5.76 -10.14
CA PRO A 16 -7.38 6.85 -10.46
C PRO A 16 -7.10 8.14 -9.67
N GLN A 17 -7.38 9.27 -10.27
CA GLN A 17 -7.14 10.56 -9.60
C GLN A 17 -7.91 10.64 -8.28
N GLY A 18 -7.22 11.00 -7.23
CA GLY A 18 -7.86 11.12 -5.90
C GLY A 18 -7.95 9.74 -5.24
N ALA A 19 -7.22 8.80 -5.78
CA ALA A 19 -7.24 7.41 -5.22
C ALA A 19 -6.79 7.42 -3.77
N THR A 20 -6.90 6.28 -3.13
CA THR A 20 -6.49 6.16 -1.69
C THR A 20 -5.53 4.99 -1.53
N ALA A 21 -4.97 4.86 -0.36
CA ALA A 21 -4.02 3.75 -0.08
C ALA A 21 -4.73 2.41 -0.30
N LEU A 22 -6.02 2.41 -0.14
CA LEU A 22 -6.80 1.15 -0.33
C LEU A 22 -6.68 0.71 -1.78
N ASP A 23 -6.77 1.65 -2.68
CA ASP A 23 -6.68 1.33 -4.14
C ASP A 23 -5.31 0.72 -4.45
N PHE A 24 -4.27 1.27 -3.87
CA PHE A 24 -2.90 0.73 -4.12
C PHE A 24 -2.83 -0.71 -3.62
N ALA A 25 -3.37 -0.97 -2.47
CA ALA A 25 -3.34 -2.34 -1.90
C ALA A 25 -4.03 -3.30 -2.86
N TYR A 26 -5.14 -2.89 -3.41
CA TYR A 26 -5.89 -3.74 -4.37
C TYR A 26 -5.04 -3.94 -5.63
N SER A 27 -4.33 -2.93 -6.02
CA SER A 27 -3.49 -3.01 -7.25
C SER A 27 -2.46 -4.15 -7.09
N LEU A 28 -1.86 -4.26 -5.94
CA LEU A 28 -0.85 -5.32 -5.71
C LEU A 28 -1.52 -6.70 -5.75
N HIS A 29 -2.46 -6.92 -4.88
CA HIS A 29 -3.17 -8.23 -4.85
C HIS A 29 -4.51 -8.07 -4.13
N SER A 30 -5.22 -9.16 -3.96
CA SER A 30 -6.55 -9.10 -3.29
C SER A 30 -6.44 -9.56 -1.83
N ASP A 31 -6.04 -10.79 -1.63
CA ASP A 31 -5.92 -11.33 -0.24
C ASP A 31 -4.87 -10.53 0.54
N LEU A 32 -3.75 -10.27 -0.07
CA LEU A 32 -2.67 -9.52 0.63
C LEU A 32 -3.18 -8.11 0.97
N GLY A 33 -3.82 -7.48 0.02
CA GLY A 33 -4.33 -6.11 0.25
C GLY A 33 -5.47 -6.14 1.28
N ASP A 34 -6.25 -7.18 1.24
CA ASP A 34 -7.39 -7.30 2.20
C ASP A 34 -6.85 -7.43 3.63
N HIS A 35 -5.72 -8.07 3.77
CA HIS A 35 -5.13 -8.25 5.13
C HIS A 35 -4.28 -7.03 5.48
N CYS A 36 -4.49 -5.95 4.78
CA CYS A 36 -3.72 -4.71 5.06
C CYS A 36 -4.21 -4.07 6.36
N ILE A 37 -3.35 -4.01 7.34
CA ILE A 37 -3.73 -3.40 8.65
C ILE A 37 -3.15 -1.99 8.75
N GLY A 38 -2.45 -1.56 7.73
CA GLY A 38 -1.86 -0.19 7.77
C GLY A 38 -1.23 0.16 6.42
N ALA A 39 -0.86 1.41 6.27
CA ALA A 39 -0.23 1.88 5.00
C ALA A 39 0.76 3.00 5.31
N LYS A 40 1.79 3.11 4.51
CA LYS A 40 2.82 4.18 4.73
C LYS A 40 3.24 4.78 3.39
N VAL A 41 3.23 6.09 3.33
CA VAL A 41 3.63 6.81 2.08
C VAL A 41 4.83 7.71 2.37
N ASN A 42 5.82 7.62 1.53
CA ASN A 42 7.06 8.46 1.70
C ASN A 42 7.68 8.17 3.07
N HIS A 43 7.71 6.92 3.45
CA HIS A 43 8.30 6.52 4.75
C HIS A 43 7.60 7.28 5.87
N LYS A 44 6.49 7.89 5.56
CA LYS A 44 5.72 8.65 6.60
C LYS A 44 4.38 7.95 6.86
N LEU A 45 4.21 7.46 8.05
CA LEU A 45 2.95 6.75 8.41
C LEU A 45 1.75 7.61 8.05
N VAL A 46 0.77 7.00 7.43
CA VAL A 46 -0.47 7.74 7.03
C VAL A 46 -1.68 6.80 7.08
N PRO A 47 -2.84 7.34 7.31
CA PRO A 47 -4.10 6.55 7.38
C PRO A 47 -4.50 5.95 6.02
N LEU A 48 -5.34 4.96 6.05
CA LEU A 48 -5.78 4.29 4.81
C LEU A 48 -6.53 5.29 3.92
N SER A 49 -7.31 6.15 4.52
CA SER A 49 -8.09 7.15 3.74
C SER A 49 -7.16 8.26 3.24
N TYR A 50 -5.88 8.09 3.42
CA TYR A 50 -4.90 9.11 2.97
C TYR A 50 -4.84 9.14 1.44
N VAL A 51 -4.87 10.31 0.88
CA VAL A 51 -4.82 10.47 -0.60
C VAL A 51 -3.38 10.29 -1.09
N LEU A 52 -3.21 9.47 -2.09
CA LEU A 52 -1.84 9.21 -2.63
C LEU A 52 -1.37 10.40 -3.46
N ASN A 53 -0.09 10.66 -3.43
CA ASN A 53 0.50 11.78 -4.20
C ASN A 53 1.55 11.27 -5.18
N SER A 54 1.63 11.88 -6.33
CA SER A 54 2.60 11.46 -7.37
C SER A 54 4.04 11.69 -6.90
N GLY A 55 4.90 10.75 -7.23
CA GLY A 55 6.34 10.87 -6.87
C GLY A 55 6.60 10.15 -5.55
N ASP A 56 5.60 10.03 -4.72
CA ASP A 56 5.77 9.36 -3.40
C ASP A 56 5.79 7.84 -3.56
N GLN A 57 6.27 7.16 -2.55
CA GLN A 57 6.33 5.67 -2.57
C GLN A 57 5.30 5.12 -1.60
N VAL A 58 4.39 4.33 -2.11
CA VAL A 58 3.33 3.74 -1.26
C VAL A 58 3.74 2.37 -0.76
N GLU A 59 3.57 2.15 0.52
CA GLU A 59 3.92 0.84 1.14
C GLU A 59 2.76 0.36 2.00
N VAL A 60 2.47 -0.92 1.93
CA VAL A 60 1.35 -1.50 2.71
C VAL A 60 1.87 -2.42 3.81
N LEU A 61 1.39 -2.21 5.01
CA LEU A 61 1.82 -3.05 6.16
C LEU A 61 0.82 -4.18 6.38
N SER A 62 1.21 -5.37 6.02
CA SER A 62 0.31 -6.55 6.19
C SER A 62 0.48 -7.16 7.58
N SER A 63 -0.38 -8.05 7.93
CA SER A 63 -0.31 -8.70 9.27
C SER A 63 0.78 -9.76 9.27
N LYS A 64 1.82 -9.53 8.53
CA LYS A 64 2.96 -10.50 8.47
C LYS A 64 3.85 -10.28 9.69
N SER A 65 3.55 -9.28 10.47
CA SER A 65 4.38 -8.99 11.68
C SER A 65 4.65 -10.27 12.44
N LEU A 66 5.86 -10.73 12.38
CA LEU A 66 6.25 -11.99 13.09
C LEU A 66 5.34 -13.12 12.65
N GLU A 67 4.52 -12.86 11.67
CA GLU A 67 3.60 -13.89 11.15
C GLU A 67 2.89 -14.61 12.29
N HIS A 68 2.23 -15.70 11.98
CA HIS A 68 1.51 -16.48 13.04
C HIS A 68 1.48 -17.96 12.66
N HIS A 69 1.19 -18.80 13.62
CA HIS A 69 1.15 -20.26 13.38
C HIS A 69 -0.04 -20.63 12.47
N HIS A 70 0.24 -21.38 11.44
CA HIS A 70 -0.83 -21.79 10.49
C HIS A 70 -1.58 -23.01 11.02
N HIS A 71 -2.88 -22.91 11.06
CA HIS A 71 -3.72 -24.04 11.57
C HIS A 71 -4.49 -24.68 10.42
N HIS A 72 -4.32 -25.97 10.26
CA HIS A 72 -5.02 -26.71 9.15
C HIS A 72 -6.17 -27.55 9.72
N HIS A 73 -7.34 -27.36 9.17
CA HIS A 73 -8.53 -28.13 9.64
C HIS A 73 -8.56 -29.50 8.97
N MET A 1 -7.28 13.42 -12.94
CA MET A 1 -6.19 12.90 -13.83
C MET A 1 -5.71 11.55 -13.29
N GLU A 2 -4.43 11.30 -13.37
CA GLU A 2 -3.88 10.00 -12.86
C GLU A 2 -2.61 10.27 -12.07
N VAL A 3 -2.37 9.50 -11.02
CA VAL A 3 -1.15 9.68 -10.19
C VAL A 3 -0.31 8.41 -10.24
N MET A 4 0.96 8.53 -10.51
CA MET A 4 1.84 7.32 -10.58
C MET A 4 2.56 7.14 -9.25
N VAL A 5 2.64 5.91 -8.78
CA VAL A 5 3.33 5.64 -7.48
C VAL A 5 4.32 4.49 -7.68
N PHE A 6 5.22 4.31 -6.75
CA PHE A 6 6.24 3.22 -6.89
C PHE A 6 6.00 2.16 -5.81
N THR A 7 6.11 0.90 -6.17
CA THR A 7 5.89 -0.19 -5.19
C THR A 7 7.26 -0.67 -4.67
N PRO A 8 7.31 -1.37 -3.56
CA PRO A 8 8.59 -1.90 -2.99
C PRO A 8 9.40 -2.68 -4.05
N LYS A 9 8.73 -3.33 -4.96
CA LYS A 9 9.46 -4.11 -6.00
C LYS A 9 9.98 -3.15 -7.07
N GLY A 10 9.70 -1.88 -6.94
CA GLY A 10 10.19 -0.89 -7.94
C GLY A 10 9.24 -0.90 -9.15
N GLU A 11 8.10 -1.51 -9.01
CA GLU A 11 7.13 -1.56 -10.14
C GLU A 11 6.42 -0.21 -10.30
N ILE A 12 5.89 0.04 -11.47
CA ILE A 12 5.18 1.33 -11.73
C ILE A 12 3.67 1.08 -11.76
N LYS A 13 2.92 1.77 -10.93
CA LYS A 13 1.43 1.57 -10.92
C LYS A 13 0.75 2.93 -11.04
N ARG A 14 -0.22 3.03 -11.91
CA ARG A 14 -0.95 4.32 -12.11
C ARG A 14 -2.33 4.23 -11.49
N LEU A 15 -2.78 5.27 -10.82
CA LEU A 15 -4.13 5.25 -10.19
C LEU A 15 -4.86 6.55 -10.56
N PRO A 16 -6.16 6.52 -10.70
CA PRO A 16 -6.97 7.72 -11.06
C PRO A 16 -7.01 8.77 -9.93
N GLN A 17 -7.27 10.00 -10.26
CA GLN A 17 -7.30 11.08 -9.24
C GLN A 17 -8.27 10.72 -8.11
N GLY A 18 -7.92 11.07 -6.90
CA GLY A 18 -8.80 10.76 -5.73
C GLY A 18 -8.51 9.33 -5.26
N ALA A 19 -7.44 8.76 -5.73
CA ALA A 19 -7.09 7.37 -5.32
C ALA A 19 -6.66 7.33 -3.85
N THR A 20 -6.83 6.21 -3.21
CA THR A 20 -6.45 6.07 -1.76
C THR A 20 -5.53 4.87 -1.56
N ALA A 21 -4.99 4.73 -0.39
CA ALA A 21 -4.08 3.58 -0.11
C ALA A 21 -4.82 2.26 -0.36
N LEU A 22 -6.10 2.23 -0.11
CA LEU A 22 -6.86 0.98 -0.33
C LEU A 22 -6.81 0.61 -1.81
N ASP A 23 -6.96 1.58 -2.68
CA ASP A 23 -6.91 1.31 -4.14
C ASP A 23 -5.57 0.68 -4.51
N PHE A 24 -4.50 1.24 -3.99
CA PHE A 24 -3.15 0.70 -4.29
C PHE A 24 -3.06 -0.75 -3.79
N ALA A 25 -3.54 -1.01 -2.60
CA ALA A 25 -3.48 -2.40 -2.05
C ALA A 25 -4.19 -3.36 -3.01
N TYR A 26 -5.35 -2.99 -3.49
CA TYR A 26 -6.08 -3.88 -4.43
C TYR A 26 -5.28 -4.03 -5.72
N SER A 27 -4.63 -2.99 -6.15
CA SER A 27 -3.84 -3.06 -7.40
C SER A 27 -2.76 -4.14 -7.28
N LEU A 28 -2.10 -4.23 -6.15
CA LEU A 28 -1.05 -5.26 -5.99
C LEU A 28 -1.68 -6.65 -6.01
N HIS A 29 -2.60 -6.91 -5.12
CA HIS A 29 -3.25 -8.25 -5.09
C HIS A 29 -4.57 -8.15 -4.31
N SER A 30 -5.21 -9.27 -4.08
CA SER A 30 -6.50 -9.27 -3.32
C SER A 30 -6.27 -9.75 -1.89
N ASP A 31 -5.79 -10.94 -1.72
CA ASP A 31 -5.54 -11.47 -0.35
C ASP A 31 -4.50 -10.61 0.36
N LEU A 32 -3.43 -10.29 -0.31
CA LEU A 32 -2.37 -9.47 0.33
C LEU A 32 -2.95 -8.10 0.69
N GLY A 33 -3.69 -7.51 -0.22
CA GLY A 33 -4.29 -6.18 0.04
C GLY A 33 -5.29 -6.28 1.19
N ASP A 34 -5.99 -7.38 1.28
CA ASP A 34 -6.98 -7.54 2.38
C ASP A 34 -6.23 -7.78 3.70
N HIS A 35 -4.95 -8.03 3.63
CA HIS A 35 -4.16 -8.28 4.86
C HIS A 35 -3.47 -6.98 5.26
N CYS A 36 -3.79 -5.90 4.62
CA CYS A 36 -3.14 -4.60 4.96
C CYS A 36 -3.70 -4.08 6.28
N ILE A 37 -2.87 -3.97 7.29
CA ILE A 37 -3.33 -3.47 8.61
C ILE A 37 -2.97 -1.99 8.73
N GLY A 38 -2.30 -1.44 7.75
CA GLY A 38 -1.93 0.00 7.83
C GLY A 38 -1.36 0.44 6.48
N ALA A 39 -1.02 1.70 6.35
CA ALA A 39 -0.46 2.22 5.06
C ALA A 39 0.71 3.15 5.36
N LYS A 40 1.74 3.12 4.55
CA LYS A 40 2.91 4.01 4.80
C LYS A 40 3.32 4.64 3.47
N VAL A 41 3.34 5.96 3.41
CA VAL A 41 3.72 6.66 2.16
C VAL A 41 4.90 7.61 2.45
N ASN A 42 5.90 7.58 1.61
CA ASN A 42 7.09 8.47 1.82
C ASN A 42 7.70 8.17 3.20
N HIS A 43 7.82 6.91 3.54
CA HIS A 43 8.40 6.52 4.85
C HIS A 43 7.66 7.22 5.99
N LYS A 44 6.52 7.79 5.71
CA LYS A 44 5.72 8.49 6.77
C LYS A 44 4.41 7.76 7.00
N LEU A 45 4.02 7.58 8.23
CA LEU A 45 2.75 6.86 8.52
C LEU A 45 1.55 7.70 8.06
N VAL A 46 0.60 7.08 7.40
CA VAL A 46 -0.60 7.84 6.93
C VAL A 46 -1.83 6.91 7.01
N PRO A 47 -3.00 7.46 7.22
CA PRO A 47 -4.25 6.66 7.31
C PRO A 47 -4.63 5.97 5.99
N LEU A 48 -5.49 4.99 6.06
CA LEU A 48 -5.92 4.26 4.83
C LEU A 48 -6.65 5.23 3.90
N SER A 49 -7.45 6.10 4.46
CA SER A 49 -8.19 7.07 3.60
C SER A 49 -7.23 8.16 3.12
N TYR A 50 -5.96 7.99 3.36
CA TYR A 50 -4.97 9.01 2.93
C TYR A 50 -4.90 9.06 1.40
N VAL A 51 -4.89 10.25 0.84
CA VAL A 51 -4.84 10.39 -0.64
C VAL A 51 -3.40 10.17 -1.12
N LEU A 52 -3.22 9.37 -2.13
CA LEU A 52 -1.84 9.10 -2.65
C LEU A 52 -1.34 10.30 -3.45
N ASN A 53 -0.06 10.59 -3.37
CA ASN A 53 0.53 11.74 -4.11
C ASN A 53 1.55 11.23 -5.13
N SER A 54 1.74 11.95 -6.19
CA SER A 54 2.71 11.52 -7.24
C SER A 54 4.14 11.62 -6.72
N GLY A 55 5.03 10.83 -7.26
CA GLY A 55 6.46 10.88 -6.83
C GLY A 55 6.63 10.15 -5.49
N ASP A 56 5.69 10.26 -4.60
CA ASP A 56 5.83 9.58 -3.28
C ASP A 56 5.71 8.06 -3.43
N GLN A 57 6.44 7.32 -2.64
CA GLN A 57 6.39 5.84 -2.71
C GLN A 57 5.27 5.33 -1.81
N VAL A 58 4.67 4.21 -2.16
CA VAL A 58 3.56 3.64 -1.33
C VAL A 58 3.95 2.26 -0.82
N GLU A 59 3.74 2.01 0.45
CA GLU A 59 4.10 0.67 1.02
C GLU A 59 2.98 0.24 1.97
N VAL A 60 2.27 -0.81 1.63
CA VAL A 60 1.17 -1.28 2.51
C VAL A 60 1.72 -2.16 3.64
N LEU A 61 1.21 -2.00 4.83
CA LEU A 61 1.70 -2.82 5.97
C LEU A 61 0.84 -4.08 6.10
N SER A 62 1.42 -5.22 5.82
CA SER A 62 0.65 -6.50 5.92
C SER A 62 1.16 -7.28 7.15
N SER A 63 1.50 -6.58 8.19
CA SER A 63 2.00 -7.24 9.43
C SER A 63 3.18 -8.15 9.08
N LYS A 64 3.78 -7.95 7.93
CA LYS A 64 4.93 -8.79 7.53
C LYS A 64 6.14 -8.53 8.43
N SER A 65 6.83 -9.56 8.83
CA SER A 65 8.01 -9.38 9.72
C SER A 65 9.19 -8.83 8.90
N LEU A 66 9.93 -7.92 9.48
CA LEU A 66 11.10 -7.33 8.78
C LEU A 66 12.39 -7.77 9.49
N GLU A 67 12.27 -8.14 10.73
CA GLU A 67 13.49 -8.57 11.49
C GLU A 67 14.07 -9.85 10.88
N HIS A 68 15.36 -9.87 10.65
CA HIS A 68 16.00 -11.08 10.06
C HIS A 68 16.47 -12.01 11.18
N HIS A 69 16.14 -13.28 11.08
CA HIS A 69 16.55 -14.24 12.14
C HIS A 69 18.02 -14.65 11.97
N HIS A 70 18.64 -15.07 13.03
CA HIS A 70 20.08 -15.49 12.96
C HIS A 70 20.92 -14.33 12.42
N HIS A 71 20.65 -13.14 12.86
CA HIS A 71 21.42 -11.95 12.39
C HIS A 71 22.76 -11.87 13.13
N HIS A 72 23.71 -11.13 12.58
CA HIS A 72 25.04 -11.01 13.24
C HIS A 72 25.65 -9.64 12.91
N HIS A 73 26.50 -9.13 13.77
CA HIS A 73 27.12 -7.81 13.52
C HIS A 73 27.90 -7.84 12.20
N MET A 1 -7.47 12.99 -14.96
CA MET A 1 -6.12 13.10 -14.34
C MET A 1 -5.79 11.79 -13.62
N GLU A 2 -4.55 11.40 -13.63
CA GLU A 2 -4.13 10.13 -12.96
C GLU A 2 -2.85 10.38 -12.18
N VAL A 3 -2.66 9.66 -11.10
CA VAL A 3 -1.43 9.83 -10.26
C VAL A 3 -0.62 8.54 -10.30
N MET A 4 0.66 8.65 -10.56
CA MET A 4 1.53 7.43 -10.64
C MET A 4 2.30 7.29 -9.34
N VAL A 5 2.45 6.06 -8.87
CA VAL A 5 3.21 5.80 -7.61
C VAL A 5 4.21 4.69 -7.86
N PHE A 6 5.15 4.50 -6.95
CA PHE A 6 6.19 3.45 -7.11
C PHE A 6 6.03 2.39 -6.02
N THR A 7 6.17 1.15 -6.38
CA THR A 7 6.05 0.04 -5.40
C THR A 7 7.45 -0.41 -4.98
N PRO A 8 7.55 -1.17 -3.92
CA PRO A 8 8.87 -1.67 -3.42
C PRO A 8 9.53 -2.62 -4.43
N LYS A 9 8.78 -3.11 -5.38
CA LYS A 9 9.35 -4.04 -6.39
C LYS A 9 9.97 -3.22 -7.53
N GLY A 10 9.83 -1.92 -7.48
CA GLY A 10 10.41 -1.06 -8.55
C GLY A 10 9.46 -1.02 -9.75
N GLU A 11 8.27 -1.54 -9.59
CA GLU A 11 7.29 -1.53 -10.72
C GLU A 11 6.58 -0.19 -10.80
N ILE A 12 5.88 0.05 -11.88
CA ILE A 12 5.14 1.35 -12.04
C ILE A 12 3.64 1.08 -11.92
N LYS A 13 2.97 1.82 -11.08
CA LYS A 13 1.50 1.63 -10.90
C LYS A 13 0.77 2.95 -11.14
N ARG A 14 -0.26 2.91 -11.94
CA ARG A 14 -1.05 4.15 -12.24
C ARG A 14 -2.39 4.07 -11.53
N LEU A 15 -2.77 5.14 -10.86
CA LEU A 15 -4.08 5.15 -10.14
C LEU A 15 -4.90 6.37 -10.57
N PRO A 16 -6.21 6.27 -10.61
CA PRO A 16 -7.10 7.40 -11.01
C PRO A 16 -7.13 8.53 -9.98
N GLN A 17 -7.49 9.70 -10.41
CA GLN A 17 -7.54 10.87 -9.48
C GLN A 17 -8.46 10.55 -8.29
N GLY A 18 -8.06 10.96 -7.12
CA GLY A 18 -8.88 10.68 -5.90
C GLY A 18 -8.59 9.27 -5.38
N ALA A 19 -7.54 8.67 -5.87
CA ALA A 19 -7.20 7.29 -5.42
C ALA A 19 -6.75 7.31 -3.96
N THR A 20 -6.90 6.20 -3.28
CA THR A 20 -6.49 6.13 -1.84
C THR A 20 -5.55 4.94 -1.61
N ALA A 21 -5.01 4.85 -0.44
CA ALA A 21 -4.07 3.74 -0.11
C ALA A 21 -4.76 2.38 -0.32
N LEU A 22 -6.04 2.33 -0.12
CA LEU A 22 -6.78 1.05 -0.30
C LEU A 22 -6.69 0.58 -1.76
N ASP A 23 -6.85 1.49 -2.68
CA ASP A 23 -6.78 1.11 -4.12
C ASP A 23 -5.39 0.57 -4.45
N PHE A 24 -4.37 1.19 -3.92
CA PHE A 24 -2.97 0.74 -4.17
C PHE A 24 -2.80 -0.69 -3.67
N ALA A 25 -3.33 -0.98 -2.50
CA ALA A 25 -3.19 -2.35 -1.95
C ALA A 25 -3.83 -3.37 -2.89
N TYR A 26 -4.98 -3.05 -3.43
CA TYR A 26 -5.67 -3.98 -4.36
C TYR A 26 -4.87 -4.10 -5.66
N SER A 27 -4.30 -3.01 -6.11
CA SER A 27 -3.52 -3.04 -7.38
C SER A 27 -2.34 -4.01 -7.22
N LEU A 28 -1.76 -4.07 -6.07
CA LEU A 28 -0.60 -4.99 -5.86
C LEU A 28 -1.07 -6.43 -6.03
N HIS A 29 -2.20 -6.78 -5.46
CA HIS A 29 -2.71 -8.17 -5.58
C HIS A 29 -4.20 -8.19 -5.24
N SER A 30 -4.58 -8.94 -4.24
CA SER A 30 -6.02 -9.02 -3.84
C SER A 30 -6.11 -9.50 -2.40
N ASP A 31 -5.76 -10.73 -2.16
CA ASP A 31 -5.83 -11.27 -0.77
C ASP A 31 -4.81 -10.55 0.12
N LEU A 32 -3.67 -10.26 -0.42
CA LEU A 32 -2.62 -9.57 0.39
C LEU A 32 -3.14 -8.19 0.81
N GLY A 33 -3.75 -7.49 -0.11
CA GLY A 33 -4.26 -6.13 0.21
C GLY A 33 -5.34 -6.22 1.30
N ASP A 34 -6.11 -7.26 1.28
CA ASP A 34 -7.19 -7.41 2.30
C ASP A 34 -6.58 -7.57 3.69
N HIS A 35 -5.44 -8.21 3.78
CA HIS A 35 -4.79 -8.40 5.11
C HIS A 35 -4.01 -7.14 5.47
N CYS A 36 -4.35 -6.04 4.87
CA CYS A 36 -3.63 -4.76 5.16
C CYS A 36 -4.10 -4.21 6.52
N ILE A 37 -3.18 -4.01 7.42
CA ILE A 37 -3.53 -3.47 8.76
C ILE A 37 -3.10 -2.01 8.85
N GLY A 38 -2.43 -1.52 7.83
CA GLY A 38 -1.98 -0.10 7.87
C GLY A 38 -1.28 0.27 6.55
N ALA A 39 -0.78 1.47 6.46
CA ALA A 39 -0.08 1.90 5.22
C ALA A 39 1.01 2.92 5.58
N LYS A 40 2.07 2.94 4.83
CA LYS A 40 3.18 3.90 5.10
C LYS A 40 3.59 4.60 3.81
N VAL A 41 3.60 5.91 3.81
CA VAL A 41 3.98 6.67 2.59
C VAL A 41 5.17 7.59 2.90
N ASN A 42 6.18 7.55 2.08
CA ASN A 42 7.37 8.41 2.28
C ASN A 42 7.94 8.17 3.68
N HIS A 43 8.00 6.93 4.10
CA HIS A 43 8.55 6.60 5.45
C HIS A 43 7.76 7.35 6.51
N LYS A 44 6.61 7.85 6.15
CA LYS A 44 5.75 8.60 7.14
C LYS A 44 4.42 7.87 7.33
N LEU A 45 3.96 7.80 8.54
CA LEU A 45 2.67 7.11 8.81
C LEU A 45 1.50 7.93 8.26
N VAL A 46 0.55 7.25 7.67
CA VAL A 46 -0.63 7.94 7.11
C VAL A 46 -1.84 7.00 7.16
N PRO A 47 -3.03 7.53 7.30
CA PRO A 47 -4.28 6.71 7.37
C PRO A 47 -4.61 6.02 6.03
N LEU A 48 -5.43 5.02 6.08
CA LEU A 48 -5.81 4.28 4.84
C LEU A 48 -6.55 5.23 3.88
N SER A 49 -7.39 6.08 4.41
CA SER A 49 -8.14 7.02 3.53
C SER A 49 -7.20 8.14 3.06
N TYR A 50 -5.92 8.01 3.33
CA TYR A 50 -4.95 9.06 2.92
C TYR A 50 -4.85 9.12 1.39
N VAL A 51 -4.86 10.32 0.86
CA VAL A 51 -4.78 10.48 -0.62
C VAL A 51 -3.34 10.26 -1.09
N LEU A 52 -3.16 9.45 -2.10
CA LEU A 52 -1.79 9.16 -2.61
C LEU A 52 -1.29 10.35 -3.46
N ASN A 53 -0.01 10.61 -3.39
CA ASN A 53 0.57 11.74 -4.19
C ASN A 53 1.61 11.19 -5.17
N SER A 54 1.73 11.82 -6.31
CA SER A 54 2.70 11.36 -7.34
C SER A 54 4.14 11.50 -6.84
N GLY A 55 5.01 10.66 -7.32
CA GLY A 55 6.44 10.72 -6.90
C GLY A 55 6.60 10.04 -5.55
N ASP A 56 5.65 10.21 -4.67
CA ASP A 56 5.74 9.58 -3.32
C ASP A 56 5.62 8.05 -3.42
N GLN A 57 6.34 7.35 -2.59
CA GLN A 57 6.28 5.86 -2.61
C GLN A 57 5.17 5.39 -1.68
N VAL A 58 4.51 4.32 -2.03
CA VAL A 58 3.40 3.79 -1.18
C VAL A 58 3.72 2.36 -0.74
N GLU A 59 3.54 2.09 0.53
CA GLU A 59 3.82 0.71 1.05
C GLU A 59 2.65 0.27 1.92
N VAL A 60 2.31 -1.00 1.84
CA VAL A 60 1.16 -1.53 2.64
C VAL A 60 1.69 -2.51 3.70
N LEU A 61 1.26 -2.35 4.92
CA LEU A 61 1.72 -3.25 6.01
C LEU A 61 0.74 -4.41 6.17
N SER A 62 1.26 -5.60 6.35
CA SER A 62 0.39 -6.80 6.51
C SER A 62 0.78 -7.55 7.78
N SER A 63 -0.14 -8.29 8.34
CA SER A 63 0.17 -9.05 9.59
C SER A 63 0.70 -10.44 9.23
N LYS A 64 1.98 -10.53 9.00
CA LYS A 64 2.59 -11.84 8.65
C LYS A 64 2.97 -12.58 9.95
N SER A 65 2.86 -11.90 11.06
CA SER A 65 3.23 -12.53 12.36
C SER A 65 2.11 -13.47 12.83
N LEU A 66 2.40 -14.26 13.83
CA LEU A 66 1.39 -15.21 14.36
C LEU A 66 0.49 -14.47 15.37
N GLU A 67 0.79 -13.23 15.60
CA GLU A 67 -0.03 -12.41 16.55
C GLU A 67 -0.12 -13.10 17.92
N HIS A 68 -0.57 -12.36 18.90
CA HIS A 68 -0.68 -12.93 20.27
C HIS A 68 -1.96 -13.77 20.40
N HIS A 69 -2.04 -14.56 21.43
CA HIS A 69 -3.24 -15.43 21.63
C HIS A 69 -4.49 -14.55 21.73
N HIS A 70 -4.40 -13.45 22.42
CA HIS A 70 -5.59 -12.56 22.57
C HIS A 70 -5.88 -11.85 21.25
N HIS A 71 -7.11 -11.90 20.81
CA HIS A 71 -7.47 -11.24 19.52
C HIS A 71 -7.74 -9.74 19.75
N HIS A 72 -7.20 -8.92 18.89
CA HIS A 72 -7.39 -7.45 19.02
C HIS A 72 -7.18 -7.01 20.47
N HIS A 73 -5.98 -6.56 20.78
CA HIS A 73 -5.68 -6.11 22.17
C HIS A 73 -6.82 -5.23 22.70
N MET A 1 -5.35 13.38 -15.38
CA MET A 1 -4.84 13.85 -14.06
C MET A 1 -4.59 12.64 -13.17
N GLU A 2 -3.99 11.61 -13.71
CA GLU A 2 -3.71 10.38 -12.91
C GLU A 2 -2.44 10.56 -12.10
N VAL A 3 -2.29 9.79 -11.03
CA VAL A 3 -1.07 9.90 -10.18
C VAL A 3 -0.35 8.55 -10.16
N MET A 4 0.93 8.57 -10.39
CA MET A 4 1.72 7.31 -10.41
C MET A 4 2.45 7.12 -9.08
N VAL A 5 2.57 5.90 -8.63
CA VAL A 5 3.26 5.63 -7.34
C VAL A 5 4.27 4.49 -7.55
N PHE A 6 5.20 4.33 -6.64
CA PHE A 6 6.23 3.27 -6.77
C PHE A 6 6.13 2.31 -5.59
N THR A 7 6.24 1.03 -5.86
CA THR A 7 6.16 0.01 -4.77
C THR A 7 7.58 -0.38 -4.37
N PRO A 8 7.72 -1.25 -3.39
CA PRO A 8 9.06 -1.71 -2.91
C PRO A 8 9.88 -2.33 -4.05
N LYS A 9 9.21 -2.93 -5.01
CA LYS A 9 9.94 -3.57 -6.13
C LYS A 9 10.25 -2.52 -7.21
N GLY A 10 9.78 -1.32 -7.00
CA GLY A 10 10.04 -0.22 -7.99
C GLY A 10 9.06 -0.34 -9.16
N GLU A 11 8.02 -1.13 -9.01
CA GLU A 11 7.05 -1.29 -10.11
C GLU A 11 6.19 -0.02 -10.28
N ILE A 12 5.81 0.29 -11.48
CA ILE A 12 4.98 1.50 -11.73
C ILE A 12 3.49 1.13 -11.64
N LYS A 13 2.75 1.84 -10.83
CA LYS A 13 1.29 1.56 -10.69
C LYS A 13 0.52 2.88 -10.83
N ARG A 14 -0.19 3.02 -11.92
CA ARG A 14 -0.97 4.28 -12.15
C ARG A 14 -2.37 4.12 -11.57
N LEU A 15 -2.86 5.14 -10.92
CA LEU A 15 -4.23 5.09 -10.31
C LEU A 15 -5.00 6.35 -10.69
N PRO A 16 -6.31 6.26 -10.84
CA PRO A 16 -7.17 7.43 -11.20
C PRO A 16 -7.23 8.48 -10.09
N GLN A 17 -7.49 9.71 -10.44
CA GLN A 17 -7.55 10.80 -9.43
C GLN A 17 -8.49 10.42 -8.29
N GLY A 18 -8.16 10.84 -7.09
CA GLY A 18 -9.01 10.52 -5.91
C GLY A 18 -8.65 9.13 -5.41
N ALA A 19 -7.56 8.60 -5.87
CA ALA A 19 -7.14 7.24 -5.43
C ALA A 19 -6.71 7.26 -3.96
N THR A 20 -6.89 6.16 -3.27
CA THR A 20 -6.50 6.08 -1.83
C THR A 20 -5.59 4.88 -1.60
N ALA A 21 -5.06 4.77 -0.41
CA ALA A 21 -4.15 3.63 -0.08
C ALA A 21 -4.88 2.31 -0.31
N LEU A 22 -6.17 2.30 -0.12
CA LEU A 22 -6.94 1.04 -0.32
C LEU A 22 -6.85 0.60 -1.79
N ASP A 23 -6.98 1.52 -2.70
CA ASP A 23 -6.90 1.17 -4.15
C ASP A 23 -5.51 0.60 -4.48
N PHE A 24 -4.49 1.21 -3.93
CA PHE A 24 -3.11 0.74 -4.19
C PHE A 24 -2.94 -0.70 -3.70
N ALA A 25 -3.45 -0.98 -2.53
CA ALA A 25 -3.31 -2.35 -1.97
C ALA A 25 -3.92 -3.37 -2.94
N TYR A 26 -5.10 -3.09 -3.43
CA TYR A 26 -5.76 -4.04 -4.38
C TYR A 26 -4.94 -4.13 -5.66
N SER A 27 -4.36 -3.05 -6.09
CA SER A 27 -3.55 -3.06 -7.33
C SER A 27 -2.40 -4.06 -7.20
N LEU A 28 -1.80 -4.13 -6.04
CA LEU A 28 -0.67 -5.07 -5.84
C LEU A 28 -1.17 -6.51 -6.01
N HIS A 29 -2.29 -6.82 -5.43
CA HIS A 29 -2.83 -8.21 -5.54
C HIS A 29 -4.32 -8.21 -5.18
N SER A 30 -4.70 -8.96 -4.18
CA SER A 30 -6.12 -9.02 -3.76
C SER A 30 -6.20 -9.35 -2.27
N ASP A 31 -5.98 -10.59 -1.94
CA ASP A 31 -6.04 -11.02 -0.52
C ASP A 31 -4.93 -10.32 0.27
N LEU A 32 -3.76 -10.23 -0.30
CA LEU A 32 -2.64 -9.58 0.41
C LEU A 32 -2.98 -8.11 0.65
N GLY A 33 -3.50 -7.45 -0.36
CA GLY A 33 -3.86 -6.02 -0.22
C GLY A 33 -5.00 -5.87 0.80
N ASP A 34 -5.98 -6.72 0.71
CA ASP A 34 -7.13 -6.64 1.65
C ASP A 34 -6.66 -7.04 3.05
N HIS A 35 -5.67 -7.89 3.14
CA HIS A 35 -5.17 -8.32 4.46
C HIS A 35 -4.24 -7.24 5.02
N CYS A 36 -4.33 -6.06 4.49
CA CYS A 36 -3.46 -4.95 4.97
C CYS A 36 -4.02 -4.37 6.26
N ILE A 37 -3.16 -4.18 7.24
CA ILE A 37 -3.61 -3.60 8.55
C ILE A 37 -3.23 -2.13 8.62
N GLY A 38 -2.52 -1.64 7.63
CA GLY A 38 -2.11 -0.20 7.65
C GLY A 38 -1.39 0.17 6.36
N ALA A 39 -1.00 1.41 6.23
CA ALA A 39 -0.29 1.85 4.99
C ALA A 39 0.88 2.76 5.36
N LYS A 40 1.91 2.79 4.54
CA LYS A 40 3.08 3.66 4.84
C LYS A 40 3.47 4.43 3.57
N VAL A 41 3.44 5.74 3.63
CA VAL A 41 3.80 6.58 2.45
C VAL A 41 4.91 7.56 2.85
N ASN A 42 5.90 7.70 2.01
CA ASN A 42 7.02 8.64 2.31
C ASN A 42 7.66 8.24 3.63
N HIS A 43 7.76 6.95 3.87
CA HIS A 43 8.39 6.45 5.13
C HIS A 43 7.63 6.98 6.34
N LYS A 44 6.46 7.53 6.12
CA LYS A 44 5.64 8.08 7.23
C LYS A 44 4.35 7.29 7.37
N LEU A 45 3.75 7.30 8.53
CA LEU A 45 2.50 6.52 8.74
C LEU A 45 1.31 7.38 8.33
N VAL A 46 0.62 6.97 7.29
CA VAL A 46 -0.58 7.73 6.82
C VAL A 46 -1.83 6.84 6.94
N PRO A 47 -2.98 7.44 7.15
CA PRO A 47 -4.26 6.68 7.27
C PRO A 47 -4.68 6.00 5.95
N LEU A 48 -5.57 5.04 6.04
CA LEU A 48 -6.03 4.31 4.83
C LEU A 48 -6.73 5.30 3.88
N SER A 49 -7.50 6.21 4.42
CA SER A 49 -8.22 7.19 3.56
C SER A 49 -7.23 8.23 3.03
N TYR A 50 -5.97 8.06 3.33
CA TYR A 50 -4.95 9.04 2.86
C TYR A 50 -4.89 9.06 1.33
N VAL A 51 -4.83 10.24 0.77
CA VAL A 51 -4.78 10.37 -0.72
C VAL A 51 -3.35 10.15 -1.21
N LEU A 52 -3.19 9.34 -2.23
CA LEU A 52 -1.83 9.05 -2.77
C LEU A 52 -1.30 10.27 -3.52
N ASN A 53 0.00 10.45 -3.50
CA ASN A 53 0.64 11.61 -4.20
C ASN A 53 1.69 11.10 -5.18
N SER A 54 1.78 11.73 -6.32
CA SER A 54 2.77 11.31 -7.35
C SER A 54 4.20 11.56 -6.86
N GLY A 55 5.09 10.65 -7.17
CA GLY A 55 6.52 10.80 -6.75
C GLY A 55 6.72 10.14 -5.38
N ASP A 56 5.73 10.23 -4.53
CA ASP A 56 5.84 9.60 -3.18
C ASP A 56 5.81 8.08 -3.29
N GLN A 57 6.55 7.41 -2.45
CA GLN A 57 6.57 5.92 -2.49
C GLN A 57 5.44 5.38 -1.62
N VAL A 58 4.83 4.31 -2.05
CA VAL A 58 3.69 3.72 -1.27
C VAL A 58 4.04 2.29 -0.85
N GLU A 59 3.83 1.97 0.41
CA GLU A 59 4.14 0.60 0.90
C GLU A 59 3.04 0.17 1.87
N VAL A 60 2.44 -0.98 1.62
CA VAL A 60 1.35 -1.48 2.51
C VAL A 60 1.94 -2.43 3.56
N LEU A 61 1.57 -2.24 4.80
CA LEU A 61 2.10 -3.12 5.88
C LEU A 61 1.14 -4.28 6.13
N SER A 62 1.56 -5.47 5.80
CA SER A 62 0.69 -6.67 5.99
C SER A 62 0.92 -7.27 7.38
N SER A 63 0.12 -8.22 7.75
CA SER A 63 0.26 -8.86 9.09
C SER A 63 1.47 -9.81 9.07
N LYS A 64 2.47 -9.50 8.30
CA LYS A 64 3.66 -10.38 8.22
C LYS A 64 4.49 -10.28 9.49
N SER A 65 5.08 -11.37 9.89
CA SER A 65 5.91 -11.38 11.13
C SER A 65 7.21 -10.62 10.90
N LEU A 66 7.31 -9.46 11.48
CA LEU A 66 8.54 -8.63 11.34
C LEU A 66 9.42 -8.82 12.58
N GLU A 67 9.08 -9.77 13.40
CA GLU A 67 9.89 -10.04 14.63
C GLU A 67 9.97 -8.79 15.51
N HIS A 68 9.22 -8.77 16.58
CA HIS A 68 9.23 -7.59 17.49
C HIS A 68 10.63 -7.40 18.06
N HIS A 69 11.31 -8.46 18.40
CA HIS A 69 12.68 -8.32 18.97
C HIS A 69 13.67 -8.00 17.86
N HIS A 70 13.54 -6.83 17.28
CA HIS A 70 14.46 -6.43 16.18
C HIS A 70 15.89 -6.37 16.72
N HIS A 71 16.07 -5.86 17.92
CA HIS A 71 17.44 -5.79 18.51
C HIS A 71 17.36 -5.86 20.02
N HIS A 72 18.47 -6.12 20.67
CA HIS A 72 18.47 -6.22 22.16
C HIS A 72 18.63 -4.83 22.77
N HIS A 73 17.69 -4.44 23.60
CA HIS A 73 17.77 -3.09 24.23
C HIS A 73 18.74 -3.13 25.40
N MET A 1 -7.20 13.42 -13.91
CA MET A 1 -5.72 13.29 -13.87
C MET A 1 -5.34 11.98 -13.19
N GLU A 2 -4.21 11.43 -13.54
CA GLU A 2 -3.75 10.13 -12.94
C GLU A 2 -2.49 10.38 -12.11
N VAL A 3 -2.33 9.67 -11.03
CA VAL A 3 -1.12 9.85 -10.16
C VAL A 3 -0.23 8.61 -10.29
N MET A 4 1.04 8.82 -10.52
CA MET A 4 1.98 7.67 -10.66
C MET A 4 2.58 7.34 -9.30
N VAL A 5 2.62 6.07 -8.95
CA VAL A 5 3.20 5.66 -7.63
C VAL A 5 4.18 4.52 -7.85
N PHE A 6 5.04 4.28 -6.89
CA PHE A 6 6.06 3.19 -7.02
C PHE A 6 5.85 2.15 -5.92
N THR A 7 5.96 0.90 -6.27
CA THR A 7 5.78 -0.19 -5.26
C THR A 7 7.15 -0.64 -4.77
N PRO A 8 7.22 -1.38 -3.69
CA PRO A 8 8.51 -1.88 -3.14
C PRO A 8 9.16 -2.88 -4.09
N LYS A 9 8.42 -3.37 -5.05
CA LYS A 9 8.98 -4.35 -6.02
C LYS A 9 9.68 -3.59 -7.15
N GLY A 10 9.61 -2.29 -7.15
CA GLY A 10 10.28 -1.49 -8.23
C GLY A 10 9.38 -1.41 -9.45
N GLU A 11 8.16 -1.88 -9.34
CA GLU A 11 7.22 -1.84 -10.49
C GLU A 11 6.54 -0.46 -10.56
N ILE A 12 5.91 -0.17 -11.68
CA ILE A 12 5.22 1.15 -11.85
C ILE A 12 3.71 0.92 -11.88
N LYS A 13 2.97 1.62 -11.06
CA LYS A 13 1.48 1.45 -11.03
C LYS A 13 0.81 2.81 -11.22
N ARG A 14 -0.25 2.86 -11.98
CA ARG A 14 -0.97 4.16 -12.23
C ARG A 14 -2.35 4.10 -11.58
N LEU A 15 -2.75 5.17 -10.92
CA LEU A 15 -4.11 5.20 -10.27
C LEU A 15 -4.78 6.54 -10.60
N PRO A 16 -6.09 6.56 -10.73
CA PRO A 16 -6.84 7.82 -11.05
C PRO A 16 -6.85 8.80 -9.87
N GLN A 17 -7.10 10.06 -10.14
CA GLN A 17 -7.12 11.08 -9.05
C GLN A 17 -8.13 10.69 -7.97
N GLY A 18 -7.86 11.06 -6.74
CA GLY A 18 -8.80 10.72 -5.63
C GLY A 18 -8.51 9.30 -5.14
N ALA A 19 -7.43 8.73 -5.58
CA ALA A 19 -7.08 7.35 -5.15
C ALA A 19 -6.69 7.35 -3.68
N THR A 20 -6.87 6.24 -3.00
CA THR A 20 -6.53 6.15 -1.55
C THR A 20 -5.61 4.94 -1.30
N ALA A 21 -5.12 4.80 -0.10
CA ALA A 21 -4.23 3.66 0.20
C ALA A 21 -4.94 2.34 -0.08
N LEU A 22 -6.23 2.28 0.14
CA LEU A 22 -6.97 1.01 -0.12
C LEU A 22 -6.87 0.66 -1.60
N ASP A 23 -7.02 1.61 -2.47
CA ASP A 23 -6.94 1.32 -3.94
C ASP A 23 -5.55 0.79 -4.29
N PHE A 24 -4.53 1.36 -3.73
CA PHE A 24 -3.15 0.88 -4.02
C PHE A 24 -3.00 -0.59 -3.60
N ALA A 25 -3.47 -0.94 -2.44
CA ALA A 25 -3.34 -2.35 -1.98
C ALA A 25 -4.01 -3.30 -2.98
N TYR A 26 -5.16 -2.94 -3.49
CA TYR A 26 -5.84 -3.83 -4.47
C TYR A 26 -4.99 -3.92 -5.74
N SER A 27 -4.37 -2.85 -6.14
CA SER A 27 -3.55 -2.89 -7.37
C SER A 27 -2.43 -3.93 -7.23
N LEU A 28 -1.87 -4.05 -6.06
CA LEU A 28 -0.76 -5.03 -5.87
C LEU A 28 -1.29 -6.46 -6.10
N HIS A 29 -2.33 -6.85 -5.42
CA HIS A 29 -2.89 -8.22 -5.60
C HIS A 29 -4.32 -8.27 -5.06
N SER A 30 -4.60 -9.20 -4.18
CA SER A 30 -5.96 -9.32 -3.59
C SER A 30 -5.86 -9.82 -2.16
N ASP A 31 -5.38 -11.02 -1.98
CA ASP A 31 -5.24 -11.57 -0.60
C ASP A 31 -4.25 -10.73 0.20
N LEU A 32 -3.13 -10.40 -0.38
CA LEU A 32 -2.12 -9.59 0.35
C LEU A 32 -2.71 -8.22 0.69
N GLY A 33 -3.38 -7.61 -0.25
CA GLY A 33 -3.99 -6.27 0.01
C GLY A 33 -5.11 -6.39 1.05
N ASP A 34 -5.85 -7.47 1.01
CA ASP A 34 -6.96 -7.65 1.97
C ASP A 34 -6.41 -7.85 3.38
N HIS A 35 -5.16 -8.21 3.49
CA HIS A 35 -4.54 -8.42 4.84
C HIS A 35 -3.67 -7.23 5.20
N CYS A 36 -4.13 -6.03 4.92
CA CYS A 36 -3.35 -4.81 5.23
C CYS A 36 -3.83 -4.21 6.55
N ILE A 37 -2.94 -3.97 7.47
CA ILE A 37 -3.34 -3.38 8.79
C ILE A 37 -3.01 -1.88 8.80
N GLY A 38 -2.38 -1.40 7.77
CA GLY A 38 -2.02 0.06 7.73
C GLY A 38 -1.35 0.38 6.40
N ALA A 39 -1.01 1.63 6.20
CA ALA A 39 -0.35 2.05 4.93
C ALA A 39 0.80 3.01 5.27
N LYS A 40 1.85 3.01 4.49
CA LYS A 40 3.01 3.93 4.76
C LYS A 40 3.39 4.64 3.45
N VAL A 41 3.34 5.95 3.44
CA VAL A 41 3.68 6.72 2.19
C VAL A 41 4.81 7.71 2.50
N ASN A 42 5.80 7.76 1.65
CA ASN A 42 6.93 8.72 1.87
C ASN A 42 7.59 8.42 3.22
N HIS A 43 7.80 7.17 3.52
CA HIS A 43 8.45 6.79 4.82
C HIS A 43 7.71 7.44 6.00
N LYS A 44 6.54 7.98 5.78
CA LYS A 44 5.77 8.63 6.88
C LYS A 44 4.45 7.87 7.09
N LEU A 45 4.09 7.65 8.33
CA LEU A 45 2.82 6.93 8.62
C LEU A 45 1.63 7.78 8.15
N VAL A 46 0.68 7.16 7.49
CA VAL A 46 -0.52 7.92 7.01
C VAL A 46 -1.77 7.03 7.13
N PRO A 47 -2.93 7.62 7.33
CA PRO A 47 -4.21 6.85 7.46
C PRO A 47 -4.63 6.18 6.15
N LEU A 48 -5.51 5.21 6.24
CA LEU A 48 -5.98 4.49 5.02
C LEU A 48 -6.69 5.48 4.10
N SER A 49 -7.46 6.38 4.66
CA SER A 49 -8.18 7.37 3.81
C SER A 49 -7.20 8.42 3.29
N TYR A 50 -5.92 8.20 3.51
CA TYR A 50 -4.91 9.17 3.03
C TYR A 50 -4.89 9.21 1.51
N VAL A 51 -4.87 10.38 0.93
CA VAL A 51 -4.86 10.51 -0.55
C VAL A 51 -3.44 10.28 -1.08
N LEU A 52 -3.29 9.46 -2.08
CA LEU A 52 -1.93 9.18 -2.64
C LEU A 52 -1.44 10.37 -3.46
N ASN A 53 -0.14 10.59 -3.49
CA ASN A 53 0.43 11.74 -4.27
C ASN A 53 1.46 11.20 -5.28
N SER A 54 1.55 11.83 -6.42
CA SER A 54 2.51 11.36 -7.46
C SER A 54 3.95 11.56 -6.98
N GLY A 55 4.83 10.63 -7.30
CA GLY A 55 6.26 10.75 -6.88
C GLY A 55 6.46 10.07 -5.53
N ASP A 56 5.47 10.10 -4.69
CA ASP A 56 5.60 9.45 -3.36
C ASP A 56 5.55 7.93 -3.52
N GLN A 57 6.23 7.22 -2.65
CA GLN A 57 6.23 5.74 -2.73
C GLN A 57 5.16 5.20 -1.79
N VAL A 58 4.31 4.32 -2.27
CA VAL A 58 3.22 3.75 -1.41
C VAL A 58 3.60 2.33 -0.98
N GLU A 59 3.48 2.03 0.29
CA GLU A 59 3.81 0.67 0.79
C GLU A 59 2.70 0.20 1.74
N VAL A 60 2.37 -1.06 1.71
CA VAL A 60 1.29 -1.59 2.60
C VAL A 60 1.91 -2.49 3.67
N LEU A 61 1.53 -2.29 4.91
CA LEU A 61 2.10 -3.14 6.01
C LEU A 61 1.08 -4.23 6.38
N SER A 62 1.51 -5.46 6.42
CA SER A 62 0.58 -6.59 6.78
C SER A 62 1.23 -7.46 7.85
N SER A 63 0.60 -7.56 8.99
CA SER A 63 1.16 -8.40 10.09
C SER A 63 0.58 -9.82 9.96
N LYS A 64 -0.32 -10.01 9.05
CA LYS A 64 -0.94 -11.36 8.86
C LYS A 64 -1.33 -11.93 10.23
N SER A 65 -2.54 -11.68 10.64
CA SER A 65 -3.00 -12.19 11.96
C SER A 65 -3.39 -13.66 11.84
N LEU A 66 -2.58 -14.54 12.35
CA LEU A 66 -2.90 -16.00 12.28
C LEU A 66 -3.57 -16.42 13.59
N GLU A 67 -3.73 -15.50 14.50
CA GLU A 67 -4.36 -15.82 15.81
C GLU A 67 -5.84 -16.18 15.61
N HIS A 68 -6.31 -17.17 16.33
CA HIS A 68 -7.73 -17.58 16.22
C HIS A 68 -8.26 -17.95 17.61
N HIS A 69 -7.65 -17.42 18.65
CA HIS A 69 -8.09 -17.73 20.03
C HIS A 69 -8.04 -16.47 20.89
N HIS A 70 -8.46 -16.56 22.12
CA HIS A 70 -8.44 -15.38 23.03
C HIS A 70 -9.22 -14.23 22.40
N HIS A 71 -10.52 -14.22 22.57
CA HIS A 71 -11.37 -13.14 22.00
C HIS A 71 -12.35 -12.67 23.07
N HIS A 72 -12.05 -12.94 24.33
CA HIS A 72 -12.97 -12.49 25.42
C HIS A 72 -12.18 -12.26 26.71
N HIS A 73 -12.75 -11.54 27.65
CA HIS A 73 -12.04 -11.26 28.94
C HIS A 73 -10.60 -10.84 28.65
N MET A 1 -6.07 12.67 -15.52
CA MET A 1 -4.91 13.10 -14.68
C MET A 1 -4.68 12.08 -13.57
N GLU A 2 -4.15 10.93 -13.95
CA GLU A 2 -3.89 9.86 -12.95
C GLU A 2 -2.64 10.19 -12.14
N VAL A 3 -2.43 9.46 -11.07
CA VAL A 3 -1.23 9.70 -10.20
C VAL A 3 -0.31 8.48 -10.25
N MET A 4 0.95 8.72 -10.46
CA MET A 4 1.93 7.61 -10.54
C MET A 4 2.63 7.41 -9.20
N VAL A 5 2.72 6.18 -8.77
CA VAL A 5 3.39 5.84 -7.48
C VAL A 5 4.36 4.69 -7.71
N PHE A 6 5.28 4.48 -6.80
CA PHE A 6 6.28 3.39 -6.95
C PHE A 6 6.11 2.34 -5.86
N THR A 7 6.29 1.11 -6.21
CA THR A 7 6.14 -0.01 -5.24
C THR A 7 7.54 -0.44 -4.79
N PRO A 8 7.64 -1.36 -3.87
CA PRO A 8 8.96 -1.85 -3.37
C PRO A 8 9.82 -2.41 -4.50
N LYS A 9 9.19 -2.95 -5.52
CA LYS A 9 9.95 -3.52 -6.66
C LYS A 9 10.30 -2.40 -7.65
N GLY A 10 9.81 -1.21 -7.38
CA GLY A 10 10.10 -0.05 -8.28
C GLY A 10 9.16 -0.08 -9.48
N GLU A 11 8.13 -0.87 -9.40
CA GLU A 11 7.16 -0.96 -10.53
C GLU A 11 6.31 0.31 -10.61
N ILE A 12 5.77 0.58 -11.77
CA ILE A 12 4.93 1.80 -11.95
C ILE A 12 3.46 1.43 -11.87
N LYS A 13 2.74 2.08 -10.98
CA LYS A 13 1.29 1.79 -10.81
C LYS A 13 0.50 3.10 -10.90
N ARG A 14 -0.47 3.14 -11.76
CA ARG A 14 -1.29 4.38 -11.92
C ARG A 14 -2.67 4.15 -11.32
N LEU A 15 -3.12 5.11 -10.55
CA LEU A 15 -4.47 4.98 -9.91
C LEU A 15 -5.30 6.24 -10.22
N PRO A 16 -6.60 6.12 -10.24
CA PRO A 16 -7.51 7.28 -10.51
C PRO A 16 -7.19 8.50 -9.63
N GLN A 17 -7.39 9.68 -10.15
CA GLN A 17 -7.10 10.92 -9.38
C GLN A 17 -7.87 10.93 -8.06
N GLY A 18 -7.20 11.22 -6.99
CA GLY A 18 -7.84 11.27 -5.64
C GLY A 18 -7.90 9.86 -5.06
N ALA A 19 -7.17 8.94 -5.64
CA ALA A 19 -7.18 7.53 -5.14
C ALA A 19 -6.72 7.48 -3.68
N THR A 20 -6.86 6.33 -3.08
CA THR A 20 -6.46 6.15 -1.65
C THR A 20 -5.52 4.95 -1.51
N ALA A 21 -4.95 4.78 -0.35
CA ALA A 21 -4.02 3.65 -0.11
C ALA A 21 -4.74 2.32 -0.32
N LEU A 22 -6.03 2.30 -0.10
CA LEU A 22 -6.81 1.04 -0.29
C LEU A 22 -6.75 0.61 -1.76
N ASP A 23 -6.90 1.55 -2.65
CA ASP A 23 -6.87 1.22 -4.12
C ASP A 23 -5.51 0.64 -4.49
N PHE A 24 -4.46 1.20 -3.94
CA PHE A 24 -3.09 0.69 -4.24
C PHE A 24 -2.99 -0.77 -3.78
N ALA A 25 -3.49 -1.06 -2.62
CA ALA A 25 -3.43 -2.47 -2.10
C ALA A 25 -4.17 -3.40 -3.06
N TYR A 26 -5.32 -2.98 -3.53
CA TYR A 26 -6.09 -3.84 -4.47
C TYR A 26 -5.30 -4.00 -5.78
N SER A 27 -4.62 -2.97 -6.20
CA SER A 27 -3.84 -3.04 -7.46
C SER A 27 -2.81 -4.17 -7.35
N LEU A 28 -2.17 -4.29 -6.23
CA LEU A 28 -1.15 -5.36 -6.04
C LEU A 28 -1.84 -6.73 -5.95
N HIS A 29 -2.41 -7.02 -4.81
CA HIS A 29 -3.10 -8.35 -4.64
C HIS A 29 -4.41 -8.15 -3.88
N SER A 30 -5.14 -9.22 -3.67
CA SER A 30 -6.44 -9.13 -2.95
C SER A 30 -6.27 -9.65 -1.52
N ASP A 31 -5.78 -10.86 -1.38
CA ASP A 31 -5.59 -11.44 -0.02
C ASP A 31 -4.58 -10.59 0.76
N LEU A 32 -3.45 -10.31 0.17
CA LEU A 32 -2.41 -9.51 0.87
C LEU A 32 -2.93 -8.09 1.13
N GLY A 33 -3.55 -7.51 0.14
CA GLY A 33 -4.08 -6.13 0.29
C GLY A 33 -5.23 -6.12 1.32
N ASP A 34 -6.08 -7.09 1.24
CA ASP A 34 -7.24 -7.16 2.20
C ASP A 34 -6.72 -7.40 3.62
N HIS A 35 -5.68 -8.18 3.75
CA HIS A 35 -5.12 -8.47 5.10
C HIS A 35 -4.23 -7.31 5.54
N CYS A 36 -4.41 -6.16 4.94
CA CYS A 36 -3.58 -4.98 5.30
C CYS A 36 -4.03 -4.42 6.65
N ILE A 37 -3.10 -4.20 7.54
CA ILE A 37 -3.44 -3.64 8.88
C ILE A 37 -3.03 -2.17 8.93
N GLY A 38 -2.41 -1.67 7.90
CA GLY A 38 -2.00 -0.24 7.89
C GLY A 38 -1.34 0.13 6.56
N ALA A 39 -0.96 1.37 6.40
CA ALA A 39 -0.31 1.81 5.13
C ALA A 39 0.84 2.77 5.45
N LYS A 40 1.86 2.73 4.64
CA LYS A 40 3.03 3.62 4.85
C LYS A 40 3.40 4.31 3.53
N VAL A 41 3.44 5.61 3.53
CA VAL A 41 3.77 6.38 2.29
C VAL A 41 4.97 7.31 2.55
N ASN A 42 5.93 7.27 1.67
CA ASN A 42 7.13 8.14 1.82
C ASN A 42 7.78 7.91 3.19
N HIS A 43 7.89 6.67 3.58
CA HIS A 43 8.50 6.33 4.89
C HIS A 43 7.74 7.01 6.02
N LYS A 44 6.56 7.52 5.72
CA LYS A 44 5.74 8.21 6.75
C LYS A 44 4.45 7.42 6.98
N LEU A 45 4.00 7.40 8.20
CA LEU A 45 2.76 6.65 8.52
C LEU A 45 1.54 7.49 8.17
N VAL A 46 0.79 7.06 7.20
CA VAL A 46 -0.44 7.80 6.78
C VAL A 46 -1.66 6.90 6.93
N PRO A 47 -2.82 7.47 7.17
CA PRO A 47 -4.08 6.70 7.32
C PRO A 47 -4.52 6.01 6.01
N LEU A 48 -5.39 5.05 6.11
CA LEU A 48 -5.87 4.33 4.90
C LEU A 48 -6.61 5.30 3.98
N SER A 49 -7.38 6.19 4.55
CA SER A 49 -8.14 7.17 3.71
C SER A 49 -7.18 8.25 3.19
N TYR A 50 -5.90 8.03 3.36
CA TYR A 50 -4.89 9.02 2.90
C TYR A 50 -4.85 9.07 1.37
N VAL A 51 -4.81 10.24 0.83
CA VAL A 51 -4.76 10.41 -0.66
C VAL A 51 -3.32 10.21 -1.15
N LEU A 52 -3.16 9.41 -2.15
CA LEU A 52 -1.79 9.15 -2.70
C LEU A 52 -1.29 10.36 -3.49
N ASN A 53 -0.01 10.60 -3.42
CA ASN A 53 0.60 11.76 -4.15
C ASN A 53 1.60 11.26 -5.19
N SER A 54 1.67 11.92 -6.30
CA SER A 54 2.59 11.51 -7.39
C SER A 54 4.05 11.73 -6.99
N GLY A 55 4.90 10.80 -7.35
CA GLY A 55 6.35 10.91 -7.03
C GLY A 55 6.65 10.19 -5.70
N ASP A 56 5.66 10.08 -4.86
CA ASP A 56 5.87 9.42 -3.53
C ASP A 56 5.84 7.90 -3.67
N GLN A 57 6.34 7.22 -2.68
CA GLN A 57 6.37 5.72 -2.69
C GLN A 57 5.25 5.20 -1.77
N VAL A 58 4.51 4.23 -2.25
CA VAL A 58 3.39 3.66 -1.45
C VAL A 58 3.68 2.22 -1.08
N GLU A 59 3.49 1.88 0.16
CA GLU A 59 3.74 0.49 0.63
C GLU A 59 2.64 0.08 1.61
N VAL A 60 2.28 -1.17 1.61
CA VAL A 60 1.21 -1.67 2.53
C VAL A 60 1.82 -2.49 3.66
N LEU A 61 1.43 -2.21 4.87
CA LEU A 61 1.98 -2.94 6.04
C LEU A 61 1.13 -4.19 6.29
N SER A 62 1.78 -5.31 6.48
CA SER A 62 1.04 -6.60 6.72
C SER A 62 1.62 -7.31 7.94
N SER A 63 0.81 -8.11 8.57
CA SER A 63 1.26 -8.86 9.78
C SER A 63 1.83 -10.22 9.36
N LYS A 64 3.07 -10.23 8.96
CA LYS A 64 3.74 -11.50 8.53
C LYS A 64 4.84 -11.86 9.53
N SER A 65 4.94 -11.10 10.59
CA SER A 65 5.98 -11.36 11.63
C SER A 65 5.47 -12.41 12.61
N LEU A 66 4.26 -12.86 12.41
CA LEU A 66 3.67 -13.88 13.33
C LEU A 66 4.19 -15.27 12.94
N GLU A 67 4.92 -15.34 11.86
CA GLU A 67 5.47 -16.65 11.41
C GLU A 67 6.62 -17.09 12.32
N HIS A 68 6.77 -18.38 12.53
CA HIS A 68 7.87 -18.87 13.41
C HIS A 68 8.38 -20.23 12.88
N HIS A 69 9.66 -20.42 12.92
CA HIS A 69 10.26 -21.70 12.43
C HIS A 69 10.16 -22.78 13.52
N HIS A 70 8.97 -23.04 13.97
CA HIS A 70 8.76 -24.06 15.04
C HIS A 70 8.93 -25.47 14.46
N HIS A 71 9.42 -26.38 15.26
CA HIS A 71 9.63 -27.78 14.78
C HIS A 71 8.29 -28.37 14.33
N HIS A 72 7.24 -28.15 15.10
CA HIS A 72 5.90 -28.71 14.75
C HIS A 72 4.91 -27.57 14.56
N HIS A 73 4.37 -27.44 13.37
CA HIS A 73 3.40 -26.35 13.09
C HIS A 73 2.00 -26.77 13.56
N MET A 1 -7.30 12.52 -15.37
CA MET A 1 -5.90 12.56 -14.85
C MET A 1 -5.65 11.36 -13.95
N GLU A 2 -4.42 10.92 -13.86
CA GLU A 2 -4.08 9.75 -12.99
C GLU A 2 -2.81 10.06 -12.20
N VAL A 3 -2.59 9.37 -11.11
CA VAL A 3 -1.37 9.62 -10.28
C VAL A 3 -0.48 8.38 -10.32
N MET A 4 0.78 8.56 -10.58
CA MET A 4 1.72 7.40 -10.66
C MET A 4 2.36 7.17 -9.30
N VAL A 5 2.49 5.92 -8.90
CA VAL A 5 3.12 5.60 -7.59
C VAL A 5 4.15 4.50 -7.81
N PHE A 6 5.03 4.30 -6.86
CA PHE A 6 6.08 3.26 -6.99
C PHE A 6 5.92 2.24 -5.87
N THR A 7 6.05 0.98 -6.19
CA THR A 7 5.89 -0.08 -5.17
C THR A 7 7.29 -0.52 -4.69
N PRO A 8 7.38 -1.34 -3.66
CA PRO A 8 8.69 -1.83 -3.15
C PRO A 8 9.48 -2.54 -4.25
N LYS A 9 8.78 -3.14 -5.18
CA LYS A 9 9.46 -3.87 -6.29
C LYS A 9 9.90 -2.87 -7.37
N GLY A 10 9.57 -1.62 -7.21
CA GLY A 10 9.98 -0.60 -8.22
C GLY A 10 9.03 -0.62 -9.41
N GLU A 11 7.92 -1.30 -9.30
CA GLU A 11 6.95 -1.36 -10.43
C GLU A 11 6.20 -0.03 -10.56
N ILE A 12 5.69 0.25 -11.73
CA ILE A 12 4.95 1.53 -11.95
C ILE A 12 3.46 1.23 -11.97
N LYS A 13 2.70 1.90 -11.15
CA LYS A 13 1.22 1.67 -11.10
C LYS A 13 0.50 3.00 -11.22
N ARG A 14 -0.49 3.07 -12.07
CA ARG A 14 -1.28 4.33 -12.24
C ARG A 14 -2.65 4.15 -11.61
N LEU A 15 -3.10 5.13 -10.86
CA LEU A 15 -4.44 5.02 -10.21
C LEU A 15 -5.24 6.30 -10.47
N PRO A 16 -6.56 6.23 -10.47
CA PRO A 16 -7.43 7.43 -10.71
C PRO A 16 -7.03 8.63 -9.83
N GLN A 17 -7.21 9.82 -10.35
CA GLN A 17 -6.83 11.04 -9.58
C GLN A 17 -7.54 11.04 -8.22
N GLY A 18 -6.80 11.27 -7.16
CA GLY A 18 -7.41 11.30 -5.81
C GLY A 18 -7.53 9.87 -5.26
N ALA A 19 -6.88 8.93 -5.88
CA ALA A 19 -6.96 7.52 -5.39
C ALA A 19 -6.63 7.47 -3.90
N THR A 20 -6.80 6.32 -3.28
CA THR A 20 -6.51 6.17 -1.82
C THR A 20 -5.59 4.97 -1.59
N ALA A 21 -5.11 4.82 -0.39
CA ALA A 21 -4.20 3.69 -0.06
C ALA A 21 -4.90 2.35 -0.33
N LEU A 22 -6.19 2.30 -0.13
CA LEU A 22 -6.93 1.03 -0.36
C LEU A 22 -6.82 0.63 -1.84
N ASP A 23 -6.94 1.58 -2.73
CA ASP A 23 -6.84 1.26 -4.18
C ASP A 23 -5.46 0.67 -4.48
N PHE A 24 -4.43 1.26 -3.94
CA PHE A 24 -3.05 0.77 -4.18
C PHE A 24 -2.92 -0.67 -3.67
N ALA A 25 -3.43 -0.96 -2.52
CA ALA A 25 -3.33 -2.34 -1.96
C ALA A 25 -3.92 -3.34 -2.95
N TYR A 26 -5.06 -3.05 -3.50
CA TYR A 26 -5.69 -3.99 -4.47
C TYR A 26 -4.79 -4.15 -5.69
N SER A 27 -4.15 -3.09 -6.11
CA SER A 27 -3.26 -3.18 -7.31
C SER A 27 -2.16 -4.21 -7.05
N LEU A 28 -1.61 -4.21 -5.88
CA LEU A 28 -0.52 -5.18 -5.58
C LEU A 28 -1.07 -6.61 -5.67
N HIS A 29 -2.23 -6.84 -5.13
CA HIS A 29 -2.83 -8.21 -5.21
C HIS A 29 -4.26 -8.16 -4.63
N SER A 30 -4.57 -9.07 -3.74
CA SER A 30 -5.94 -9.09 -3.15
C SER A 30 -5.85 -9.54 -1.69
N ASP A 31 -5.41 -10.75 -1.46
CA ASP A 31 -5.30 -11.26 -0.07
C ASP A 31 -4.27 -10.42 0.70
N LEU A 32 -3.15 -10.15 0.09
CA LEU A 32 -2.10 -9.35 0.78
C LEU A 32 -2.66 -7.95 1.07
N GLY A 33 -3.29 -7.35 0.11
CA GLY A 33 -3.86 -5.99 0.30
C GLY A 33 -5.04 -6.05 1.28
N ASP A 34 -5.84 -7.08 1.18
CA ASP A 34 -7.00 -7.22 2.08
C ASP A 34 -6.53 -7.37 3.53
N HIS A 35 -5.45 -8.07 3.74
CA HIS A 35 -4.95 -8.27 5.12
C HIS A 35 -4.10 -7.05 5.53
N CYS A 36 -4.28 -5.95 4.86
CA CYS A 36 -3.48 -4.73 5.20
C CYS A 36 -3.95 -4.17 6.54
N ILE A 37 -3.06 -4.05 7.49
CA ILE A 37 -3.44 -3.51 8.83
C ILE A 37 -3.04 -2.03 8.92
N GLY A 38 -2.41 -1.51 7.90
CA GLY A 38 -2.00 -0.08 7.94
C GLY A 38 -1.40 0.32 6.59
N ALA A 39 -1.00 1.56 6.46
CA ALA A 39 -0.40 2.04 5.18
C ALA A 39 0.76 2.98 5.49
N LYS A 40 1.79 2.99 4.68
CA LYS A 40 2.95 3.89 4.92
C LYS A 40 3.34 4.57 3.61
N VAL A 41 3.33 5.89 3.59
CA VAL A 41 3.67 6.64 2.34
C VAL A 41 4.83 7.60 2.64
N ASN A 42 5.81 7.64 1.77
CA ASN A 42 6.97 8.54 1.97
C ASN A 42 7.65 8.21 3.31
N HIS A 43 7.78 6.94 3.60
CA HIS A 43 8.43 6.53 4.88
C HIS A 43 7.73 7.18 6.07
N LYS A 44 6.52 7.65 5.86
CA LYS A 44 5.75 8.29 6.98
C LYS A 44 4.42 7.56 7.16
N LEU A 45 3.97 7.43 8.38
CA LEU A 45 2.68 6.72 8.63
C LEU A 45 1.51 7.55 8.11
N VAL A 46 0.60 6.92 7.40
CA VAL A 46 -0.59 7.65 6.88
C VAL A 46 -1.83 6.74 6.98
N PRO A 47 -3.00 7.31 7.15
CA PRO A 47 -4.26 6.52 7.26
C PRO A 47 -4.65 5.83 5.94
N LEU A 48 -5.52 4.84 6.02
CA LEU A 48 -5.94 4.11 4.80
C LEU A 48 -6.64 5.07 3.84
N SER A 49 -7.45 5.95 4.35
CA SER A 49 -8.18 6.90 3.48
C SER A 49 -7.23 8.01 3.02
N TYR A 50 -5.96 7.84 3.26
CA TYR A 50 -4.97 8.88 2.84
C TYR A 50 -4.93 8.99 1.32
N VAL A 51 -4.90 10.19 0.80
CA VAL A 51 -4.86 10.39 -0.67
C VAL A 51 -3.42 10.18 -1.17
N LEU A 52 -3.25 9.39 -2.20
CA LEU A 52 -1.88 9.13 -2.73
C LEU A 52 -1.38 10.33 -3.52
N ASN A 53 -0.08 10.54 -3.52
CA ASN A 53 0.53 11.70 -4.26
C ASN A 53 1.58 11.18 -5.24
N SER A 54 1.64 11.78 -6.40
CA SER A 54 2.63 11.33 -7.43
C SER A 54 4.06 11.59 -6.96
N GLY A 55 4.96 10.69 -7.29
CA GLY A 55 6.39 10.86 -6.88
C GLY A 55 6.64 10.18 -5.54
N ASP A 56 5.62 10.06 -4.73
CA ASP A 56 5.79 9.41 -3.40
C ASP A 56 5.81 7.90 -3.55
N GLN A 57 6.32 7.20 -2.57
CA GLN A 57 6.37 5.71 -2.63
C GLN A 57 5.30 5.16 -1.69
N VAL A 58 4.40 4.36 -2.20
CA VAL A 58 3.31 3.79 -1.34
C VAL A 58 3.68 2.38 -0.89
N GLU A 59 3.52 2.11 0.38
CA GLU A 59 3.84 0.75 0.93
C GLU A 59 2.69 0.32 1.84
N VAL A 60 2.34 -0.94 1.80
CA VAL A 60 1.21 -1.44 2.67
C VAL A 60 1.77 -2.32 3.79
N LEU A 61 1.37 -2.06 5.00
CA LEU A 61 1.87 -2.86 6.15
C LEU A 61 0.97 -4.09 6.34
N SER A 62 1.55 -5.23 6.60
CA SER A 62 0.76 -6.48 6.79
C SER A 62 1.30 -7.27 7.98
N SER A 63 0.50 -8.10 8.56
CA SER A 63 0.95 -8.90 9.74
C SER A 63 1.65 -10.18 9.26
N LYS A 64 1.69 -10.40 7.98
CA LYS A 64 2.35 -11.62 7.44
C LYS A 64 3.83 -11.62 7.78
N SER A 65 4.65 -12.13 6.89
CA SER A 65 6.12 -12.18 7.16
C SER A 65 6.38 -12.96 8.45
N LEU A 66 5.48 -13.83 8.81
CA LEU A 66 5.65 -14.63 10.06
C LEU A 66 6.35 -15.95 9.72
N GLU A 67 6.86 -16.06 8.51
CA GLU A 67 7.57 -17.30 8.08
C GLU A 67 6.66 -18.51 8.22
N HIS A 68 6.99 -19.58 7.53
CA HIS A 68 6.15 -20.82 7.60
C HIS A 68 6.49 -21.60 8.87
N HIS A 69 5.60 -21.60 9.82
CA HIS A 69 5.84 -22.34 11.09
C HIS A 69 5.84 -23.84 10.82
N HIS A 70 4.97 -24.31 9.98
CA HIS A 70 4.91 -25.77 9.68
C HIS A 70 6.29 -26.30 9.33
N HIS A 71 6.59 -27.52 9.72
CA HIS A 71 7.92 -28.11 9.42
C HIS A 71 7.78 -29.63 9.29
N HIS A 72 8.77 -30.28 8.75
CA HIS A 72 8.71 -31.77 8.59
C HIS A 72 10.12 -32.34 8.65
N HIS A 73 10.26 -33.56 9.09
CA HIS A 73 11.62 -34.17 9.18
C HIS A 73 12.11 -34.55 7.78
N MET A 1 -4.91 12.23 -16.70
CA MET A 1 -5.39 12.77 -15.39
C MET A 1 -5.23 11.69 -14.33
N GLU A 2 -4.15 10.94 -14.38
CA GLU A 2 -3.93 9.85 -13.39
C GLU A 2 -2.68 10.17 -12.56
N VAL A 3 -2.51 9.47 -11.46
CA VAL A 3 -1.32 9.71 -10.58
C VAL A 3 -0.43 8.48 -10.58
N MET A 4 0.85 8.68 -10.78
CA MET A 4 1.80 7.53 -10.82
C MET A 4 2.44 7.34 -9.45
N VAL A 5 2.52 6.12 -9.00
CA VAL A 5 3.13 5.81 -7.67
C VAL A 5 4.13 4.67 -7.82
N PHE A 6 4.96 4.47 -6.85
CA PHE A 6 5.99 3.38 -6.92
C PHE A 6 5.76 2.38 -5.78
N THR A 7 5.93 1.13 -6.07
CA THR A 7 5.72 0.07 -5.04
C THR A 7 7.09 -0.34 -4.47
N PRO A 8 7.11 -1.21 -3.50
CA PRO A 8 8.38 -1.70 -2.88
C PRO A 8 9.33 -2.30 -3.92
N LYS A 9 8.81 -2.91 -4.94
CA LYS A 9 9.67 -3.52 -5.99
C LYS A 9 10.12 -2.44 -6.97
N GLY A 10 9.65 -1.24 -6.79
CA GLY A 10 10.05 -0.11 -7.70
C GLY A 10 9.22 -0.18 -8.99
N GLU A 11 8.21 -1.00 -9.01
CA GLU A 11 7.37 -1.13 -10.23
C GLU A 11 6.50 0.13 -10.42
N ILE A 12 6.10 0.37 -11.64
CA ILE A 12 5.26 1.58 -11.93
C ILE A 12 3.79 1.20 -11.96
N LYS A 13 3.00 1.86 -11.15
CA LYS A 13 1.53 1.56 -11.10
C LYS A 13 0.76 2.86 -11.31
N ARG A 14 -0.22 2.83 -12.18
CA ARG A 14 -1.03 4.05 -12.47
C ARG A 14 -2.41 3.93 -11.83
N LEU A 15 -2.85 4.98 -11.20
CA LEU A 15 -4.20 4.96 -10.55
C LEU A 15 -4.91 6.30 -10.82
N PRO A 16 -6.21 6.31 -10.87
CA PRO A 16 -6.99 7.55 -11.12
C PRO A 16 -6.96 8.52 -9.92
N GLN A 17 -7.18 9.78 -10.19
CA GLN A 17 -7.17 10.80 -9.09
C GLN A 17 -8.17 10.44 -8.00
N GLY A 18 -7.90 10.91 -6.82
CA GLY A 18 -8.81 10.63 -5.67
C GLY A 18 -8.54 9.22 -5.14
N ALA A 19 -7.53 8.58 -5.66
CA ALA A 19 -7.20 7.19 -5.20
C ALA A 19 -6.67 7.20 -3.77
N THR A 20 -6.85 6.11 -3.07
CA THR A 20 -6.38 6.02 -1.65
C THR A 20 -5.50 4.78 -1.47
N ALA A 21 -4.87 4.68 -0.33
CA ALA A 21 -3.99 3.51 -0.05
C ALA A 21 -4.78 2.21 -0.20
N LEU A 22 -6.05 2.26 0.04
CA LEU A 22 -6.88 1.02 -0.07
C LEU A 22 -6.85 0.50 -1.51
N ASP A 23 -7.04 1.37 -2.45
CA ASP A 23 -7.03 0.96 -3.89
C ASP A 23 -5.64 0.45 -4.26
N PHE A 24 -4.63 1.08 -3.76
CA PHE A 24 -3.23 0.64 -4.07
C PHE A 24 -3.02 -0.80 -3.59
N ALA A 25 -3.46 -1.10 -2.40
CA ALA A 25 -3.29 -2.48 -1.87
C ALA A 25 -3.95 -3.48 -2.81
N TYR A 26 -5.16 -3.20 -3.22
CA TYR A 26 -5.87 -4.12 -4.15
C TYR A 26 -5.16 -4.14 -5.51
N SER A 27 -4.61 -3.02 -5.91
CA SER A 27 -3.91 -2.97 -7.22
C SER A 27 -2.75 -3.99 -7.22
N LEU A 28 -2.04 -4.09 -6.14
CA LEU A 28 -0.90 -5.05 -6.08
C LEU A 28 -1.43 -6.49 -6.08
N HIS A 29 -1.77 -7.01 -4.93
CA HIS A 29 -2.27 -8.42 -4.84
C HIS A 29 -3.76 -8.41 -4.46
N SER A 30 -4.22 -9.44 -3.80
CA SER A 30 -5.66 -9.53 -3.40
C SER A 30 -5.77 -9.81 -1.90
N ASP A 31 -5.49 -11.01 -1.49
CA ASP A 31 -5.57 -11.35 -0.04
C ASP A 31 -4.54 -10.54 0.74
N LEU A 32 -3.34 -10.43 0.22
CA LEU A 32 -2.29 -9.66 0.94
C LEU A 32 -2.72 -8.20 1.05
N GLY A 33 -3.19 -7.64 -0.02
CA GLY A 33 -3.63 -6.22 0.00
C GLY A 33 -4.86 -6.07 0.90
N ASP A 34 -5.76 -7.00 0.85
CA ASP A 34 -6.99 -6.94 1.69
C ASP A 34 -6.61 -7.06 3.17
N HIS A 35 -5.65 -7.87 3.48
CA HIS A 35 -5.23 -8.04 4.90
C HIS A 35 -4.38 -6.83 5.31
N CYS A 36 -4.58 -5.72 4.67
CA CYS A 36 -3.79 -4.50 5.01
C CYS A 36 -4.37 -3.85 6.27
N ILE A 37 -3.57 -3.72 7.29
CA ILE A 37 -4.05 -3.08 8.55
C ILE A 37 -3.53 -1.65 8.61
N GLY A 38 -2.75 -1.26 7.64
CA GLY A 38 -2.22 0.14 7.63
C GLY A 38 -1.41 0.39 6.35
N ALA A 39 -0.88 1.56 6.20
CA ALA A 39 -0.09 1.90 4.98
C ALA A 39 0.94 2.97 5.33
N LYS A 40 2.03 3.00 4.61
CA LYS A 40 3.09 4.01 4.88
C LYS A 40 3.50 4.68 3.57
N VAL A 41 3.56 5.99 3.56
CA VAL A 41 3.96 6.74 2.34
C VAL A 41 5.19 7.60 2.62
N ASN A 42 6.16 7.53 1.76
CA ASN A 42 7.41 8.33 1.96
C ASN A 42 8.02 7.99 3.31
N HIS A 43 7.98 6.73 3.68
CA HIS A 43 8.55 6.28 4.98
C HIS A 43 7.86 7.01 6.13
N LYS A 44 6.76 7.65 5.83
CA LYS A 44 6.00 8.40 6.89
C LYS A 44 4.67 7.69 7.16
N LEU A 45 4.32 7.56 8.41
CA LEU A 45 3.05 6.88 8.76
C LEU A 45 1.85 7.68 8.28
N VAL A 46 0.93 7.03 7.63
CA VAL A 46 -0.29 7.73 7.13
C VAL A 46 -1.49 6.76 7.19
N PRO A 47 -2.68 7.27 7.38
CA PRO A 47 -3.90 6.42 7.46
C PRO A 47 -4.23 5.76 6.10
N LEU A 48 -4.99 4.71 6.14
CA LEU A 48 -5.36 4.00 4.89
C LEU A 48 -6.19 4.93 3.99
N SER A 49 -7.04 5.71 4.57
CA SER A 49 -7.88 6.64 3.76
C SER A 49 -7.02 7.82 3.29
N TYR A 50 -5.74 7.74 3.50
CA TYR A 50 -4.84 8.86 3.08
C TYR A 50 -4.81 8.97 1.54
N VAL A 51 -4.86 10.18 1.04
CA VAL A 51 -4.85 10.38 -0.44
C VAL A 51 -3.42 10.18 -0.97
N LEU A 52 -3.30 9.40 -2.01
CA LEU A 52 -1.95 9.13 -2.60
C LEU A 52 -1.51 10.29 -3.47
N ASN A 53 -0.23 10.59 -3.45
CA ASN A 53 0.31 11.71 -4.28
C ASN A 53 1.30 11.16 -5.30
N SER A 54 1.37 11.79 -6.44
CA SER A 54 2.29 11.31 -7.51
C SER A 54 3.74 11.65 -7.17
N GLY A 55 4.64 10.74 -7.46
CA GLY A 55 6.09 10.97 -7.19
C GLY A 55 6.47 10.31 -5.85
N ASP A 56 5.50 10.10 -5.00
CA ASP A 56 5.79 9.48 -3.67
C ASP A 56 5.83 7.94 -3.77
N GLN A 57 6.23 7.30 -2.72
CA GLN A 57 6.28 5.80 -2.70
C GLN A 57 5.21 5.28 -1.74
N VAL A 58 4.40 4.36 -2.20
CA VAL A 58 3.31 3.80 -1.35
C VAL A 58 3.71 2.40 -0.86
N GLU A 59 3.57 2.16 0.41
CA GLU A 59 3.91 0.83 0.98
C GLU A 59 2.75 0.34 1.84
N VAL A 60 2.43 -0.92 1.73
CA VAL A 60 1.29 -1.49 2.52
C VAL A 60 1.82 -2.42 3.62
N LEU A 61 1.35 -2.23 4.83
CA LEU A 61 1.79 -3.07 5.97
C LEU A 61 0.79 -4.19 6.19
N SER A 62 1.26 -5.36 6.51
CA SER A 62 0.34 -6.51 6.75
C SER A 62 0.81 -7.30 7.98
N SER A 63 -0.08 -8.04 8.57
CA SER A 63 0.28 -8.84 9.78
C SER A 63 0.93 -10.15 9.32
N LYS A 64 0.93 -10.38 8.03
CA LYS A 64 1.55 -11.62 7.48
C LYS A 64 1.19 -12.83 8.37
N SER A 65 0.03 -12.81 8.93
CA SER A 65 -0.40 -13.94 9.80
C SER A 65 -0.90 -15.08 8.93
N LEU A 66 -0.93 -14.89 7.65
CA LEU A 66 -1.40 -15.97 6.73
C LEU A 66 -0.20 -16.78 6.25
N GLU A 67 0.33 -17.61 7.10
CA GLU A 67 1.51 -18.44 6.74
C GLU A 67 1.05 -19.71 6.00
N HIS A 68 1.52 -19.88 4.79
CA HIS A 68 1.14 -21.09 4.00
C HIS A 68 1.96 -21.14 2.71
N HIS A 69 2.64 -22.22 2.48
CA HIS A 69 3.48 -22.34 1.24
C HIS A 69 3.65 -23.83 0.91
N HIS A 70 2.76 -24.65 1.41
CA HIS A 70 2.85 -26.11 1.14
C HIS A 70 2.71 -26.36 -0.36
N HIS A 71 1.79 -25.70 -1.00
CA HIS A 71 1.58 -25.91 -2.46
C HIS A 71 2.70 -25.24 -3.26
N HIS A 72 3.17 -25.93 -4.27
CA HIS A 72 4.27 -25.39 -5.13
C HIS A 72 5.48 -25.04 -4.28
N HIS A 73 5.47 -25.46 -3.03
CA HIS A 73 6.63 -25.17 -2.13
C HIS A 73 6.89 -23.66 -2.07
N MET A 1 -6.47 13.58 -14.67
CA MET A 1 -5.15 13.73 -14.00
C MET A 1 -4.89 12.49 -13.14
N GLU A 2 -4.26 11.48 -13.70
CA GLU A 2 -3.99 10.24 -12.92
C GLU A 2 -2.73 10.44 -12.08
N VAL A 3 -2.57 9.65 -11.03
CA VAL A 3 -1.36 9.76 -10.15
C VAL A 3 -0.60 8.44 -10.18
N MET A 4 0.69 8.50 -10.41
CA MET A 4 1.51 7.26 -10.47
C MET A 4 2.26 7.08 -9.15
N VAL A 5 2.41 5.86 -8.71
CA VAL A 5 3.12 5.58 -7.42
C VAL A 5 4.19 4.52 -7.67
N PHE A 6 5.14 4.41 -6.77
CA PHE A 6 6.24 3.42 -6.93
C PHE A 6 6.12 2.35 -5.84
N THR A 7 6.07 1.11 -6.24
CA THR A 7 5.96 0.00 -5.24
C THR A 7 7.38 -0.42 -4.83
N PRO A 8 7.55 -1.00 -3.67
CA PRO A 8 8.89 -1.45 -3.19
C PRO A 8 9.50 -2.49 -4.14
N LYS A 9 8.70 -3.07 -4.99
CA LYS A 9 9.21 -4.09 -5.93
C LYS A 9 9.85 -3.38 -7.13
N GLY A 10 9.78 -2.07 -7.17
CA GLY A 10 10.39 -1.33 -8.31
C GLY A 10 9.40 -1.30 -9.49
N GLU A 11 8.21 -1.77 -9.27
CA GLU A 11 7.19 -1.77 -10.36
C GLU A 11 6.48 -0.42 -10.40
N ILE A 12 5.84 -0.11 -11.51
CA ILE A 12 5.12 1.19 -11.64
C ILE A 12 3.61 0.93 -11.66
N LYS A 13 2.87 1.64 -10.83
CA LYS A 13 1.39 1.43 -10.78
C LYS A 13 0.69 2.77 -10.98
N ARG A 14 -0.32 2.81 -11.81
CA ARG A 14 -1.08 4.07 -12.07
C ARG A 14 -2.43 4.00 -11.38
N LEU A 15 -2.80 5.05 -10.68
CA LEU A 15 -4.13 5.07 -9.97
C LEU A 15 -4.93 6.28 -10.44
N PRO A 16 -6.25 6.19 -10.50
CA PRO A 16 -7.12 7.31 -10.93
C PRO A 16 -7.17 8.44 -9.89
N GLN A 17 -7.51 9.63 -10.30
CA GLN A 17 -7.56 10.78 -9.36
C GLN A 17 -8.51 10.46 -8.18
N GLY A 18 -8.16 10.89 -7.00
CA GLY A 18 -9.01 10.61 -5.81
C GLY A 18 -8.69 9.21 -5.29
N ALA A 19 -7.63 8.62 -5.76
CA ALA A 19 -7.24 7.27 -5.29
C ALA A 19 -6.76 7.33 -3.85
N THR A 20 -6.90 6.25 -3.12
CA THR A 20 -6.48 6.21 -1.69
C THR A 20 -5.56 5.01 -1.45
N ALA A 21 -4.99 4.92 -0.29
CA ALA A 21 -4.08 3.77 0.01
C ALA A 21 -4.83 2.46 -0.19
N LEU A 22 -6.12 2.46 0.06
CA LEU A 22 -6.90 1.20 -0.12
C LEU A 22 -6.86 0.79 -1.59
N ASP A 23 -7.00 1.73 -2.48
CA ASP A 23 -6.97 1.41 -3.95
C ASP A 23 -5.62 0.80 -4.32
N PHE A 24 -4.56 1.35 -3.83
CA PHE A 24 -3.21 0.80 -4.15
C PHE A 24 -3.10 -0.64 -3.67
N ALA A 25 -3.56 -0.91 -2.47
CA ALA A 25 -3.47 -2.30 -1.94
C ALA A 25 -4.17 -3.27 -2.90
N TYR A 26 -5.32 -2.89 -3.40
CA TYR A 26 -6.05 -3.79 -4.34
C TYR A 26 -5.27 -3.92 -5.65
N SER A 27 -4.68 -2.86 -6.10
CA SER A 27 -3.91 -2.91 -7.39
C SER A 27 -2.79 -3.95 -7.27
N LEU A 28 -2.18 -4.04 -6.12
CA LEU A 28 -1.08 -5.04 -5.95
C LEU A 28 -1.64 -6.45 -6.13
N HIS A 29 -2.79 -6.72 -5.56
CA HIS A 29 -3.39 -8.07 -5.69
C HIS A 29 -4.80 -8.07 -5.07
N SER A 30 -5.01 -8.88 -4.08
CA SER A 30 -6.35 -8.93 -3.42
C SER A 30 -6.19 -9.45 -1.99
N ASP A 31 -5.76 -10.67 -1.85
CA ASP A 31 -5.58 -11.24 -0.49
C ASP A 31 -4.52 -10.43 0.28
N LEU A 32 -3.39 -10.19 -0.34
CA LEU A 32 -2.31 -9.43 0.35
C LEU A 32 -2.82 -8.00 0.67
N GLY A 33 -3.45 -7.37 -0.29
CA GLY A 33 -3.96 -5.99 -0.06
C GLY A 33 -5.09 -6.02 0.96
N ASP A 34 -5.95 -6.99 0.88
CA ASP A 34 -7.08 -7.08 1.84
C ASP A 34 -6.54 -7.30 3.26
N HIS A 35 -5.48 -8.06 3.38
CA HIS A 35 -4.90 -8.31 4.73
C HIS A 35 -4.01 -7.12 5.12
N CYS A 36 -4.30 -5.96 4.61
CA CYS A 36 -3.49 -4.77 4.94
C CYS A 36 -3.87 -4.27 6.34
N ILE A 37 -2.89 -4.05 7.20
CA ILE A 37 -3.18 -3.57 8.58
C ILE A 37 -2.86 -2.07 8.65
N GLY A 38 -2.31 -1.52 7.60
CA GLY A 38 -1.96 -0.07 7.61
C GLY A 38 -1.25 0.29 6.31
N ALA A 39 -0.79 1.51 6.20
CA ALA A 39 -0.07 1.94 4.96
C ALA A 39 1.08 2.84 5.35
N LYS A 40 2.14 2.86 4.58
CA LYS A 40 3.32 3.72 4.90
C LYS A 40 3.74 4.48 3.63
N VAL A 41 3.74 5.79 3.68
CA VAL A 41 4.13 6.61 2.48
C VAL A 41 5.29 7.53 2.85
N ASN A 42 6.29 7.59 2.02
CA ASN A 42 7.46 8.46 2.32
C ASN A 42 8.04 8.09 3.69
N HIS A 43 8.09 6.81 3.97
CA HIS A 43 8.64 6.33 5.27
C HIS A 43 7.87 6.96 6.43
N LYS A 44 6.79 7.65 6.15
CA LYS A 44 5.97 8.28 7.23
C LYS A 44 4.62 7.57 7.34
N LEU A 45 4.10 7.49 8.53
CA LEU A 45 2.78 6.80 8.73
C LEU A 45 1.67 7.68 8.17
N VAL A 46 0.69 7.06 7.56
CA VAL A 46 -0.46 7.83 6.99
C VAL A 46 -1.73 6.97 7.11
N PRO A 47 -2.87 7.58 7.28
CA PRO A 47 -4.16 6.85 7.41
C PRO A 47 -4.56 6.13 6.11
N LEU A 48 -5.41 5.14 6.23
CA LEU A 48 -5.84 4.38 5.02
C LEU A 48 -6.56 5.32 4.04
N SER A 49 -7.37 6.21 4.55
CA SER A 49 -8.10 7.15 3.65
C SER A 49 -7.15 8.24 3.15
N TYR A 50 -5.88 8.10 3.43
CA TYR A 50 -4.90 9.13 2.97
C TYR A 50 -4.91 9.21 1.44
N VAL A 51 -4.90 10.39 0.90
CA VAL A 51 -4.91 10.55 -0.58
C VAL A 51 -3.49 10.30 -1.13
N LEU A 52 -3.38 9.47 -2.12
CA LEU A 52 -2.03 9.18 -2.71
C LEU A 52 -1.60 10.34 -3.61
N ASN A 53 -0.31 10.61 -3.67
CA ASN A 53 0.20 11.72 -4.52
C ASN A 53 1.25 11.17 -5.49
N SER A 54 1.40 11.77 -6.63
CA SER A 54 2.41 11.28 -7.62
C SER A 54 3.83 11.66 -7.18
N GLY A 55 4.78 10.81 -7.45
CA GLY A 55 6.20 11.10 -7.07
C GLY A 55 6.51 10.48 -5.72
N ASP A 56 5.50 10.20 -4.93
CA ASP A 56 5.74 9.59 -3.58
C ASP A 56 5.88 8.08 -3.72
N GLN A 57 6.25 7.42 -2.65
CA GLN A 57 6.41 5.93 -2.66
C GLN A 57 5.36 5.33 -1.73
N VAL A 58 4.64 4.32 -2.18
CA VAL A 58 3.59 3.68 -1.31
C VAL A 58 4.03 2.28 -0.89
N GLU A 59 3.93 1.98 0.38
CA GLU A 59 4.32 0.62 0.87
C GLU A 59 3.24 0.14 1.84
N VAL A 60 2.53 -0.90 1.48
CA VAL A 60 1.45 -1.42 2.36
C VAL A 60 2.05 -2.34 3.44
N LEU A 61 1.58 -2.21 4.66
CA LEU A 61 2.10 -3.07 5.77
C LEU A 61 1.16 -4.25 5.97
N SER A 62 1.70 -5.43 6.12
CA SER A 62 0.86 -6.65 6.32
C SER A 62 1.33 -7.41 7.56
N SER A 63 0.44 -8.17 8.17
CA SER A 63 0.82 -8.95 9.37
C SER A 63 1.32 -10.33 8.95
N LYS A 64 2.58 -10.44 8.65
CA LYS A 64 3.15 -11.76 8.23
C LYS A 64 3.20 -12.72 9.42
N SER A 65 3.88 -13.84 9.25
CA SER A 65 3.98 -14.82 10.36
C SER A 65 5.16 -14.47 11.27
N LEU A 66 4.91 -13.74 12.32
CA LEU A 66 6.01 -13.37 13.26
C LEU A 66 6.04 -14.35 14.42
N GLU A 67 5.04 -15.20 14.52
CA GLU A 67 4.97 -16.21 15.61
C GLU A 67 5.06 -15.54 16.99
N HIS A 68 4.49 -16.17 17.98
CA HIS A 68 4.53 -15.58 19.36
C HIS A 68 4.09 -14.11 19.30
N HIS A 69 3.55 -13.68 18.19
CA HIS A 69 3.11 -12.26 18.06
C HIS A 69 1.68 -12.11 18.58
N HIS A 70 1.38 -10.97 19.16
CA HIS A 70 0.01 -10.72 19.69
C HIS A 70 -0.49 -11.94 20.47
N HIS A 71 -1.78 -12.00 20.73
CA HIS A 71 -2.34 -13.14 21.51
C HIS A 71 -3.77 -13.43 21.04
N HIS A 72 -4.32 -14.54 21.45
CA HIS A 72 -5.71 -14.89 21.04
C HIS A 72 -5.79 -14.96 19.51
N HIS A 73 -4.88 -15.67 18.90
CA HIS A 73 -4.89 -15.79 17.41
C HIS A 73 -4.93 -14.40 16.78
N MET A 1 -6.00 14.29 -14.31
CA MET A 1 -4.57 14.03 -14.02
C MET A 1 -4.45 12.81 -13.11
N GLU A 2 -3.84 11.76 -13.58
CA GLU A 2 -3.70 10.53 -12.77
C GLU A 2 -2.48 10.65 -11.86
N VAL A 3 -2.35 9.77 -10.90
CA VAL A 3 -1.19 9.82 -9.96
C VAL A 3 -0.33 8.56 -10.12
N MET A 4 0.95 8.73 -10.30
CA MET A 4 1.86 7.56 -10.48
C MET A 4 2.61 7.29 -9.17
N VAL A 5 2.65 6.06 -8.74
CA VAL A 5 3.38 5.71 -7.49
C VAL A 5 4.29 4.51 -7.75
N PHE A 6 5.23 4.28 -6.86
CA PHE A 6 6.18 3.14 -7.04
C PHE A 6 6.03 2.15 -5.90
N THR A 7 6.18 0.88 -6.20
CA THR A 7 6.05 -0.17 -5.15
C THR A 7 7.46 -0.58 -4.69
N PRO A 8 7.57 -1.42 -3.69
CA PRO A 8 8.88 -1.89 -3.18
C PRO A 8 9.72 -2.54 -4.30
N LYS A 9 9.05 -3.17 -5.23
CA LYS A 9 9.78 -3.84 -6.35
C LYS A 9 10.15 -2.79 -7.42
N GLY A 10 9.71 -1.57 -7.23
CA GLY A 10 10.03 -0.50 -8.21
C GLY A 10 9.07 -0.58 -9.41
N GLU A 11 8.04 -1.36 -9.28
CA GLU A 11 7.06 -1.51 -10.41
C GLU A 11 6.26 -0.21 -10.59
N ILE A 12 5.76 0.03 -11.77
CA ILE A 12 4.97 1.27 -12.02
C ILE A 12 3.49 0.98 -11.85
N LYS A 13 2.83 1.73 -11.00
CA LYS A 13 1.37 1.52 -10.77
C LYS A 13 0.66 2.86 -10.88
N ARG A 14 -0.07 3.08 -11.96
CA ARG A 14 -0.78 4.36 -12.15
C ARG A 14 -2.24 4.21 -11.70
N LEU A 15 -2.70 5.07 -10.85
CA LEU A 15 -4.11 5.01 -10.35
C LEU A 15 -4.84 6.30 -10.73
N PRO A 16 -6.13 6.23 -10.97
CA PRO A 16 -6.93 7.43 -11.33
C PRO A 16 -7.02 8.44 -10.16
N GLN A 17 -7.23 9.69 -10.48
CA GLN A 17 -7.30 10.74 -9.41
C GLN A 17 -8.31 10.35 -8.33
N GLY A 18 -8.03 10.72 -7.11
CA GLY A 18 -8.95 10.40 -5.99
C GLY A 18 -8.60 9.01 -5.46
N ALA A 19 -7.52 8.46 -5.95
CA ALA A 19 -7.10 7.10 -5.51
C ALA A 19 -6.65 7.14 -4.06
N THR A 20 -6.80 6.03 -3.37
CA THR A 20 -6.39 5.96 -1.93
C THR A 20 -5.46 4.76 -1.72
N ALA A 21 -4.89 4.66 -0.56
CA ALA A 21 -3.97 3.52 -0.27
C ALA A 21 -4.74 2.21 -0.45
N LEU A 22 -6.03 2.24 -0.25
CA LEU A 22 -6.83 1.00 -0.41
C LEU A 22 -6.77 0.52 -1.85
N ASP A 23 -6.94 1.41 -2.80
CA ASP A 23 -6.89 1.00 -4.23
C ASP A 23 -5.50 0.47 -4.56
N PHE A 24 -4.47 1.12 -4.09
CA PHE A 24 -3.09 0.66 -4.37
C PHE A 24 -2.88 -0.73 -3.78
N ALA A 25 -3.32 -0.94 -2.57
CA ALA A 25 -3.14 -2.27 -1.91
C ALA A 25 -3.81 -3.35 -2.78
N TYR A 26 -5.01 -3.11 -3.21
CA TYR A 26 -5.72 -4.10 -4.05
C TYR A 26 -4.98 -4.28 -5.38
N SER A 27 -4.40 -3.23 -5.87
CA SER A 27 -3.67 -3.33 -7.17
C SER A 27 -2.56 -4.37 -7.07
N LEU A 28 -1.84 -4.38 -5.97
CA LEU A 28 -0.74 -5.38 -5.82
C LEU A 28 -1.32 -6.79 -5.81
N HIS A 29 -2.35 -7.01 -5.03
CA HIS A 29 -2.98 -8.37 -4.96
C HIS A 29 -4.34 -8.26 -4.26
N SER A 30 -4.90 -9.37 -3.87
CA SER A 30 -6.22 -9.36 -3.17
C SER A 30 -6.01 -9.73 -1.70
N ASP A 31 -5.10 -10.65 -1.44
CA ASP A 31 -4.82 -11.06 -0.05
C ASP A 31 -4.22 -9.88 0.73
N LEU A 32 -3.24 -9.23 0.17
CA LEU A 32 -2.60 -8.07 0.86
C LEU A 32 -3.63 -6.96 1.03
N GLY A 33 -4.43 -6.73 0.03
CA GLY A 33 -5.45 -5.65 0.12
C GLY A 33 -6.43 -5.99 1.24
N ASP A 34 -6.70 -7.25 1.45
CA ASP A 34 -7.66 -7.65 2.53
C ASP A 34 -6.88 -7.81 3.84
N HIS A 35 -5.60 -8.06 3.75
CA HIS A 35 -4.78 -8.23 4.99
C HIS A 35 -4.03 -6.93 5.28
N CYS A 36 -4.42 -5.85 4.65
CA CYS A 36 -3.72 -4.56 4.90
C CYS A 36 -4.24 -3.95 6.19
N ILE A 37 -3.42 -3.92 7.22
CA ILE A 37 -3.84 -3.33 8.52
C ILE A 37 -3.25 -1.93 8.67
N GLY A 38 -2.52 -1.48 7.68
CA GLY A 38 -1.93 -0.12 7.79
C GLY A 38 -1.28 0.27 6.45
N ALA A 39 -0.82 1.49 6.35
CA ALA A 39 -0.17 1.94 5.09
C ALA A 39 0.92 2.96 5.42
N LYS A 40 1.99 2.96 4.66
CA LYS A 40 3.09 3.94 4.92
C LYS A 40 3.50 4.58 3.59
N VAL A 41 3.43 5.88 3.51
CA VAL A 41 3.80 6.59 2.25
C VAL A 41 4.95 7.56 2.52
N ASN A 42 5.96 7.52 1.68
CA ASN A 42 7.13 8.43 1.85
C ASN A 42 7.73 8.24 3.24
N HIS A 43 7.89 7.02 3.67
CA HIS A 43 8.48 6.75 5.01
C HIS A 43 7.68 7.47 6.09
N LYS A 44 6.52 7.99 5.73
CA LYS A 44 5.68 8.71 6.73
C LYS A 44 4.37 7.93 6.95
N LEU A 45 4.01 7.73 8.18
CA LEU A 45 2.76 6.98 8.49
C LEU A 45 1.54 7.78 8.04
N VAL A 46 0.60 7.13 7.39
CA VAL A 46 -0.63 7.85 6.94
C VAL A 46 -1.83 6.89 7.01
N PRO A 47 -3.02 7.42 7.21
CA PRO A 47 -4.26 6.59 7.28
C PRO A 47 -4.62 5.94 5.93
N LEU A 48 -5.43 4.93 5.97
CA LEU A 48 -5.83 4.24 4.71
C LEU A 48 -6.58 5.21 3.79
N SER A 49 -7.40 6.05 4.35
CA SER A 49 -8.17 7.01 3.51
C SER A 49 -7.23 8.13 3.03
N TYR A 50 -5.96 7.99 3.27
CA TYR A 50 -4.99 9.03 2.84
C TYR A 50 -4.86 9.05 1.32
N VAL A 51 -4.90 10.22 0.74
CA VAL A 51 -4.77 10.33 -0.74
C VAL A 51 -3.32 10.15 -1.16
N LEU A 52 -3.08 9.30 -2.14
CA LEU A 52 -1.68 9.06 -2.59
C LEU A 52 -1.17 10.24 -3.42
N ASN A 53 0.09 10.55 -3.30
CA ASN A 53 0.69 11.69 -4.08
C ASN A 53 1.74 11.14 -5.05
N SER A 54 1.89 11.78 -6.17
CA SER A 54 2.88 11.31 -7.19
C SER A 54 4.31 11.43 -6.66
N GLY A 55 5.20 10.61 -7.16
CA GLY A 55 6.61 10.67 -6.73
C GLY A 55 6.79 9.92 -5.40
N ASP A 56 5.86 10.07 -4.51
CA ASP A 56 5.98 9.39 -3.19
C ASP A 56 5.82 7.88 -3.34
N GLN A 57 6.55 7.14 -2.54
CA GLN A 57 6.47 5.65 -2.60
C GLN A 57 5.33 5.18 -1.70
N VAL A 58 4.62 4.16 -2.11
CA VAL A 58 3.48 3.65 -1.30
C VAL A 58 3.76 2.23 -0.82
N GLU A 59 3.54 1.97 0.44
CA GLU A 59 3.78 0.61 1.00
C GLU A 59 2.59 0.22 1.89
N VAL A 60 2.22 -1.03 1.87
CA VAL A 60 1.06 -1.50 2.70
C VAL A 60 1.56 -2.38 3.84
N LEU A 61 1.08 -2.15 5.04
CA LEU A 61 1.52 -2.96 6.21
C LEU A 61 0.61 -4.18 6.35
N SER A 62 1.12 -5.33 6.04
CA SER A 62 0.30 -6.57 6.15
C SER A 62 0.34 -7.10 7.58
N SER A 63 -0.49 -8.05 7.89
CA SER A 63 -0.52 -8.63 9.27
C SER A 63 0.29 -9.92 9.29
N LYS A 64 1.43 -9.93 8.66
CA LYS A 64 2.27 -11.15 8.61
C LYS A 64 2.66 -11.57 10.03
N SER A 65 2.64 -12.85 10.29
CA SER A 65 2.98 -13.36 11.65
C SER A 65 4.44 -13.02 11.99
N LEU A 66 4.70 -12.78 13.25
CA LEU A 66 6.08 -12.45 13.69
C LEU A 66 6.84 -13.75 13.95
N GLU A 67 6.17 -14.86 13.83
CA GLU A 67 6.82 -16.17 14.07
C GLU A 67 7.99 -16.38 13.10
N HIS A 68 7.85 -17.31 12.20
CA HIS A 68 8.93 -17.60 11.21
C HIS A 68 10.22 -17.95 11.94
N HIS A 69 10.74 -19.13 11.71
CA HIS A 69 12.00 -19.55 12.37
C HIS A 69 12.70 -20.59 11.51
N HIS A 70 14.00 -20.68 11.60
CA HIS A 70 14.77 -21.67 10.80
C HIS A 70 15.36 -22.74 11.72
N HIS A 71 14.80 -23.92 11.69
CA HIS A 71 15.31 -25.02 12.55
C HIS A 71 14.63 -26.33 12.16
N HIS A 72 15.38 -27.37 11.96
CA HIS A 72 14.78 -28.68 11.57
C HIS A 72 13.86 -28.49 10.35
N HIS A 73 13.86 -27.32 9.77
CA HIS A 73 12.99 -27.07 8.59
C HIS A 73 13.28 -28.09 7.49
N MET A 1 -5.69 13.29 -15.64
CA MET A 1 -4.73 13.71 -14.58
C MET A 1 -4.56 12.55 -13.59
N GLU A 2 -3.98 11.47 -14.04
CA GLU A 2 -3.77 10.29 -13.16
C GLU A 2 -2.54 10.50 -12.28
N VAL A 3 -2.43 9.75 -11.21
CA VAL A 3 -1.26 9.87 -10.31
C VAL A 3 -0.46 8.57 -10.35
N MET A 4 0.83 8.69 -10.54
CA MET A 4 1.70 7.47 -10.63
C MET A 4 2.39 7.22 -9.30
N VAL A 5 2.48 5.97 -8.90
CA VAL A 5 3.14 5.62 -7.61
C VAL A 5 4.15 4.51 -7.87
N PHE A 6 5.03 4.28 -6.93
CA PHE A 6 6.07 3.23 -7.09
C PHE A 6 5.96 2.20 -5.97
N THR A 7 6.12 0.95 -6.31
CA THR A 7 6.03 -0.14 -5.29
C THR A 7 7.45 -0.53 -4.87
N PRO A 8 7.57 -1.26 -3.79
CA PRO A 8 8.89 -1.71 -3.26
C PRO A 8 9.55 -2.73 -4.21
N LYS A 9 8.83 -3.20 -5.19
CA LYS A 9 9.40 -4.20 -6.14
C LYS A 9 10.04 -3.48 -7.33
N GLY A 10 9.88 -2.18 -7.39
CA GLY A 10 10.48 -1.39 -8.52
C GLY A 10 9.51 -1.34 -9.70
N GLU A 11 8.32 -1.84 -9.52
CA GLU A 11 7.33 -1.84 -10.63
C GLU A 11 6.62 -0.48 -10.70
N ILE A 12 6.02 -0.19 -11.83
CA ILE A 12 5.30 1.11 -11.99
C ILE A 12 3.80 0.88 -11.96
N LYS A 13 3.10 1.61 -11.11
CA LYS A 13 1.62 1.45 -11.01
C LYS A 13 0.97 2.82 -11.18
N ARG A 14 -0.08 2.88 -11.98
CA ARG A 14 -0.79 4.17 -12.22
C ARG A 14 -2.16 4.12 -11.57
N LEU A 15 -2.53 5.20 -10.91
CA LEU A 15 -3.87 5.25 -10.25
C LEU A 15 -4.52 6.61 -10.53
N PRO A 16 -5.82 6.67 -10.63
CA PRO A 16 -6.54 7.95 -10.91
C PRO A 16 -6.48 8.93 -9.72
N GLN A 17 -6.59 10.19 -9.99
CA GLN A 17 -6.52 11.22 -8.92
C GLN A 17 -7.54 10.93 -7.83
N GLY A 18 -7.22 11.28 -6.61
CA GLY A 18 -8.15 11.04 -5.48
C GLY A 18 -8.01 9.60 -5.00
N ALA A 19 -6.99 8.93 -5.48
CA ALA A 19 -6.78 7.51 -5.08
C ALA A 19 -6.39 7.43 -3.59
N THR A 20 -6.60 6.29 -2.98
CA THR A 20 -6.27 6.11 -1.54
C THR A 20 -5.38 4.88 -1.36
N ALA A 21 -4.80 4.75 -0.20
CA ALA A 21 -3.91 3.59 0.08
C ALA A 21 -4.67 2.29 -0.12
N LEU A 22 -5.95 2.29 0.16
CA LEU A 22 -6.76 1.06 -0.01
C LEU A 22 -6.77 0.64 -1.49
N ASP A 23 -6.93 1.60 -2.38
CA ASP A 23 -6.95 1.28 -3.83
C ASP A 23 -5.60 0.70 -4.26
N PHE A 24 -4.55 1.27 -3.78
CA PHE A 24 -3.18 0.78 -4.13
C PHE A 24 -3.00 -0.65 -3.64
N ALA A 25 -3.40 -0.94 -2.44
CA ALA A 25 -3.24 -2.32 -1.90
C ALA A 25 -3.98 -3.31 -2.79
N TYR A 26 -5.15 -2.95 -3.25
CA TYR A 26 -5.92 -3.87 -4.12
C TYR A 26 -5.18 -4.10 -5.43
N SER A 27 -4.53 -3.10 -5.93
CA SER A 27 -3.78 -3.24 -7.21
C SER A 27 -2.65 -4.26 -7.03
N LEU A 28 -2.04 -4.29 -5.88
CA LEU A 28 -0.92 -5.24 -5.63
C LEU A 28 -1.36 -6.66 -5.97
N HIS A 29 -1.61 -7.46 -4.97
CA HIS A 29 -2.03 -8.88 -5.20
C HIS A 29 -3.54 -8.97 -5.05
N SER A 30 -4.19 -7.88 -4.73
CA SER A 30 -5.67 -7.90 -4.56
C SER A 30 -6.05 -8.66 -3.30
N ASP A 31 -5.61 -9.88 -3.20
CA ASP A 31 -5.93 -10.71 -2.00
C ASP A 31 -5.26 -10.11 -0.77
N LEU A 32 -4.06 -9.62 -0.93
CA LEU A 32 -3.34 -9.02 0.23
C LEU A 32 -4.11 -7.80 0.75
N GLY A 33 -4.61 -7.00 -0.14
CA GLY A 33 -5.37 -5.79 0.29
C GLY A 33 -6.42 -6.16 1.35
N ASP A 34 -6.63 -7.42 1.57
CA ASP A 34 -7.63 -7.85 2.59
C ASP A 34 -6.93 -8.02 3.95
N HIS A 35 -5.65 -8.24 3.92
CA HIS A 35 -4.88 -8.42 5.19
C HIS A 35 -4.16 -7.11 5.53
N CYS A 36 -4.30 -6.12 4.71
CA CYS A 36 -3.63 -4.82 4.98
C CYS A 36 -4.15 -4.23 6.29
N ILE A 37 -3.28 -4.06 7.25
CA ILE A 37 -3.69 -3.48 8.57
C ILE A 37 -3.19 -2.04 8.67
N GLY A 38 -2.43 -1.60 7.71
CA GLY A 38 -1.90 -0.21 7.76
C GLY A 38 -1.18 0.13 6.45
N ALA A 39 -0.73 1.35 6.33
CA ALA A 39 -0.01 1.77 5.08
C ALA A 39 1.07 2.77 5.43
N LYS A 40 2.11 2.82 4.64
CA LYS A 40 3.23 3.79 4.92
C LYS A 40 3.59 4.51 3.62
N VAL A 41 3.53 5.82 3.63
CA VAL A 41 3.87 6.61 2.42
C VAL A 41 5.00 7.60 2.73
N ASN A 42 5.98 7.66 1.87
CA ASN A 42 7.12 8.59 2.08
C ASN A 42 7.77 8.33 3.44
N HIS A 43 7.90 7.08 3.80
CA HIS A 43 8.51 6.72 5.11
C HIS A 43 7.75 7.41 6.23
N LYS A 44 6.59 7.94 5.93
CA LYS A 44 5.77 8.65 6.96
C LYS A 44 4.45 7.89 7.16
N LEU A 45 4.07 7.71 8.40
CA LEU A 45 2.81 6.98 8.70
C LEU A 45 1.61 7.80 8.20
N VAL A 46 0.68 7.15 7.55
CA VAL A 46 -0.52 7.88 7.04
C VAL A 46 -1.75 6.96 7.14
N PRO A 47 -2.92 7.53 7.32
CA PRO A 47 -4.18 6.75 7.43
C PRO A 47 -4.57 6.07 6.10
N LEU A 48 -5.40 5.07 6.17
CA LEU A 48 -5.85 4.35 4.95
C LEU A 48 -6.61 5.31 4.03
N SER A 49 -7.39 6.19 4.60
CA SER A 49 -8.17 7.14 3.77
C SER A 49 -7.25 8.22 3.21
N TYR A 50 -5.97 8.09 3.47
CA TYR A 50 -4.99 9.11 2.98
C TYR A 50 -4.97 9.13 1.44
N VAL A 51 -4.98 10.32 0.88
CA VAL A 51 -4.97 10.45 -0.61
C VAL A 51 -3.54 10.26 -1.14
N LEU A 52 -3.39 9.41 -2.13
CA LEU A 52 -2.04 9.15 -2.70
C LEU A 52 -1.61 10.32 -3.59
N ASN A 53 -0.33 10.60 -3.64
CA ASN A 53 0.20 11.71 -4.49
C ASN A 53 1.26 11.18 -5.45
N SER A 54 1.34 11.78 -6.61
CA SER A 54 2.33 11.33 -7.63
C SER A 54 3.76 11.55 -7.14
N GLY A 55 4.62 10.61 -7.43
CA GLY A 55 6.05 10.72 -7.02
C GLY A 55 6.25 10.05 -5.65
N ASP A 56 5.24 10.07 -4.82
CA ASP A 56 5.36 9.44 -3.47
C ASP A 56 5.35 7.92 -3.57
N GLN A 57 6.05 7.28 -2.67
CA GLN A 57 6.11 5.78 -2.69
C GLN A 57 5.08 5.22 -1.72
N VAL A 58 4.44 4.13 -2.08
CA VAL A 58 3.41 3.50 -1.21
C VAL A 58 3.87 2.11 -0.78
N GLU A 59 3.77 1.82 0.49
CA GLU A 59 4.19 0.49 1.01
C GLU A 59 3.17 0.00 2.03
N VAL A 60 2.47 -1.06 1.70
CA VAL A 60 1.44 -1.59 2.63
C VAL A 60 2.10 -2.50 3.68
N LEU A 61 1.73 -2.33 4.93
CA LEU A 61 2.32 -3.18 6.00
C LEU A 61 1.39 -4.35 6.31
N SER A 62 1.67 -5.48 5.71
CA SER A 62 0.81 -6.67 5.94
C SER A 62 1.25 -7.43 7.19
N SER A 63 0.43 -8.33 7.66
CA SER A 63 0.78 -9.12 8.88
C SER A 63 1.58 -10.36 8.45
N LYS A 64 1.72 -10.55 7.17
CA LYS A 64 2.48 -11.74 6.68
C LYS A 64 3.92 -11.68 7.20
N SER A 65 4.75 -10.90 6.55
CA SER A 65 6.17 -10.80 7.01
C SER A 65 6.25 -9.92 8.26
N LEU A 66 6.37 -10.55 9.40
CA LEU A 66 6.48 -9.78 10.68
C LEU A 66 7.96 -9.65 11.04
N GLU A 67 8.83 -10.20 10.24
CA GLU A 67 10.28 -10.12 10.53
C GLU A 67 10.81 -8.77 10.03
N HIS A 68 10.91 -7.81 10.92
CA HIS A 68 11.42 -6.47 10.53
C HIS A 68 12.92 -6.40 10.84
N HIS A 69 13.41 -7.34 11.61
CA HIS A 69 14.86 -7.35 11.97
C HIS A 69 15.58 -8.40 11.12
N HIS A 70 14.91 -8.88 10.10
CA HIS A 70 15.52 -9.92 9.21
C HIS A 70 15.98 -11.11 10.03
N HIS A 71 17.23 -11.12 10.46
CA HIS A 71 17.74 -12.27 11.26
C HIS A 71 18.04 -11.82 12.69
N HIS A 72 17.76 -12.67 13.64
CA HIS A 72 18.02 -12.33 15.07
C HIS A 72 18.25 -13.61 15.86
N HIS A 73 18.80 -13.49 17.03
CA HIS A 73 19.07 -14.70 17.87
C HIS A 73 19.56 -14.24 19.25
N MET A 1 -6.59 12.92 -15.58
CA MET A 1 -5.20 12.90 -15.05
C MET A 1 -5.09 11.86 -13.94
N GLU A 2 -4.14 10.98 -14.03
CA GLU A 2 -3.97 9.92 -13.00
C GLU A 2 -2.68 10.18 -12.21
N VAL A 3 -2.52 9.51 -11.09
CA VAL A 3 -1.29 9.71 -10.26
C VAL A 3 -0.45 8.43 -10.30
N MET A 4 0.83 8.56 -10.55
CA MET A 4 1.71 7.38 -10.63
C MET A 4 2.45 7.20 -9.30
N VAL A 5 2.53 5.98 -8.82
CA VAL A 5 3.24 5.71 -7.53
C VAL A 5 4.19 4.54 -7.74
N PHE A 6 5.12 4.35 -6.83
CA PHE A 6 6.11 3.25 -6.97
C PHE A 6 5.95 2.25 -5.83
N THR A 7 6.08 0.99 -6.13
CA THR A 7 5.94 -0.06 -5.09
C THR A 7 7.36 -0.49 -4.65
N PRO A 8 7.47 -1.36 -3.67
CA PRO A 8 8.78 -1.85 -3.17
C PRO A 8 9.63 -2.46 -4.29
N LYS A 9 9.00 -3.12 -5.23
CA LYS A 9 9.75 -3.76 -6.34
C LYS A 9 10.11 -2.70 -7.39
N GLY A 10 9.65 -1.50 -7.21
CA GLY A 10 9.96 -0.41 -8.18
C GLY A 10 9.01 -0.49 -9.38
N GLU A 11 7.97 -1.28 -9.29
CA GLU A 11 7.04 -1.39 -10.43
C GLU A 11 6.21 -0.11 -10.59
N ILE A 12 5.76 0.18 -11.78
CA ILE A 12 4.96 1.41 -12.01
C ILE A 12 3.47 1.09 -11.83
N LYS A 13 2.80 1.85 -11.00
CA LYS A 13 1.34 1.62 -10.76
C LYS A 13 0.59 2.93 -10.95
N ARG A 14 -0.23 3.02 -11.95
CA ARG A 14 -0.99 4.28 -12.20
C ARG A 14 -2.41 4.12 -11.64
N LEU A 15 -2.84 5.06 -10.84
CA LEU A 15 -4.22 5.00 -10.26
C LEU A 15 -4.88 6.38 -10.44
N PRO A 16 -6.20 6.44 -10.46
CA PRO A 16 -6.92 7.74 -10.63
C PRO A 16 -6.49 8.79 -9.59
N GLN A 17 -6.46 10.03 -10.00
CA GLN A 17 -6.05 11.13 -9.07
C GLN A 17 -7.00 11.22 -7.88
N GLY A 18 -6.48 11.47 -6.72
CA GLY A 18 -7.34 11.59 -5.51
C GLY A 18 -7.62 10.19 -4.95
N ALA A 19 -6.96 9.20 -5.47
CA ALA A 19 -7.19 7.81 -4.98
C ALA A 19 -6.72 7.67 -3.53
N THR A 20 -6.87 6.50 -2.96
CA THR A 20 -6.45 6.27 -1.54
C THR A 20 -5.53 5.06 -1.44
N ALA A 21 -4.93 4.87 -0.30
CA ALA A 21 -4.01 3.71 -0.10
C ALA A 21 -4.79 2.41 -0.33
N LEU A 22 -6.07 2.43 -0.13
CA LEU A 22 -6.89 1.20 -0.33
C LEU A 22 -6.81 0.77 -1.80
N ASP A 23 -6.91 1.72 -2.69
CA ASP A 23 -6.85 1.38 -4.14
C ASP A 23 -5.47 0.80 -4.47
N PHE A 24 -4.45 1.34 -3.88
CA PHE A 24 -3.07 0.83 -4.12
C PHE A 24 -2.99 -0.62 -3.66
N ALA A 25 -3.54 -0.92 -2.50
CA ALA A 25 -3.49 -2.31 -1.98
C ALA A 25 -4.13 -3.26 -2.99
N TYR A 26 -5.27 -2.90 -3.51
CA TYR A 26 -5.96 -3.79 -4.49
C TYR A 26 -5.09 -3.93 -5.74
N SER A 27 -4.39 -2.89 -6.09
CA SER A 27 -3.52 -2.93 -7.31
C SER A 27 -2.48 -4.04 -7.15
N LEU A 28 -1.87 -4.15 -6.01
CA LEU A 28 -0.84 -5.20 -5.82
C LEU A 28 -1.49 -6.59 -5.90
N HIS A 29 -2.49 -6.83 -5.09
CA HIS A 29 -3.16 -8.16 -5.11
C HIS A 29 -4.55 -8.04 -4.46
N SER A 30 -5.17 -9.17 -4.17
CA SER A 30 -6.54 -9.15 -3.55
C SER A 30 -6.47 -9.64 -2.10
N ASP A 31 -6.05 -10.86 -1.90
CA ASP A 31 -5.96 -11.39 -0.51
C ASP A 31 -4.95 -10.59 0.28
N LEU A 32 -3.79 -10.37 -0.27
CA LEU A 32 -2.74 -9.61 0.45
C LEU A 32 -3.23 -8.17 0.65
N GLY A 33 -3.82 -7.59 -0.36
CA GLY A 33 -4.30 -6.19 -0.25
C GLY A 33 -5.43 -6.11 0.77
N ASP A 34 -6.34 -7.04 0.74
CA ASP A 34 -7.47 -7.03 1.71
C ASP A 34 -6.97 -7.43 3.10
N HIS A 35 -5.76 -7.92 3.17
CA HIS A 35 -5.19 -8.33 4.49
C HIS A 35 -4.26 -7.22 5.00
N CYS A 36 -4.47 -6.02 4.53
CA CYS A 36 -3.59 -4.90 4.97
C CYS A 36 -4.09 -4.36 6.31
N ILE A 37 -3.19 -4.20 7.25
CA ILE A 37 -3.58 -3.68 8.60
C ILE A 37 -3.18 -2.20 8.68
N GLY A 38 -2.55 -1.69 7.67
CA GLY A 38 -2.14 -0.26 7.69
C GLY A 38 -1.40 0.09 6.40
N ALA A 39 -0.86 1.28 6.31
CA ALA A 39 -0.12 1.68 5.08
C ALA A 39 0.96 2.69 5.45
N LYS A 40 2.02 2.73 4.70
CA LYS A 40 3.13 3.70 4.99
C LYS A 40 3.53 4.42 3.71
N VAL A 41 3.54 5.73 3.73
CA VAL A 41 3.92 6.51 2.51
C VAL A 41 5.09 7.45 2.84
N ASN A 42 6.09 7.46 2.00
CA ASN A 42 7.26 8.34 2.22
C ASN A 42 7.83 8.12 3.62
N HIS A 43 8.21 6.91 3.93
CA HIS A 43 8.79 6.60 5.27
C HIS A 43 8.02 7.33 6.36
N LYS A 44 6.75 7.56 6.15
CA LYS A 44 5.93 8.27 7.16
C LYS A 44 4.58 7.57 7.31
N LEU A 45 4.14 7.37 8.52
CA LEU A 45 2.84 6.69 8.73
C LEU A 45 1.69 7.56 8.22
N VAL A 46 0.77 6.98 7.50
CA VAL A 46 -0.39 7.75 6.97
C VAL A 46 -1.66 6.90 7.09
N PRO A 47 -2.80 7.52 7.25
CA PRO A 47 -4.10 6.80 7.38
C PRO A 47 -4.52 6.12 6.06
N LEU A 48 -5.39 5.16 6.14
CA LEU A 48 -5.85 4.44 4.91
C LEU A 48 -6.55 5.44 3.99
N SER A 49 -7.32 6.32 4.54
CA SER A 49 -8.06 7.31 3.70
C SER A 49 -7.07 8.37 3.19
N TYR A 50 -5.80 8.14 3.38
CA TYR A 50 -4.79 9.14 2.92
C TYR A 50 -4.77 9.20 1.40
N VAL A 51 -4.78 10.39 0.85
CA VAL A 51 -4.78 10.53 -0.63
C VAL A 51 -3.35 10.32 -1.17
N LEU A 52 -3.22 9.50 -2.16
CA LEU A 52 -1.87 9.22 -2.73
C LEU A 52 -1.40 10.41 -3.58
N ASN A 53 -0.11 10.68 -3.57
CA ASN A 53 0.44 11.82 -4.36
C ASN A 53 1.49 11.30 -5.35
N SER A 54 1.42 11.75 -6.57
CA SER A 54 2.39 11.28 -7.60
C SER A 54 3.83 11.52 -7.15
N GLY A 55 4.68 10.54 -7.35
CA GLY A 55 6.11 10.67 -6.96
C GLY A 55 6.32 10.03 -5.58
N ASP A 56 5.24 9.73 -4.89
CA ASP A 56 5.37 9.13 -3.54
C ASP A 56 5.57 7.61 -3.65
N GLN A 57 5.88 6.97 -2.55
CA GLN A 57 6.07 5.48 -2.55
C GLN A 57 5.08 4.86 -1.56
N VAL A 58 4.15 4.09 -2.03
CA VAL A 58 3.14 3.46 -1.14
C VAL A 58 3.60 2.07 -0.71
N GLU A 59 3.53 1.78 0.56
CA GLU A 59 3.94 0.43 1.06
C GLU A 59 2.87 -0.09 2.02
N VAL A 60 2.20 -1.14 1.65
CA VAL A 60 1.13 -1.70 2.53
C VAL A 60 1.74 -2.62 3.58
N LEU A 61 1.29 -2.50 4.81
CA LEU A 61 1.82 -3.36 5.90
C LEU A 61 0.85 -4.51 6.15
N SER A 62 1.34 -5.71 6.22
CA SER A 62 0.44 -6.89 6.45
C SER A 62 1.07 -7.83 7.48
N SER A 63 0.26 -8.47 8.29
CA SER A 63 0.79 -9.40 9.31
C SER A 63 0.99 -10.78 8.68
N LYS A 64 0.61 -10.92 7.44
CA LYS A 64 0.76 -12.22 6.72
C LYS A 64 0.13 -13.36 7.54
N SER A 65 -0.98 -13.88 7.08
CA SER A 65 -1.65 -15.00 7.80
C SER A 65 -0.75 -16.23 7.78
N LEU A 66 -0.05 -16.44 6.71
CA LEU A 66 0.86 -17.62 6.60
C LEU A 66 0.07 -18.91 6.84
N GLU A 67 -1.11 -18.99 6.29
CA GLU A 67 -1.94 -20.23 6.46
C GLU A 67 -2.77 -20.46 5.20
N HIS A 68 -2.12 -20.86 4.13
CA HIS A 68 -2.85 -21.11 2.86
C HIS A 68 -3.77 -22.32 3.02
N HIS A 69 -3.33 -23.33 3.73
CA HIS A 69 -4.18 -24.54 3.91
C HIS A 69 -5.48 -24.16 4.60
N HIS A 70 -6.59 -24.62 4.08
CA HIS A 70 -7.93 -24.29 4.67
C HIS A 70 -8.55 -25.55 5.28
N HIS A 71 -9.23 -25.40 6.38
CA HIS A 71 -9.87 -26.56 7.05
C HIS A 71 -11.23 -26.13 7.60
N HIS A 72 -11.99 -25.40 6.82
CA HIS A 72 -13.33 -24.94 7.30
C HIS A 72 -14.26 -24.74 6.10
N HIS A 73 -15.53 -24.65 6.35
CA HIS A 73 -16.50 -24.45 5.23
C HIS A 73 -17.88 -24.14 5.82
N MET A 1 -7.20 13.19 -14.25
CA MET A 1 -5.73 13.17 -13.99
C MET A 1 -5.36 11.85 -13.31
N GLU A 2 -4.18 11.36 -13.57
CA GLU A 2 -3.72 10.07 -12.94
C GLU A 2 -2.50 10.34 -12.07
N VAL A 3 -2.34 9.57 -11.02
CA VAL A 3 -1.16 9.76 -10.10
C VAL A 3 -0.25 8.54 -10.22
N MET A 4 1.03 8.77 -10.40
CA MET A 4 1.99 7.64 -10.54
C MET A 4 2.66 7.37 -9.19
N VAL A 5 2.78 6.12 -8.83
CA VAL A 5 3.43 5.76 -7.52
C VAL A 5 4.46 4.65 -7.77
N PHE A 6 5.33 4.40 -6.82
CA PHE A 6 6.38 3.35 -6.99
C PHE A 6 6.09 2.17 -6.05
N THR A 7 6.31 0.98 -6.52
CA THR A 7 6.08 -0.24 -5.69
C THR A 7 7.40 -0.68 -5.06
N PRO A 8 7.38 -1.30 -3.91
CA PRO A 8 8.63 -1.76 -3.24
C PRO A 8 9.38 -2.77 -4.14
N LYS A 9 8.70 -3.33 -5.10
CA LYS A 9 9.36 -4.29 -6.02
C LYS A 9 10.02 -3.53 -7.17
N GLY A 10 9.84 -2.24 -7.22
CA GLY A 10 10.46 -1.43 -8.31
C GLY A 10 9.48 -1.25 -9.47
N GLU A 11 8.29 -1.77 -9.35
CA GLU A 11 7.29 -1.64 -10.45
C GLU A 11 6.50 -0.34 -10.25
N ILE A 12 5.95 0.21 -11.30
CA ILE A 12 5.15 1.48 -11.18
C ILE A 12 3.66 1.14 -11.33
N LYS A 13 2.82 1.78 -10.55
CA LYS A 13 1.34 1.52 -10.65
C LYS A 13 0.64 2.84 -10.90
N ARG A 14 -0.25 2.88 -11.84
CA ARG A 14 -0.98 4.15 -12.17
C ARG A 14 -2.40 4.09 -11.59
N LEU A 15 -2.83 5.13 -10.93
CA LEU A 15 -4.21 5.14 -10.34
C LEU A 15 -4.88 6.48 -10.70
N PRO A 16 -6.19 6.49 -10.87
CA PRO A 16 -6.93 7.74 -11.22
C PRO A 16 -6.96 8.75 -10.06
N GLN A 17 -7.17 10.00 -10.36
CA GLN A 17 -7.19 11.04 -9.28
C GLN A 17 -8.21 10.66 -8.21
N GLY A 18 -7.96 11.04 -6.98
CA GLY A 18 -8.91 10.71 -5.88
C GLY A 18 -8.62 9.30 -5.37
N ALA A 19 -7.54 8.71 -5.79
CA ALA A 19 -7.20 7.33 -5.34
C ALA A 19 -6.78 7.37 -3.86
N THR A 20 -6.94 6.27 -3.17
CA THR A 20 -6.56 6.22 -1.72
C THR A 20 -5.62 5.03 -1.47
N ALA A 21 -5.11 4.92 -0.28
CA ALA A 21 -4.17 3.79 0.04
C ALA A 21 -4.87 2.45 -0.22
N LEU A 22 -6.15 2.37 0.03
CA LEU A 22 -6.87 1.09 -0.19
C LEU A 22 -6.80 0.69 -1.67
N ASP A 23 -6.98 1.64 -2.55
CA ASP A 23 -6.93 1.31 -4.02
C ASP A 23 -5.57 0.72 -4.37
N PHE A 24 -4.51 1.30 -3.86
CA PHE A 24 -3.15 0.77 -4.17
C PHE A 24 -3.04 -0.67 -3.67
N ALA A 25 -3.49 -0.95 -2.48
CA ALA A 25 -3.41 -2.33 -1.95
C ALA A 25 -4.13 -3.29 -2.91
N TYR A 26 -5.29 -2.93 -3.37
CA TYR A 26 -6.03 -3.84 -4.30
C TYR A 26 -5.24 -4.00 -5.60
N SER A 27 -4.59 -2.96 -6.05
CA SER A 27 -3.80 -3.07 -7.32
C SER A 27 -2.75 -4.17 -7.18
N LEU A 28 -2.09 -4.26 -6.06
CA LEU A 28 -1.05 -5.31 -5.89
C LEU A 28 -1.71 -6.69 -5.91
N HIS A 29 -2.35 -7.07 -4.84
CA HIS A 29 -3.01 -8.41 -4.77
C HIS A 29 -4.34 -8.31 -4.03
N SER A 30 -5.02 -9.40 -3.87
CA SER A 30 -6.33 -9.39 -3.15
C SER A 30 -6.12 -9.90 -1.72
N ASP A 31 -5.54 -11.06 -1.57
CA ASP A 31 -5.32 -11.61 -0.21
C ASP A 31 -4.37 -10.68 0.57
N LEU A 32 -3.31 -10.25 -0.05
CA LEU A 32 -2.35 -9.36 0.65
C LEU A 32 -3.06 -8.04 1.00
N GLY A 33 -3.81 -7.51 0.08
CA GLY A 33 -4.52 -6.21 0.34
C GLY A 33 -5.59 -6.42 1.42
N ASP A 34 -6.27 -7.54 1.39
CA ASP A 34 -7.31 -7.77 2.43
C ASP A 34 -6.65 -8.02 3.78
N HIS A 35 -5.35 -8.22 3.77
CA HIS A 35 -4.61 -8.46 5.06
C HIS A 35 -3.83 -7.19 5.43
N CYS A 36 -4.13 -6.09 4.79
CA CYS A 36 -3.41 -4.83 5.09
C CYS A 36 -3.89 -4.27 6.43
N ILE A 37 -2.99 -4.12 7.38
CA ILE A 37 -3.38 -3.57 8.72
C ILE A 37 -2.97 -2.09 8.81
N GLY A 38 -2.32 -1.59 7.79
CA GLY A 38 -1.90 -0.16 7.81
C GLY A 38 -1.26 0.20 6.47
N ALA A 39 -0.79 1.43 6.34
CA ALA A 39 -0.16 1.85 5.06
C ALA A 39 0.85 2.97 5.34
N LYS A 40 1.88 3.08 4.55
CA LYS A 40 2.91 4.14 4.77
C LYS A 40 3.26 4.78 3.42
N VAL A 41 3.30 6.09 3.37
CA VAL A 41 3.63 6.81 2.09
C VAL A 41 4.88 7.67 2.32
N ASN A 42 5.84 7.58 1.44
CA ASN A 42 7.08 8.39 1.60
C ASN A 42 7.71 8.09 2.97
N HIS A 43 7.77 6.84 3.33
CA HIS A 43 8.38 6.46 4.65
C HIS A 43 7.69 7.23 5.78
N LYS A 44 6.54 7.81 5.51
CA LYS A 44 5.81 8.57 6.58
C LYS A 44 4.49 7.85 6.90
N LEU A 45 4.16 7.74 8.15
CA LEU A 45 2.90 7.05 8.54
C LEU A 45 1.70 7.85 8.06
N VAL A 46 0.71 7.21 7.49
CA VAL A 46 -0.50 7.94 7.01
C VAL A 46 -1.72 7.00 7.11
N PRO A 47 -2.90 7.54 7.30
CA PRO A 47 -4.14 6.72 7.42
C PRO A 47 -4.53 6.04 6.10
N LEU A 48 -5.37 5.04 6.18
CA LEU A 48 -5.78 4.30 4.95
C LEU A 48 -6.52 5.27 4.00
N SER A 49 -7.34 6.12 4.53
CA SER A 49 -8.09 7.08 3.66
C SER A 49 -7.15 8.18 3.18
N TYR A 50 -5.87 8.02 3.40
CA TYR A 50 -4.91 9.07 2.96
C TYR A 50 -4.86 9.12 1.44
N VAL A 51 -4.88 10.30 0.87
CA VAL A 51 -4.85 10.43 -0.61
C VAL A 51 -3.41 10.23 -1.12
N LEU A 52 -3.25 9.41 -2.12
CA LEU A 52 -1.88 9.16 -2.66
C LEU A 52 -1.40 10.36 -3.48
N ASN A 53 -0.12 10.61 -3.50
CA ASN A 53 0.44 11.77 -4.26
C ASN A 53 1.48 11.27 -5.27
N SER A 54 1.56 11.90 -6.42
CA SER A 54 2.54 11.46 -7.46
C SER A 54 3.98 11.67 -6.97
N GLY A 55 4.87 10.78 -7.33
CA GLY A 55 6.29 10.92 -6.91
C GLY A 55 6.52 10.22 -5.57
N ASP A 56 5.59 10.34 -4.65
CA ASP A 56 5.75 9.69 -3.33
C ASP A 56 5.62 8.17 -3.48
N GLN A 57 6.35 7.42 -2.71
CA GLN A 57 6.27 5.93 -2.80
C GLN A 57 5.15 5.43 -1.88
N VAL A 58 4.51 4.34 -2.24
CA VAL A 58 3.40 3.79 -1.40
C VAL A 58 3.78 2.40 -0.89
N GLU A 59 3.62 2.17 0.38
CA GLU A 59 3.96 0.83 0.97
C GLU A 59 2.78 0.36 1.83
N VAL A 60 2.45 -0.90 1.76
CA VAL A 60 1.30 -1.44 2.58
C VAL A 60 1.85 -2.33 3.69
N LEU A 61 1.42 -2.11 4.90
CA LEU A 61 1.92 -2.94 6.04
C LEU A 61 1.02 -4.18 6.19
N SER A 62 1.62 -5.32 6.41
CA SER A 62 0.84 -6.58 6.57
C SER A 62 1.30 -7.32 7.83
N SER A 63 0.46 -8.15 8.38
CA SER A 63 0.84 -8.89 9.61
C SER A 63 1.74 -10.07 9.22
N LYS A 64 1.97 -10.24 7.95
CA LYS A 64 2.82 -11.37 7.49
C LYS A 64 4.30 -11.05 7.74
N SER A 65 5.06 -12.05 8.09
CA SER A 65 6.52 -11.84 8.36
C SER A 65 7.22 -11.36 7.08
N LEU A 66 6.95 -10.15 6.67
CA LEU A 66 7.60 -9.61 5.44
C LEU A 66 8.92 -8.93 5.83
N GLU A 67 9.23 -8.90 7.10
CA GLU A 67 10.50 -8.25 7.54
C GLU A 67 11.65 -9.26 7.45
N HIS A 68 11.35 -10.49 7.12
CA HIS A 68 12.42 -11.54 7.01
C HIS A 68 12.64 -11.89 5.53
N HIS A 69 13.83 -11.65 5.03
CA HIS A 69 14.12 -11.96 3.61
C HIS A 69 13.88 -13.45 3.34
N HIS A 70 14.79 -14.29 3.75
CA HIS A 70 14.62 -15.75 3.51
C HIS A 70 14.19 -16.00 2.06
N HIS A 71 14.41 -15.03 1.21
CA HIS A 71 14.04 -15.17 -0.23
C HIS A 71 12.53 -15.44 -0.37
N HIS A 72 12.08 -16.60 0.01
CA HIS A 72 10.63 -16.90 -0.11
C HIS A 72 9.83 -16.08 0.90
N HIS A 73 8.72 -15.52 0.48
CA HIS A 73 7.89 -14.70 1.41
C HIS A 73 6.97 -15.62 2.21
N MET A 1 -3.91 13.99 -15.07
CA MET A 1 -5.00 13.93 -14.07
C MET A 1 -4.82 12.70 -13.19
N GLU A 2 -4.05 11.75 -13.66
CA GLU A 2 -3.81 10.51 -12.87
C GLU A 2 -2.59 10.68 -11.98
N VAL A 3 -2.46 9.83 -10.99
CA VAL A 3 -1.30 9.91 -10.06
C VAL A 3 -0.45 8.65 -10.18
N MET A 4 0.83 8.82 -10.34
CA MET A 4 1.76 7.66 -10.49
C MET A 4 2.46 7.38 -9.15
N VAL A 5 2.54 6.13 -8.80
CA VAL A 5 3.21 5.72 -7.53
C VAL A 5 4.21 4.60 -7.80
N PHE A 6 5.09 4.36 -6.85
CA PHE A 6 6.12 3.30 -7.04
C PHE A 6 6.02 2.27 -5.92
N THR A 7 6.16 1.04 -6.27
CA THR A 7 6.10 -0.07 -5.27
C THR A 7 7.53 -0.48 -4.91
N PRO A 8 7.69 -1.22 -3.84
CA PRO A 8 9.03 -1.70 -3.39
C PRO A 8 9.65 -2.68 -4.39
N LYS A 9 8.86 -3.17 -5.30
CA LYS A 9 9.37 -4.14 -6.32
C LYS A 9 10.00 -3.37 -7.48
N GLY A 10 9.91 -2.07 -7.47
CA GLY A 10 10.51 -1.25 -8.56
C GLY A 10 9.53 -1.17 -9.74
N GLU A 11 8.33 -1.65 -9.56
CA GLU A 11 7.33 -1.63 -10.66
C GLU A 11 6.60 -0.29 -10.69
N ILE A 12 6.02 0.02 -11.81
CA ILE A 12 5.28 1.31 -11.96
C ILE A 12 3.78 1.05 -11.94
N LYS A 13 3.08 1.77 -11.10
CA LYS A 13 1.60 1.60 -10.99
C LYS A 13 0.92 2.96 -11.13
N ARG A 14 -0.23 2.96 -11.73
CA ARG A 14 -0.99 4.23 -11.94
C ARG A 14 -2.38 4.11 -11.36
N LEU A 15 -2.81 5.14 -10.66
CA LEU A 15 -4.17 5.13 -10.04
C LEU A 15 -4.92 6.41 -10.47
N PRO A 16 -6.21 6.33 -10.60
CA PRO A 16 -7.05 7.51 -10.99
C PRO A 16 -7.11 8.58 -9.91
N GLN A 17 -7.42 9.79 -10.29
CA GLN A 17 -7.49 10.91 -9.32
C GLN A 17 -8.42 10.55 -8.15
N GLY A 18 -8.03 10.97 -6.98
CA GLY A 18 -8.86 10.68 -5.77
C GLY A 18 -8.55 9.28 -5.25
N ALA A 19 -7.54 8.65 -5.80
CA ALA A 19 -7.18 7.27 -5.36
C ALA A 19 -6.59 7.30 -3.96
N THR A 20 -6.77 6.22 -3.23
CA THR A 20 -6.24 6.14 -1.84
C THR A 20 -5.40 4.87 -1.67
N ALA A 21 -4.78 4.75 -0.54
CA ALA A 21 -3.91 3.57 -0.24
C ALA A 21 -4.74 2.28 -0.40
N LEU A 22 -6.02 2.37 -0.18
CA LEU A 22 -6.89 1.17 -0.29
C LEU A 22 -6.86 0.66 -1.74
N ASP A 23 -6.99 1.54 -2.67
CA ASP A 23 -6.98 1.13 -4.12
C ASP A 23 -5.60 0.56 -4.46
N PHE A 24 -4.57 1.16 -3.95
CA PHE A 24 -3.19 0.69 -4.23
C PHE A 24 -3.01 -0.75 -3.73
N ALA A 25 -3.50 -1.04 -2.56
CA ALA A 25 -3.36 -2.42 -2.01
C ALA A 25 -4.10 -3.40 -2.92
N TYR A 26 -5.24 -2.99 -3.42
CA TYR A 26 -6.02 -3.88 -4.33
C TYR A 26 -5.28 -4.05 -5.65
N SER A 27 -4.63 -3.01 -6.11
CA SER A 27 -3.89 -3.09 -7.40
C SER A 27 -2.81 -4.18 -7.31
N LEU A 28 -2.17 -4.28 -6.18
CA LEU A 28 -1.11 -5.31 -6.00
C LEU A 28 -1.75 -6.69 -5.92
N HIS A 29 -2.35 -7.02 -4.80
CA HIS A 29 -2.99 -8.36 -4.65
C HIS A 29 -4.31 -8.22 -3.88
N SER A 30 -4.98 -9.32 -3.66
CA SER A 30 -6.30 -9.28 -2.94
C SER A 30 -6.12 -9.72 -1.48
N ASP A 31 -5.64 -10.92 -1.26
CA ASP A 31 -5.46 -11.42 0.13
C ASP A 31 -4.45 -10.55 0.88
N LEU A 32 -3.35 -10.23 0.24
CA LEU A 32 -2.32 -9.39 0.90
C LEU A 32 -2.91 -8.01 1.20
N GLY A 33 -3.59 -7.45 0.24
CA GLY A 33 -4.20 -6.10 0.44
C GLY A 33 -5.31 -6.18 1.48
N ASP A 34 -6.04 -7.26 1.49
CA ASP A 34 -7.15 -7.43 2.47
C ASP A 34 -6.59 -7.48 3.88
N HIS A 35 -5.44 -8.09 4.02
CA HIS A 35 -4.81 -8.22 5.37
C HIS A 35 -4.04 -6.93 5.70
N CYS A 36 -4.37 -5.85 5.04
CA CYS A 36 -3.66 -4.57 5.31
C CYS A 36 -4.19 -3.96 6.61
N ILE A 37 -3.33 -3.76 7.56
CA ILE A 37 -3.74 -3.16 8.87
C ILE A 37 -3.32 -1.70 8.89
N GLY A 38 -2.62 -1.26 7.88
CA GLY A 38 -2.18 0.16 7.83
C GLY A 38 -1.44 0.43 6.52
N ALA A 39 -1.02 1.65 6.32
CA ALA A 39 -0.30 2.01 5.07
C ALA A 39 0.83 2.99 5.38
N LYS A 40 1.90 2.92 4.63
CA LYS A 40 3.05 3.82 4.85
C LYS A 40 3.46 4.48 3.53
N VAL A 41 3.43 5.79 3.51
CA VAL A 41 3.81 6.55 2.29
C VAL A 41 4.97 7.48 2.59
N ASN A 42 5.97 7.46 1.75
CA ASN A 42 7.17 8.33 1.95
C ASN A 42 7.76 8.08 3.33
N HIS A 43 7.87 6.83 3.70
CA HIS A 43 8.44 6.47 5.03
C HIS A 43 7.66 7.16 6.14
N LYS A 44 6.50 7.67 5.83
CA LYS A 44 5.66 8.37 6.85
C LYS A 44 4.33 7.63 7.01
N LEU A 45 3.93 7.43 8.24
CA LEU A 45 2.66 6.70 8.51
C LEU A 45 1.47 7.55 8.07
N VAL A 46 0.54 6.94 7.39
CA VAL A 46 -0.67 7.69 6.92
C VAL A 46 -1.89 6.76 6.94
N PRO A 47 -3.06 7.31 7.16
CA PRO A 47 -4.33 6.53 7.19
C PRO A 47 -4.68 5.91 5.83
N LEU A 48 -5.56 4.96 5.84
CA LEU A 48 -5.99 4.29 4.57
C LEU A 48 -6.66 5.31 3.66
N SER A 49 -7.47 6.17 4.22
CA SER A 49 -8.17 7.19 3.38
C SER A 49 -7.20 8.29 2.96
N TYR A 50 -5.94 8.10 3.23
CA TYR A 50 -4.92 9.12 2.85
C TYR A 50 -4.80 9.19 1.33
N VAL A 51 -4.77 10.38 0.80
CA VAL A 51 -4.66 10.55 -0.69
C VAL A 51 -3.21 10.36 -1.12
N LEU A 52 -3.01 9.54 -2.12
CA LEU A 52 -1.64 9.27 -2.62
C LEU A 52 -1.14 10.45 -3.46
N ASN A 53 0.14 10.73 -3.37
CA ASN A 53 0.74 11.86 -4.15
C ASN A 53 1.73 11.32 -5.17
N SER A 54 1.81 11.97 -6.30
CA SER A 54 2.75 11.55 -7.37
C SER A 54 4.19 11.73 -6.92
N GLY A 55 5.02 10.78 -7.26
CA GLY A 55 6.47 10.84 -6.89
C GLY A 55 6.69 10.12 -5.56
N ASP A 56 5.71 10.17 -4.69
CA ASP A 56 5.85 9.50 -3.36
C ASP A 56 5.73 7.99 -3.49
N GLN A 57 6.46 7.27 -2.69
CA GLN A 57 6.42 5.79 -2.71
C GLN A 57 5.29 5.30 -1.82
N VAL A 58 4.65 4.23 -2.21
CA VAL A 58 3.52 3.67 -1.41
C VAL A 58 3.85 2.26 -0.95
N GLU A 59 3.63 1.99 0.30
CA GLU A 59 3.90 0.64 0.86
C GLU A 59 2.74 0.22 1.76
N VAL A 60 2.38 -1.04 1.71
CA VAL A 60 1.24 -1.55 2.54
C VAL A 60 1.78 -2.47 3.63
N LEU A 61 1.33 -2.24 4.84
CA LEU A 61 1.79 -3.07 5.99
C LEU A 61 0.75 -4.14 6.31
N SER A 62 1.19 -5.36 6.46
CA SER A 62 0.26 -6.48 6.77
C SER A 62 0.83 -7.32 7.90
N SER A 63 0.02 -7.61 8.88
CA SER A 63 0.48 -8.43 10.04
C SER A 63 0.11 -9.90 9.79
N LYS A 64 -0.51 -10.17 8.66
CA LYS A 64 -0.90 -11.57 8.32
C LYS A 64 -1.77 -12.14 9.43
N SER A 65 -2.71 -11.37 9.90
CA SER A 65 -3.62 -11.82 11.00
C SER A 65 -4.37 -13.08 10.57
N LEU A 66 -5.54 -13.26 11.10
CA LEU A 66 -6.37 -14.46 10.78
C LEU A 66 -5.50 -15.71 10.87
N GLU A 67 -5.37 -16.22 12.05
CA GLU A 67 -4.55 -17.45 12.28
C GLU A 67 -5.35 -18.69 11.94
N HIS A 68 -4.72 -19.63 11.27
CA HIS A 68 -5.41 -20.89 10.89
C HIS A 68 -5.27 -21.93 11.99
N HIS A 69 -6.22 -22.82 12.06
CA HIS A 69 -6.22 -23.89 13.10
C HIS A 69 -6.49 -23.27 14.47
N HIS A 70 -5.78 -22.22 14.79
CA HIS A 70 -5.95 -21.54 16.10
C HIS A 70 -6.14 -22.58 17.21
N HIS A 71 -5.40 -23.64 17.12
CA HIS A 71 -5.48 -24.74 18.14
C HIS A 71 -6.94 -25.09 18.45
N HIS A 72 -7.15 -25.99 19.37
CA HIS A 72 -8.54 -26.41 19.73
C HIS A 72 -9.27 -25.23 20.38
N HIS A 73 -8.59 -24.50 21.22
CA HIS A 73 -9.24 -23.33 21.89
C HIS A 73 -8.15 -22.39 22.44
N MET A 1 -6.15 13.19 -15.15
CA MET A 1 -4.82 13.38 -14.48
C MET A 1 -4.58 12.23 -13.51
N GLU A 2 -3.99 11.16 -13.99
CA GLU A 2 -3.72 9.99 -13.12
C GLU A 2 -2.52 10.27 -12.22
N VAL A 3 -2.36 9.48 -11.18
CA VAL A 3 -1.21 9.67 -10.24
C VAL A 3 -0.30 8.46 -10.32
N MET A 4 0.98 8.68 -10.47
CA MET A 4 1.95 7.55 -10.58
C MET A 4 2.55 7.27 -9.21
N VAL A 5 2.61 6.02 -8.83
CA VAL A 5 3.19 5.63 -7.51
C VAL A 5 4.18 4.49 -7.71
N PHE A 6 5.03 4.24 -6.74
CA PHE A 6 6.04 3.16 -6.87
C PHE A 6 5.89 2.18 -5.72
N THR A 7 6.03 0.92 -5.99
CA THR A 7 5.89 -0.13 -4.93
C THR A 7 7.29 -0.56 -4.49
N PRO A 8 7.39 -1.41 -3.49
CA PRO A 8 8.71 -1.91 -2.98
C PRO A 8 9.52 -2.59 -4.09
N LYS A 9 8.83 -3.19 -5.04
CA LYS A 9 9.55 -3.89 -6.14
C LYS A 9 9.97 -2.87 -7.20
N GLY A 10 9.60 -1.63 -7.01
CA GLY A 10 9.98 -0.57 -7.99
C GLY A 10 9.01 -0.60 -9.18
N GLU A 11 7.96 -1.36 -9.06
CA GLU A 11 6.98 -1.44 -10.19
C GLU A 11 6.22 -0.12 -10.32
N ILE A 12 5.77 0.17 -11.52
CA ILE A 12 5.02 1.44 -11.75
C ILE A 12 3.52 1.15 -11.81
N LYS A 13 2.75 1.77 -10.95
CA LYS A 13 1.27 1.53 -10.95
C LYS A 13 0.56 2.88 -11.03
N ARG A 14 -0.40 2.99 -11.92
CA ARG A 14 -1.16 4.26 -12.07
C ARG A 14 -2.56 4.08 -11.52
N LEU A 15 -3.04 5.03 -10.75
CA LEU A 15 -4.42 4.93 -10.17
C LEU A 15 -5.21 6.19 -10.53
N PRO A 16 -6.52 6.13 -10.52
CA PRO A 16 -7.39 7.30 -10.84
C PRO A 16 -7.14 8.48 -9.88
N GLN A 17 -7.34 9.68 -10.36
CA GLN A 17 -7.10 10.88 -9.49
C GLN A 17 -7.92 10.77 -8.20
N GLY A 18 -7.33 11.12 -7.09
CA GLY A 18 -8.05 11.04 -5.79
C GLY A 18 -7.96 9.61 -5.23
N ALA A 19 -7.11 8.81 -5.79
CA ALA A 19 -6.98 7.40 -5.31
C ALA A 19 -6.44 7.39 -3.88
N THR A 20 -6.66 6.30 -3.18
CA THR A 20 -6.17 6.19 -1.76
C THR A 20 -5.34 4.92 -1.59
N ALA A 21 -4.73 4.77 -0.45
CA ALA A 21 -3.89 3.58 -0.19
C ALA A 21 -4.73 2.31 -0.34
N LEU A 22 -6.01 2.40 -0.12
CA LEU A 22 -6.86 1.18 -0.24
C LEU A 22 -6.82 0.66 -1.69
N ASP A 23 -6.96 1.55 -2.64
CA ASP A 23 -6.93 1.13 -4.06
C ASP A 23 -5.55 0.60 -4.40
N PHE A 24 -4.52 1.22 -3.88
CA PHE A 24 -3.14 0.75 -4.16
C PHE A 24 -2.95 -0.68 -3.66
N ALA A 25 -3.42 -0.97 -2.48
CA ALA A 25 -3.27 -2.35 -1.93
C ALA A 25 -4.02 -3.34 -2.82
N TYR A 26 -5.18 -2.96 -3.30
CA TYR A 26 -5.97 -3.86 -4.17
C TYR A 26 -5.24 -4.05 -5.51
N SER A 27 -4.60 -3.03 -5.99
CA SER A 27 -3.88 -3.13 -7.28
C SER A 27 -2.80 -4.22 -7.19
N LEU A 28 -2.08 -4.24 -6.11
CA LEU A 28 -1.01 -5.28 -5.95
C LEU A 28 -1.64 -6.66 -5.90
N HIS A 29 -2.26 -7.01 -4.80
CA HIS A 29 -2.89 -8.36 -4.67
C HIS A 29 -4.27 -8.23 -4.02
N SER A 30 -4.95 -9.32 -3.85
CA SER A 30 -6.31 -9.30 -3.22
C SER A 30 -6.20 -9.76 -1.77
N ASP A 31 -5.67 -10.93 -1.55
CA ASP A 31 -5.55 -11.45 -0.15
C ASP A 31 -4.55 -10.59 0.63
N LEU A 32 -3.46 -10.22 0.01
CA LEU A 32 -2.44 -9.40 0.73
C LEU A 32 -3.05 -8.03 1.07
N GLY A 33 -3.75 -7.45 0.13
CA GLY A 33 -4.37 -6.12 0.39
C GLY A 33 -5.45 -6.26 1.45
N ASP A 34 -6.18 -7.34 1.43
CA ASP A 34 -7.25 -7.54 2.44
C ASP A 34 -6.62 -7.80 3.81
N HIS A 35 -5.33 -8.04 3.83
CA HIS A 35 -4.62 -8.30 5.12
C HIS A 35 -3.83 -7.06 5.50
N CYS A 36 -4.12 -5.95 4.87
CA CYS A 36 -3.38 -4.70 5.19
C CYS A 36 -3.91 -4.10 6.50
N ILE A 37 -3.04 -3.89 7.45
CA ILE A 37 -3.46 -3.31 8.76
C ILE A 37 -3.07 -1.84 8.81
N GLY A 38 -2.39 -1.35 7.80
CA GLY A 38 -1.98 0.08 7.81
C GLY A 38 -1.32 0.44 6.47
N ALA A 39 -0.97 1.69 6.30
CA ALA A 39 -0.32 2.13 5.03
C ALA A 39 0.83 3.07 5.35
N LYS A 40 1.88 3.05 4.56
CA LYS A 40 3.04 3.95 4.82
C LYS A 40 3.44 4.62 3.52
N VAL A 41 3.43 5.93 3.49
CA VAL A 41 3.80 6.68 2.25
C VAL A 41 4.97 7.61 2.55
N ASN A 42 5.96 7.62 1.69
CA ASN A 42 7.14 8.50 1.91
C ASN A 42 7.78 8.20 3.27
N HIS A 43 7.92 6.93 3.58
CA HIS A 43 8.54 6.52 4.87
C HIS A 43 7.79 7.17 6.04
N LYS A 44 6.58 7.63 5.79
CA LYS A 44 5.78 8.27 6.88
C LYS A 44 4.45 7.54 7.05
N LEU A 45 4.02 7.41 8.27
CA LEU A 45 2.73 6.70 8.53
C LEU A 45 1.56 7.55 8.06
N VAL A 46 0.64 6.95 7.33
CA VAL A 46 -0.55 7.72 6.84
C VAL A 46 -1.78 6.80 6.88
N PRO A 47 -2.95 7.36 7.08
CA PRO A 47 -4.22 6.57 7.13
C PRO A 47 -4.59 5.94 5.78
N LEU A 48 -5.45 4.96 5.81
CA LEU A 48 -5.89 4.28 4.56
C LEU A 48 -6.61 5.30 3.67
N SER A 49 -7.40 6.15 4.27
CA SER A 49 -8.14 7.17 3.47
C SER A 49 -7.17 8.26 3.02
N TYR A 50 -5.89 8.05 3.22
CA TYR A 50 -4.89 9.06 2.80
C TYR A 50 -4.84 9.16 1.27
N VAL A 51 -4.84 10.35 0.74
CA VAL A 51 -4.80 10.52 -0.73
C VAL A 51 -3.37 10.32 -1.24
N LEU A 52 -3.21 9.52 -2.27
CA LEU A 52 -1.85 9.25 -2.82
C LEU A 52 -1.34 10.45 -3.61
N ASN A 53 -0.04 10.66 -3.61
CA ASN A 53 0.56 11.81 -4.36
C ASN A 53 1.62 11.28 -5.32
N SER A 54 1.73 11.91 -6.46
CA SER A 54 2.72 11.45 -7.49
C SER A 54 4.16 11.65 -7.00
N GLY A 55 5.04 10.74 -7.36
CA GLY A 55 6.46 10.85 -6.95
C GLY A 55 6.67 10.14 -5.61
N ASP A 56 5.65 10.12 -4.79
CA ASP A 56 5.78 9.46 -3.46
C ASP A 56 5.75 7.94 -3.60
N GLN A 57 6.36 7.26 -2.67
CA GLN A 57 6.39 5.77 -2.72
C GLN A 57 5.29 5.23 -1.80
N VAL A 58 4.45 4.35 -2.29
CA VAL A 58 3.36 3.79 -1.46
C VAL A 58 3.69 2.36 -1.05
N GLU A 59 3.54 2.06 0.22
CA GLU A 59 3.84 0.69 0.72
C GLU A 59 2.73 0.25 1.67
N VAL A 60 2.38 -1.00 1.66
CA VAL A 60 1.29 -1.51 2.55
C VAL A 60 1.88 -2.39 3.65
N LEU A 61 1.49 -2.16 4.87
CA LEU A 61 2.03 -2.97 6.01
C LEU A 61 1.06 -4.11 6.31
N SER A 62 1.56 -5.32 6.39
CA SER A 62 0.69 -6.50 6.67
C SER A 62 1.33 -7.37 7.74
N SER A 63 0.61 -7.65 8.78
CA SER A 63 1.16 -8.51 9.88
C SER A 63 1.40 -9.93 9.36
N LYS A 64 0.57 -10.39 8.47
CA LYS A 64 0.74 -11.77 7.93
C LYS A 64 1.95 -11.82 6.99
N SER A 65 2.78 -12.82 7.15
CA SER A 65 3.98 -12.96 6.29
C SER A 65 4.45 -14.41 6.32
N LEU A 66 4.35 -15.03 7.46
CA LEU A 66 4.79 -16.46 7.59
C LEU A 66 3.55 -17.36 7.70
N GLU A 67 2.38 -16.78 7.63
CA GLU A 67 1.13 -17.57 7.73
C GLU A 67 1.13 -18.41 9.01
N HIS A 68 1.03 -19.71 8.87
CA HIS A 68 1.00 -20.60 10.05
C HIS A 68 -0.01 -20.07 11.07
N HIS A 69 -0.82 -19.13 10.66
CA HIS A 69 -1.84 -18.56 11.59
C HIS A 69 -2.90 -19.62 11.91
N HIS A 70 -3.27 -20.40 10.92
CA HIS A 70 -4.29 -21.46 11.16
C HIS A 70 -5.51 -20.86 11.86
N HIS A 71 -6.43 -20.33 11.09
CA HIS A 71 -7.64 -19.70 11.68
C HIS A 71 -8.58 -20.78 12.23
N HIS A 72 -9.33 -20.46 13.25
CA HIS A 72 -10.27 -21.44 13.85
C HIS A 72 -11.31 -21.86 12.80
N HIS A 73 -11.78 -20.91 12.03
CA HIS A 73 -12.80 -21.24 10.98
C HIS A 73 -13.87 -22.16 11.56
N MET A 1 -6.45 13.32 -14.83
CA MET A 1 -5.06 13.45 -14.29
C MET A 1 -4.78 12.26 -13.36
N GLU A 2 -4.19 11.22 -13.89
CA GLU A 2 -3.89 10.02 -13.07
C GLU A 2 -2.61 10.25 -12.26
N VAL A 3 -2.42 9.51 -11.19
CA VAL A 3 -1.18 9.66 -10.36
C VAL A 3 -0.43 8.33 -10.32
N MET A 4 0.85 8.36 -10.57
CA MET A 4 1.66 7.12 -10.56
C MET A 4 2.36 6.96 -9.21
N VAL A 5 2.55 5.75 -8.78
CA VAL A 5 3.23 5.50 -7.46
C VAL A 5 4.34 4.48 -7.68
N PHE A 6 5.28 4.41 -6.77
CA PHE A 6 6.41 3.45 -6.91
C PHE A 6 6.28 2.33 -5.88
N THR A 7 6.19 1.11 -6.35
CA THR A 7 6.06 -0.04 -5.41
C THR A 7 7.47 -0.51 -5.02
N PRO A 8 7.63 -1.14 -3.88
CA PRO A 8 8.95 -1.64 -3.41
C PRO A 8 9.55 -2.64 -4.41
N LYS A 9 8.74 -3.10 -5.33
CA LYS A 9 9.24 -4.06 -6.36
C LYS A 9 9.90 -3.28 -7.51
N GLY A 10 9.84 -1.97 -7.45
CA GLY A 10 10.44 -1.15 -8.55
C GLY A 10 9.45 -1.01 -9.69
N GLU A 11 8.26 -1.54 -9.52
CA GLU A 11 7.23 -1.45 -10.61
C GLU A 11 6.45 -0.15 -10.48
N ILE A 12 5.83 0.28 -11.54
CA ILE A 12 5.04 1.56 -11.51
C ILE A 12 3.56 1.25 -11.67
N LYS A 13 2.75 1.79 -10.81
CA LYS A 13 1.27 1.55 -10.87
C LYS A 13 0.55 2.88 -11.00
N ARG A 14 -0.44 2.95 -11.85
CA ARG A 14 -1.20 4.22 -12.06
C ARG A 14 -2.56 4.12 -11.37
N LEU A 15 -2.92 5.12 -10.60
CA LEU A 15 -4.22 5.12 -9.89
C LEU A 15 -5.03 6.36 -10.33
N PRO A 16 -6.34 6.25 -10.39
CA PRO A 16 -7.22 7.38 -10.80
C PRO A 16 -7.18 8.54 -9.79
N GLN A 17 -7.47 9.73 -10.26
CA GLN A 17 -7.44 10.92 -9.36
C GLN A 17 -8.33 10.68 -8.13
N GLY A 18 -7.86 11.08 -6.98
CA GLY A 18 -8.65 10.89 -5.74
C GLY A 18 -8.42 9.48 -5.19
N ALA A 19 -7.44 8.80 -5.71
CA ALA A 19 -7.16 7.41 -5.24
C ALA A 19 -6.63 7.43 -3.80
N THR A 20 -6.81 6.34 -3.09
CA THR A 20 -6.35 6.26 -1.67
C THR A 20 -5.46 5.03 -1.47
N ALA A 21 -4.90 4.88 -0.30
CA ALA A 21 -4.02 3.72 0.00
C ALA A 21 -4.78 2.41 -0.24
N LEU A 22 -6.05 2.40 0.01
CA LEU A 22 -6.85 1.15 -0.20
C LEU A 22 -6.83 0.77 -1.69
N ASP A 23 -6.96 1.73 -2.56
CA ASP A 23 -6.95 1.43 -4.02
C ASP A 23 -5.61 0.79 -4.42
N PHE A 24 -4.53 1.32 -3.91
CA PHE A 24 -3.20 0.75 -4.24
C PHE A 24 -3.12 -0.70 -3.76
N ALA A 25 -3.59 -0.98 -2.58
CA ALA A 25 -3.53 -2.37 -2.05
C ALA A 25 -4.23 -3.32 -3.02
N TYR A 26 -5.38 -2.93 -3.50
CA TYR A 26 -6.12 -3.81 -4.46
C TYR A 26 -5.30 -3.94 -5.75
N SER A 27 -4.63 -2.91 -6.17
CA SER A 27 -3.83 -2.99 -7.42
C SER A 27 -2.79 -4.10 -7.26
N LEU A 28 -2.28 -4.28 -6.08
CA LEU A 28 -1.27 -5.35 -5.85
C LEU A 28 -1.94 -6.72 -5.86
N HIS A 29 -2.62 -7.07 -4.80
CA HIS A 29 -3.29 -8.40 -4.74
C HIS A 29 -4.62 -8.28 -3.98
N SER A 30 -5.27 -9.40 -3.74
CA SER A 30 -6.58 -9.39 -3.01
C SER A 30 -6.35 -9.86 -1.58
N ASP A 31 -5.79 -11.02 -1.41
CA ASP A 31 -5.55 -11.56 -0.04
C ASP A 31 -4.58 -10.64 0.71
N LEU A 32 -3.49 -10.29 0.09
CA LEU A 32 -2.50 -9.41 0.76
C LEU A 32 -3.13 -8.04 1.02
N GLY A 33 -3.85 -7.53 0.05
CA GLY A 33 -4.48 -6.21 0.21
C GLY A 33 -5.53 -6.24 1.33
N ASP A 34 -6.29 -7.30 1.39
CA ASP A 34 -7.34 -7.40 2.44
C ASP A 34 -6.67 -7.58 3.81
N HIS A 35 -5.50 -8.14 3.85
CA HIS A 35 -4.79 -8.35 5.13
C HIS A 35 -3.97 -7.10 5.47
N CYS A 36 -4.28 -6.00 4.85
CA CYS A 36 -3.52 -4.75 5.13
C CYS A 36 -4.03 -4.12 6.43
N ILE A 37 -3.19 -4.02 7.42
CA ILE A 37 -3.61 -3.41 8.72
C ILE A 37 -3.09 -1.97 8.79
N GLY A 38 -2.37 -1.54 7.79
CA GLY A 38 -1.83 -0.15 7.83
C GLY A 38 -1.20 0.22 6.48
N ALA A 39 -0.73 1.43 6.36
CA ALA A 39 -0.10 1.87 5.08
C ALA A 39 0.91 2.96 5.37
N LYS A 40 1.94 3.06 4.56
CA LYS A 40 2.98 4.12 4.78
C LYS A 40 3.33 4.77 3.45
N VAL A 41 3.36 6.09 3.41
CA VAL A 41 3.70 6.81 2.15
C VAL A 41 4.96 7.67 2.37
N ASN A 42 5.90 7.56 1.48
CA ASN A 42 7.16 8.35 1.60
C ASN A 42 7.82 8.08 2.96
N HIS A 43 7.85 6.84 3.36
CA HIS A 43 8.48 6.47 4.67
C HIS A 43 7.80 7.23 5.81
N LYS A 44 6.66 7.82 5.53
CA LYS A 44 5.92 8.58 6.60
C LYS A 44 4.60 7.88 6.89
N LEU A 45 4.27 7.75 8.15
CA LEU A 45 3.01 7.06 8.53
C LEU A 45 1.81 7.90 8.08
N VAL A 46 0.83 7.25 7.50
CA VAL A 46 -0.39 7.99 7.04
C VAL A 46 -1.61 7.08 7.15
N PRO A 47 -2.77 7.63 7.37
CA PRO A 47 -4.04 6.85 7.49
C PRO A 47 -4.44 6.19 6.16
N LEU A 48 -5.30 5.21 6.23
CA LEU A 48 -5.75 4.51 4.99
C LEU A 48 -6.50 5.50 4.09
N SER A 49 -7.28 6.38 4.67
CA SER A 49 -8.04 7.36 3.86
C SER A 49 -7.08 8.44 3.34
N TYR A 50 -5.80 8.24 3.53
CA TYR A 50 -4.81 9.25 3.06
C TYR A 50 -4.76 9.29 1.53
N VAL A 51 -4.75 10.47 0.96
CA VAL A 51 -4.72 10.60 -0.52
C VAL A 51 -3.30 10.33 -1.05
N LEU A 52 -3.19 9.49 -2.04
CA LEU A 52 -1.84 9.16 -2.61
C LEU A 52 -1.35 10.31 -3.49
N ASN A 53 -0.06 10.54 -3.54
CA ASN A 53 0.51 11.63 -4.38
C ASN A 53 1.58 11.07 -5.32
N SER A 54 1.69 11.64 -6.49
CA SER A 54 2.68 11.15 -7.48
C SER A 54 4.11 11.49 -7.04
N GLY A 55 5.03 10.59 -7.26
CA GLY A 55 6.46 10.84 -6.88
C GLY A 55 6.74 10.18 -5.53
N ASP A 56 5.72 9.94 -4.75
CA ASP A 56 5.93 9.30 -3.42
C ASP A 56 6.03 7.78 -3.55
N GLN A 57 6.39 7.11 -2.49
CA GLN A 57 6.50 5.62 -2.51
C GLN A 57 5.42 5.04 -1.60
N VAL A 58 4.63 4.14 -2.11
CA VAL A 58 3.53 3.53 -1.29
C VAL A 58 3.94 2.14 -0.82
N GLU A 59 3.77 1.87 0.45
CA GLU A 59 4.14 0.53 0.99
C GLU A 59 3.00 0.04 1.89
N VAL A 60 2.36 -1.03 1.52
CA VAL A 60 1.23 -1.56 2.36
C VAL A 60 1.77 -2.45 3.47
N LEU A 61 1.32 -2.22 4.68
CA LEU A 61 1.80 -3.04 5.82
C LEU A 61 0.91 -4.26 5.98
N SER A 62 1.49 -5.37 6.35
CA SER A 62 0.70 -6.63 6.54
C SER A 62 0.92 -7.15 7.95
N SER A 63 -0.01 -7.90 8.46
CA SER A 63 0.12 -8.44 9.84
C SER A 63 1.22 -9.52 9.88
N LYS A 64 2.27 -9.31 9.15
CA LYS A 64 3.38 -10.31 9.14
C LYS A 64 4.37 -9.99 10.28
N SER A 65 4.18 -8.88 10.94
CA SER A 65 5.09 -8.53 12.07
C SER A 65 4.55 -7.30 12.81
N LEU A 66 5.40 -6.33 13.06
CA LEU A 66 4.96 -5.10 13.78
C LEU A 66 4.45 -5.48 15.17
N GLU A 67 5.22 -6.26 15.89
CA GLU A 67 4.80 -6.69 17.25
C GLU A 67 4.19 -5.53 18.03
N HIS A 68 3.12 -5.78 18.72
CA HIS A 68 2.45 -4.70 19.51
C HIS A 68 3.29 -4.36 20.75
N HIS A 69 3.37 -3.10 21.08
CA HIS A 69 4.16 -2.68 22.28
C HIS A 69 3.22 -2.23 23.40
N HIS A 70 3.57 -2.54 24.61
CA HIS A 70 2.71 -2.15 25.77
C HIS A 70 2.65 -0.63 25.90
N HIS A 71 1.50 -0.11 26.23
CA HIS A 71 1.34 1.37 26.39
C HIS A 71 1.68 2.08 25.08
N HIS A 72 0.87 3.03 24.69
CA HIS A 72 1.12 3.79 23.43
C HIS A 72 1.68 5.17 23.75
N HIS A 73 2.77 5.52 23.12
CA HIS A 73 3.41 6.83 23.37
C HIS A 73 2.39 7.96 23.13
#